data_6XRQ
# 
_entry.id   6XRQ 
# 
_audit_conform.dict_name       mmcif_pdbx.dic 
_audit_conform.dict_version    5.395 
_audit_conform.dict_location   http://mmcif.pdb.org/dictionaries/ascii/mmcif_pdbx.dic 
# 
loop_
_database_2.database_id 
_database_2.database_code 
_database_2.pdbx_database_accession 
_database_2.pdbx_DOI 
PDB   6XRQ         pdb_00006xrq 10.2210/pdb6xrq/pdb 
WWPDB D_1000250186 ?            ?                   
# 
loop_
_pdbx_audit_revision_history.ordinal 
_pdbx_audit_revision_history.data_content_type 
_pdbx_audit_revision_history.major_revision 
_pdbx_audit_revision_history.minor_revision 
_pdbx_audit_revision_history.revision_date 
1 'Structure model' 1 0 2021-07-28 
2 'Structure model' 1 1 2023-10-18 
3 'Structure model' 1 2 2024-06-26 
# 
_pdbx_audit_revision_details.ordinal             1 
_pdbx_audit_revision_details.revision_ordinal    1 
_pdbx_audit_revision_details.data_content_type   'Structure model' 
_pdbx_audit_revision_details.provider            repository 
_pdbx_audit_revision_details.type                'Initial release' 
_pdbx_audit_revision_details.description         ? 
_pdbx_audit_revision_details.details             ? 
# 
loop_
_pdbx_audit_revision_group.ordinal 
_pdbx_audit_revision_group.revision_ordinal 
_pdbx_audit_revision_group.data_content_type 
_pdbx_audit_revision_group.group 
1 2 'Structure model' 'Data collection'        
2 2 'Structure model' 'Database references'    
3 2 'Structure model' 'Derived calculations'   
4 2 'Structure model' 'Refinement description' 
5 3 'Structure model' 'Database references'    
# 
loop_
_pdbx_audit_revision_category.ordinal 
_pdbx_audit_revision_category.revision_ordinal 
_pdbx_audit_revision_category.data_content_type 
_pdbx_audit_revision_category.category 
1 2 'Structure model' atom_type                     
2 2 'Structure model' chem_comp_atom                
3 2 'Structure model' chem_comp_bond                
4 2 'Structure model' database_2                    
5 2 'Structure model' pdbx_initial_refinement_model 
6 3 'Structure model' citation                      
7 3 'Structure model' citation_author               
# 
loop_
_pdbx_audit_revision_item.ordinal 
_pdbx_audit_revision_item.revision_ordinal 
_pdbx_audit_revision_item.data_content_type 
_pdbx_audit_revision_item.item 
1  2 'Structure model' '_atom_type.pdbx_N_electrons'         
2  2 'Structure model' '_atom_type.pdbx_scat_Z'              
3  2 'Structure model' '_database_2.pdbx_DOI'                
4  2 'Structure model' '_database_2.pdbx_database_accession' 
5  3 'Structure model' '_citation.country'                   
6  3 'Structure model' '_citation.journal_abbrev'            
7  3 'Structure model' '_citation.journal_id_ASTM'           
8  3 'Structure model' '_citation.journal_id_CSD'            
9  3 'Structure model' '_citation.journal_id_ISSN'           
10 3 'Structure model' '_citation.pdbx_database_id_DOI'      
11 3 'Structure model' '_citation.pdbx_database_id_PubMed'   
12 3 'Structure model' '_citation.title'                     
13 3 'Structure model' '_citation.year'                      
# 
_pdbx_database_status.status_code                     REL 
_pdbx_database_status.status_code_sf                  REL 
_pdbx_database_status.status_code_mr                  ? 
_pdbx_database_status.entry_id                        6XRQ 
_pdbx_database_status.recvd_initial_deposition_date   2020-07-13 
_pdbx_database_status.SG_entry                        N 
_pdbx_database_status.deposit_site                    RCSB 
_pdbx_database_status.process_site                    RCSB 
_pdbx_database_status.status_code_cs                  ? 
_pdbx_database_status.status_code_nmr_data            ? 
_pdbx_database_status.methods_development_category    ? 
_pdbx_database_status.pdb_format_compatible           Y 
# 
loop_
_audit_author.name 
_audit_author.pdbx_ordinal 
_audit_author.identifier_ORCID 
'Zhang, Y.S.'     1 0000-0002-4948-6449 
'Parkinson, G.N.' 2 0000-0002-1865-9685 
'Wei, D.G.'       3 0000-0001-7776-7320 
# 
_citation.abstract                  ? 
_citation.abstract_id_CAS           ? 
_citation.book_id_ISBN              ? 
_citation.book_publisher            ? 
_citation.book_publisher_city       ? 
_citation.book_title                ? 
_citation.coordinate_linkage        ? 
_citation.country                   FR 
_citation.database_id_Medline       ? 
_citation.details                   ? 
_citation.id                        primary 
_citation.journal_abbrev            Biochimie 
_citation.journal_id_ASTM           BICMBE 
_citation.journal_id_CSD            0466 
_citation.journal_id_ISSN           0300-9084 
_citation.journal_full              ? 
_citation.journal_issue             ? 
_citation.journal_volume            ? 
_citation.language                  ? 
_citation.page_first                ? 
_citation.page_last                 ? 
_citation.title                     
'Structural descriptions of ligand interactions to RNA quadruplexes folded from the non-coding region of Pseudorabies virus.' 
_citation.year                      2024 
_citation.database_id_CSD           ? 
_citation.pdbx_database_id_DOI      10.1016/j.biochi.2024.06.003 
_citation.pdbx_database_id_PubMed   38876382 
_citation.unpublished_flag          ? 
# 
loop_
_citation_author.citation_id 
_citation_author.name 
_citation_author.ordinal 
_citation_author.identifier_ORCID 
primary 'Zhang, Y.'       1 ? 
primary 'Bux, K.'         2 ? 
primary 'Attana, F.'      3 ? 
primary 'Wei, D.'         4 ? 
primary 'Haider, S.'      5 ? 
primary 'Parkinson, G.N.' 6 ? 
# 
loop_
_entity.id 
_entity.type 
_entity.src_method 
_entity.pdbx_description 
_entity.formula_weight 
_entity.pdbx_number_of_molecules 
_entity.pdbx_ec 
_entity.pdbx_mutation 
_entity.pdbx_fragment 
_entity.details 
1 polymer     syn 
;RNA (5' GP*GP*CP*UP*CP*GP*GP*CP*GP*GP*CP*GP*GP*A-3')
;
4572.788 2  ? ? ? ? 
2 non-polymer syn 'POTASSIUM ION' 39.098   3  ? ? ? ? 
3 non-polymer syn 
'2,7-bis[3-(morpholin-4-yl)propyl]-4,9-bis{[3-(morpholin-4-yl)propyl]amino}benzo[lmn][3,8]phenanthroline-1,3,6,8(2H,7H)-tetrone' 
804.975  2  ? ? ? ? 
4 water       nat water 18.015   97 ? ? ? ? 
# 
_entity_poly.entity_id                      1 
_entity_poly.type                           polyribonucleotide 
_entity_poly.nstd_linkage                   no 
_entity_poly.nstd_monomer                   no 
_entity_poly.pdbx_seq_one_letter_code       GGCUCGGCGGCGGA 
_entity_poly.pdbx_seq_one_letter_code_can   GGCUCGGCGGCGGA 
_entity_poly.pdbx_strand_id                 B,A 
_entity_poly.pdbx_target_identifier         ? 
# 
loop_
_pdbx_entity_nonpoly.entity_id 
_pdbx_entity_nonpoly.name 
_pdbx_entity_nonpoly.comp_id 
2 'POTASSIUM ION'                                                                                                                  
K   
3 '2,7-bis[3-(morpholin-4-yl)propyl]-4,9-bis{[3-(morpholin-4-yl)propyl]amino}benzo[lmn][3,8]phenanthroline-1,3,6,8(2H,7H)-tetrone' 
V8A 
4 water                                                                                                                            
HOH 
# 
loop_
_entity_poly_seq.entity_id 
_entity_poly_seq.num 
_entity_poly_seq.mon_id 
_entity_poly_seq.hetero 
1 1  G n 
1 2  G n 
1 3  C n 
1 4  U n 
1 5  C n 
1 6  G n 
1 7  G n 
1 8  C n 
1 9  G n 
1 10 G n 
1 11 C n 
1 12 G n 
1 13 G n 
1 14 A n 
# 
_pdbx_entity_src_syn.entity_id              1 
_pdbx_entity_src_syn.pdbx_src_id            1 
_pdbx_entity_src_syn.pdbx_alt_source_flag   sample 
_pdbx_entity_src_syn.pdbx_beg_seq_num       1 
_pdbx_entity_src_syn.pdbx_end_seq_num       14 
_pdbx_entity_src_syn.organism_scientific    'Pseudorabies virus Ea' 
_pdbx_entity_src_syn.organism_common_name   ? 
_pdbx_entity_src_syn.ncbi_taxonomy_id       101947 
_pdbx_entity_src_syn.details                ? 
# 
loop_
_chem_comp.id 
_chem_comp.type 
_chem_comp.mon_nstd_flag 
_chem_comp.name 
_chem_comp.pdbx_synonyms 
_chem_comp.formula 
_chem_comp.formula_weight 
A   'RNA linking' y "ADENOSINE-5'-MONOPHOSPHATE" ? 'C10 H14 N5 O7 P' 347.221 
C   'RNA linking' y "CYTIDINE-5'-MONOPHOSPHATE" ? 'C9 H14 N3 O8 P'  323.197 
G   'RNA linking' y "GUANOSINE-5'-MONOPHOSPHATE" ? 'C10 H14 N5 O8 P' 363.221 
HOH non-polymer   . WATER ? 'H2 O'            18.015  
K   non-polymer   . 'POTASSIUM ION' ? 'K 1'             39.098  
U   'RNA linking' y "URIDINE-5'-MONOPHOSPHATE" ? 'C9 H13 N2 O9 P'  324.181 
V8A non-polymer   . 
'2,7-bis[3-(morpholin-4-yl)propyl]-4,9-bis{[3-(morpholin-4-yl)propyl]amino}benzo[lmn][3,8]phenanthroline-1,3,6,8(2H,7H)-tetrone' ? 
'C42 H60 N8 O8'   804.975 
# 
loop_
_pdbx_poly_seq_scheme.asym_id 
_pdbx_poly_seq_scheme.entity_id 
_pdbx_poly_seq_scheme.seq_id 
_pdbx_poly_seq_scheme.mon_id 
_pdbx_poly_seq_scheme.ndb_seq_num 
_pdbx_poly_seq_scheme.pdb_seq_num 
_pdbx_poly_seq_scheme.auth_seq_num 
_pdbx_poly_seq_scheme.pdb_mon_id 
_pdbx_poly_seq_scheme.auth_mon_id 
_pdbx_poly_seq_scheme.pdb_strand_id 
_pdbx_poly_seq_scheme.pdb_ins_code 
_pdbx_poly_seq_scheme.hetero 
A 1 1  G 1  1  1  G G B . n 
A 1 2  G 2  2  2  G G B . n 
A 1 3  C 3  3  3  C C B . n 
A 1 4  U 4  4  4  U U B . n 
A 1 5  C 5  5  5  C C B . n 
A 1 6  G 6  6  6  G G B . n 
A 1 7  G 7  7  7  G G B . n 
A 1 8  C 8  8  8  C C B . n 
A 1 9  G 9  9  9  G G B . n 
A 1 10 G 10 10 10 G G B . n 
A 1 11 C 11 11 11 C C B . n 
A 1 12 G 12 12 12 G G B . n 
A 1 13 G 13 13 13 G G B . n 
A 1 14 A 14 14 14 A A B . n 
B 1 1  G 1  1  1  G G A . n 
B 1 2  G 2  2  2  G G A . n 
B 1 3  C 3  3  3  C C A . n 
B 1 4  U 4  4  4  U U A . n 
B 1 5  C 5  5  5  C C A . n 
B 1 6  G 6  6  6  G G A . n 
B 1 7  G 7  7  7  G G A . n 
B 1 8  C 8  8  8  C C A . n 
B 1 9  G 9  9  9  G G A . n 
B 1 10 G 10 10 10 G G A . n 
B 1 11 C 11 11 11 C C A . n 
B 1 12 G 12 12 12 G G A . n 
B 1 13 G 13 13 13 G G A . n 
B 1 14 A 14 14 14 A A A . n 
# 
loop_
_pdbx_nonpoly_scheme.asym_id 
_pdbx_nonpoly_scheme.entity_id 
_pdbx_nonpoly_scheme.mon_id 
_pdbx_nonpoly_scheme.ndb_seq_num 
_pdbx_nonpoly_scheme.pdb_seq_num 
_pdbx_nonpoly_scheme.auth_seq_num 
_pdbx_nonpoly_scheme.pdb_mon_id 
_pdbx_nonpoly_scheme.auth_mon_id 
_pdbx_nonpoly_scheme.pdb_strand_id 
_pdbx_nonpoly_scheme.pdb_ins_code 
C 2 K   1  101 1   K   K   B . 
D 2 K   1  102 2   K   K   B . 
E 2 K   1  101 3   K   K   A . 
F 3 V8A 1  102 101 V8A FC4 A . 
G 3 V8A 1  103 201 V8A FC4 A . 
H 4 HOH 1  201 57  HOH HOH B . 
H 4 HOH 2  202 41  HOH HOH B . 
H 4 HOH 3  203 88  HOH HOH B . 
H 4 HOH 4  204 53  HOH HOH B . 
H 4 HOH 5  205 2   HOH HOH B . 
H 4 HOH 6  206 45  HOH HOH B . 
H 4 HOH 7  207 4   HOH HOH B . 
H 4 HOH 8  208 82  HOH HOH B . 
H 4 HOH 9  209 56  HOH HOH B . 
H 4 HOH 10 210 92  HOH HOH B . 
H 4 HOH 11 211 25  HOH HOH B . 
H 4 HOH 12 212 30  HOH HOH B . 
H 4 HOH 13 213 84  HOH HOH B . 
H 4 HOH 14 214 38  HOH HOH B . 
H 4 HOH 15 215 9   HOH HOH B . 
H 4 HOH 16 216 11  HOH HOH B . 
H 4 HOH 17 217 31  HOH HOH B . 
H 4 HOH 18 218 26  HOH HOH B . 
H 4 HOH 19 219 75  HOH HOH B . 
H 4 HOH 20 220 17  HOH HOH B . 
H 4 HOH 21 221 86  HOH HOH B . 
H 4 HOH 22 222 18  HOH HOH B . 
H 4 HOH 23 223 6   HOH HOH B . 
H 4 HOH 24 224 58  HOH HOH B . 
H 4 HOH 25 225 12  HOH HOH B . 
H 4 HOH 26 226 13  HOH HOH B . 
H 4 HOH 27 227 20  HOH HOH B . 
H 4 HOH 28 228 77  HOH HOH B . 
H 4 HOH 29 229 74  HOH HOH B . 
H 4 HOH 30 230 8   HOH HOH B . 
H 4 HOH 31 231 22  HOH HOH B . 
H 4 HOH 32 232 65  HOH HOH B . 
H 4 HOH 33 233 21  HOH HOH B . 
H 4 HOH 34 234 54  HOH HOH B . 
H 4 HOH 35 235 87  HOH HOH B . 
H 4 HOH 36 236 96  HOH HOH B . 
H 4 HOH 37 237 50  HOH HOH B . 
H 4 HOH 38 238 83  HOH HOH B . 
H 4 HOH 39 239 67  HOH HOH B . 
H 4 HOH 40 240 94  HOH HOH B . 
H 4 HOH 41 241 59  HOH HOH B . 
H 4 HOH 42 242 49  HOH HOH B . 
H 4 HOH 43 243 60  HOH HOH B . 
H 4 HOH 44 244 76  HOH HOH B . 
I 4 HOH 1  201 27  HOH HOH A . 
I 4 HOH 2  202 16  HOH HOH A . 
I 4 HOH 3  203 40  HOH HOH A . 
I 4 HOH 4  204 32  HOH HOH A . 
I 4 HOH 5  205 85  HOH HOH A . 
I 4 HOH 6  206 90  HOH HOH A . 
I 4 HOH 7  207 43  HOH HOH A . 
I 4 HOH 8  208 62  HOH HOH A . 
I 4 HOH 9  209 95  HOH HOH A . 
I 4 HOH 10 210 1   HOH HOH A . 
I 4 HOH 11 211 55  HOH HOH A . 
I 4 HOH 12 212 68  HOH HOH A . 
I 4 HOH 13 213 5   HOH HOH A . 
I 4 HOH 14 214 91  HOH HOH A . 
I 4 HOH 15 215 19  HOH HOH A . 
I 4 HOH 16 216 42  HOH HOH A . 
I 4 HOH 17 217 63  HOH HOH A . 
I 4 HOH 18 218 7   HOH HOH A . 
I 4 HOH 19 219 71  HOH HOH A . 
I 4 HOH 20 220 33  HOH HOH A . 
I 4 HOH 21 221 23  HOH HOH A . 
I 4 HOH 22 222 29  HOH HOH A . 
I 4 HOH 23 223 14  HOH HOH A . 
I 4 HOH 24 224 81  HOH HOH A . 
I 4 HOH 25 225 52  HOH HOH A . 
I 4 HOH 26 226 37  HOH HOH A . 
I 4 HOH 27 227 72  HOH HOH A . 
I 4 HOH 28 228 47  HOH HOH A . 
I 4 HOH 29 229 3   HOH HOH A . 
I 4 HOH 30 230 51  HOH HOH A . 
I 4 HOH 31 231 34  HOH HOH A . 
I 4 HOH 32 232 36  HOH HOH A . 
I 4 HOH 33 233 48  HOH HOH A . 
I 4 HOH 34 234 10  HOH HOH A . 
I 4 HOH 35 235 61  HOH HOH A . 
I 4 HOH 36 236 15  HOH HOH A . 
I 4 HOH 37 237 78  HOH HOH A . 
I 4 HOH 38 238 35  HOH HOH A . 
I 4 HOH 39 239 69  HOH HOH A . 
I 4 HOH 40 240 28  HOH HOH A . 
I 4 HOH 41 241 73  HOH HOH A . 
I 4 HOH 42 242 93  HOH HOH A . 
I 4 HOH 43 243 64  HOH HOH A . 
I 4 HOH 44 244 39  HOH HOH A . 
I 4 HOH 45 245 44  HOH HOH A . 
I 4 HOH 46 246 24  HOH HOH A . 
I 4 HOH 47 247 79  HOH HOH A . 
I 4 HOH 48 248 97  HOH HOH A . 
I 4 HOH 49 249 70  HOH HOH A . 
I 4 HOH 50 250 46  HOH HOH A . 
I 4 HOH 51 251 66  HOH HOH A . 
I 4 HOH 52 252 80  HOH HOH A . 
I 4 HOH 53 253 89  HOH HOH A . 
# 
loop_
_software.citation_id 
_software.classification 
_software.compiler_name 
_software.compiler_version 
_software.contact_author 
_software.contact_author_email 
_software.date 
_software.description 
_software.dependencies 
_software.hardware 
_software.language 
_software.location 
_software.mods 
_software.name 
_software.os 
_software.os_version 
_software.type 
_software.version 
_software.pdbx_ordinal 
? refinement        ? ? ? ? ? ? ? ? ? ? ? REFMAC      ? ? ? 5.8.0258 1 
? 'data reduction'  ? ? ? ? ? ? ? ? ? ? ? XDS         ? ? ? .        2 
? 'data scaling'    ? ? ? ? ? ? ? ? ? ? ? Aimless     ? ? ? 0.7.4    3 
? phasing           ? ? ? ? ? ? ? ? ? ? ? PHASER      ? ? ? .        4 
? 'data extraction' ? ? ? ? ? ? ? ? ? ? ? PDB_EXTRACT ? ? ? 3.25     5 
# 
_cell.angle_alpha                  90.000 
_cell.angle_alpha_esd              0.00000000 
_cell.angle_beta                   108.390 
_cell.angle_beta_esd               0.00070702 
_cell.angle_gamma                  90.000 
_cell.angle_gamma_esd              0.00000000 
_cell.entry_id                     6XRQ 
_cell.details                      ? 
_cell.formula_units_Z              2 
_cell.length_a                     29.177 
_cell.length_a_esd                 0.00024459 
_cell.length_b                     43.974 
_cell.length_b_esd                 0.00044533 
_cell.length_c                     30.781 
_cell.length_c_esd                 0.00025078 
_cell.volume                       37453.405960 
_cell.volume_esd                   0.436930 
_cell.Z_PDB                        4 
_cell.reciprocal_angle_alpha       ? 
_cell.reciprocal_angle_beta        ? 
_cell.reciprocal_angle_gamma       ? 
_cell.reciprocal_angle_alpha_esd   ? 
_cell.reciprocal_angle_beta_esd    ? 
_cell.reciprocal_angle_gamma_esd   ? 
_cell.reciprocal_length_a          ? 
_cell.reciprocal_length_b          ? 
_cell.reciprocal_length_c          ? 
_cell.reciprocal_length_a_esd      ? 
_cell.reciprocal_length_b_esd      ? 
_cell.reciprocal_length_c_esd      ? 
_cell.pdbx_unique_axis             ? 
# 
_symmetry.entry_id                         6XRQ 
_symmetry.cell_setting                     ? 
_symmetry.Int_Tables_number                4 
_symmetry.space_group_name_Hall            ? 
_symmetry.space_group_name_H-M             'P 1 21 1' 
_symmetry.pdbx_full_space_group_name_H-M   ? 
# 
_exptl.absorpt_coefficient_mu     ? 
_exptl.absorpt_correction_T_max   1.0 
_exptl.absorpt_correction_T_min   0.949905760669 
_exptl.absorpt_correction_type    empirical 
_exptl.absorpt_process_details    
;CCP4 7.0.075: AIMLESS, version 0.7.4 : 13/12/18
Scaling & analysis of unmerged intensities, absorption correction using spherical harmonics
;
_exptl.entry_id                   6XRQ 
_exptl.crystals_number            1 
_exptl.details                    ? 
_exptl.method                     'X-RAY DIFFRACTION' 
_exptl.method_details             ? 
# 
_exptl_crystal.colour                      ? 
_exptl_crystal.density_diffrn              ? 
_exptl_crystal.density_Matthews            2.05 
_exptl_crystal.density_method              ? 
_exptl_crystal.density_percent_sol         39.97 
_exptl_crystal.description                 ? 
_exptl_crystal.F_000                       ? 
_exptl_crystal.id                          1 
_exptl_crystal.preparation                 ? 
_exptl_crystal.size_max                    ? 
_exptl_crystal.size_mid                    ? 
_exptl_crystal.size_min                    ? 
_exptl_crystal.size_rad                    ? 
_exptl_crystal.colour_lustre               ? 
_exptl_crystal.colour_modifier             ? 
_exptl_crystal.colour_primary              ? 
_exptl_crystal.density_meas                ? 
_exptl_crystal.density_meas_esd            ? 
_exptl_crystal.density_meas_gt             ? 
_exptl_crystal.density_meas_lt             ? 
_exptl_crystal.density_meas_temp           ? 
_exptl_crystal.density_meas_temp_esd       ? 
_exptl_crystal.density_meas_temp_gt        ? 
_exptl_crystal.density_meas_temp_lt        ? 
_exptl_crystal.pdbx_crystal_image_url      ? 
_exptl_crystal.pdbx_crystal_image_format   ? 
_exptl_crystal.pdbx_mosaicity              0.000 
_exptl_crystal.pdbx_mosaicity_esd          ? 
# 
_exptl_crystal_grow.apparatus       ? 
_exptl_crystal_grow.atmosphere      ? 
_exptl_crystal_grow.crystal_id      1 
_exptl_crystal_grow.details         ? 
_exptl_crystal_grow.method          'VAPOR DIFFUSION, HANGING DROP' 
_exptl_crystal_grow.method_ref      ? 
_exptl_crystal_grow.pH              6.5 
_exptl_crystal_grow.pressure        ? 
_exptl_crystal_grow.pressure_esd    ? 
_exptl_crystal_grow.seeding         ? 
_exptl_crystal_grow.seeding_ref     ? 
_exptl_crystal_grow.temp            283 
_exptl_crystal_grow.temp_details    ? 
_exptl_crystal_grow.temp_esd        ? 
_exptl_crystal_grow.time            ? 
_exptl_crystal_grow.pdbx_details    'Potassium cacodylate, Potassium chloride, Sodium cacodylate, MPD' 
_exptl_crystal_grow.pdbx_pH_range   ? 
# 
_diffrn.ambient_environment              ? 
_diffrn.ambient_temp                     100 
_diffrn.ambient_temp_details             ? 
_diffrn.ambient_temp_esd                 ? 
_diffrn.crystal_id                       1 
_diffrn.crystal_support                  ? 
_diffrn.crystal_treatment                ? 
_diffrn.details                          ? 
_diffrn.id                               1 
_diffrn.ambient_pressure                 ? 
_diffrn.ambient_pressure_esd             ? 
_diffrn.ambient_pressure_gt              ? 
_diffrn.ambient_pressure_lt              ? 
_diffrn.ambient_temp_gt                  ? 
_diffrn.ambient_temp_lt                  ? 
_diffrn.pdbx_serial_crystal_experiment   N 
# 
_diffrn_detector.details                      ? 
_diffrn_detector.detector                     PIXEL 
_diffrn_detector.diffrn_id                    1 
_diffrn_detector.type                         'DECTRIS PILATUS3 6M' 
_diffrn_detector.area_resol_mean              ? 
_diffrn_detector.dtime                        ? 
_diffrn_detector.pdbx_frames_total            ? 
_diffrn_detector.pdbx_collection_time_total   ? 
_diffrn_detector.pdbx_collection_date         2019-09-29 
_diffrn_detector.pdbx_frequency               ? 
# 
_diffrn_radiation.collimation                      ? 
_diffrn_radiation.diffrn_id                        1 
_diffrn_radiation.filter_edge                      ? 
_diffrn_radiation.inhomogeneity                    ? 
_diffrn_radiation.monochromator                    si 
_diffrn_radiation.polarisn_norm                    ? 
_diffrn_radiation.polarisn_ratio                   ? 
_diffrn_radiation.probe                            ? 
_diffrn_radiation.type                             ? 
_diffrn_radiation.xray_symbol                      ? 
_diffrn_radiation.wavelength_id                    1 
_diffrn_radiation.pdbx_monochromatic_or_laue_m_l   M 
_diffrn_radiation.pdbx_wavelength_list             ? 
_diffrn_radiation.pdbx_wavelength                  ? 
_diffrn_radiation.pdbx_diffrn_protocol             'SINGLE WAVELENGTH' 
_diffrn_radiation.pdbx_analyzer                    ? 
_diffrn_radiation.pdbx_scattering_type             x-ray 
# 
_diffrn_radiation_wavelength.id           1 
_diffrn_radiation_wavelength.wavelength   0.96864 
_diffrn_radiation_wavelength.wt           1.0 
# 
_diffrn_source.current                     ? 
_diffrn_source.details                     ? 
_diffrn_source.diffrn_id                   1 
_diffrn_source.power                       ? 
_diffrn_source.size                        ? 
_diffrn_source.source                      SYNCHROTRON 
_diffrn_source.target                      ? 
_diffrn_source.type                        'DIAMOND BEAMLINE I24' 
_diffrn_source.voltage                     ? 
_diffrn_source.take-off_angle              ? 
_diffrn_source.pdbx_wavelength_list        0.96864 
_diffrn_source.pdbx_wavelength             ? 
_diffrn_source.pdbx_synchrotron_beamline   I24 
_diffrn_source.pdbx_synchrotron_site       Diamond 
# 
_reflns.B_iso_Wilson_estimate            ? 
_reflns.entry_id                         6XRQ 
_reflns.data_reduction_details           ? 
_reflns.data_reduction_method            ? 
_reflns.d_resolution_high                1.210 
_reflns.d_resolution_low                 27.703 
_reflns.details                          ? 
_reflns.limit_h_max                      ? 
_reflns.limit_h_min                      ? 
_reflns.limit_k_max                      ? 
_reflns.limit_k_min                      ? 
_reflns.limit_l_max                      ? 
_reflns.limit_l_min                      ? 
_reflns.number_all                       ? 
_reflns.number_obs                       21248 
_reflns.observed_criterion               ? 
_reflns.observed_criterion_F_max         ? 
_reflns.observed_criterion_F_min         ? 
_reflns.observed_criterion_I_max         ? 
_reflns.observed_criterion_I_min         ? 
_reflns.observed_criterion_sigma_F       ? 
_reflns.observed_criterion_sigma_I       ? 
_reflns.percent_possible_obs             94.100 
_reflns.R_free_details                   ? 
_reflns.Rmerge_F_all                     ? 
_reflns.Rmerge_F_obs                     ? 
_reflns.Friedel_coverage                 ? 
_reflns.number_gt                        ? 
_reflns.threshold_expression             ? 
_reflns.pdbx_redundancy                  5.700 
_reflns.pdbx_Rmerge_I_obs                0.066 
_reflns.pdbx_Rmerge_I_all                ? 
_reflns.pdbx_Rsym_value                  ? 
_reflns.pdbx_netI_over_av_sigmaI         ? 
_reflns.pdbx_netI_over_sigmaI            11.800 
_reflns.pdbx_res_netI_over_av_sigmaI_2   ? 
_reflns.pdbx_res_netI_over_sigmaI_2      ? 
_reflns.pdbx_chi_squared                 ? 
_reflns.pdbx_scaling_rejects             ? 
_reflns.pdbx_d_res_high_opt              ? 
_reflns.pdbx_d_res_low_opt               ? 
_reflns.pdbx_d_res_opt_method            ? 
_reflns.phase_calculation_details        ? 
_reflns.pdbx_Rrim_I_all                  0.072 
_reflns.pdbx_Rpim_I_all                  0.028 
_reflns.pdbx_d_opt                       ? 
_reflns.pdbx_number_measured_all         ? 
_reflns.pdbx_diffrn_id                   1 
_reflns.pdbx_ordinal                     1 
_reflns.pdbx_CC_half                     0.998 
_reflns.pdbx_CC_star                     ? 
_reflns.pdbx_R_split                     ? 
# 
loop_
_reflns_shell.d_res_high 
_reflns_shell.d_res_low 
_reflns_shell.meanI_over_sigI_all 
_reflns_shell.meanI_over_sigI_obs 
_reflns_shell.number_measured_all 
_reflns_shell.number_measured_obs 
_reflns_shell.number_possible 
_reflns_shell.number_unique_all 
_reflns_shell.number_unique_obs 
_reflns_shell.percent_possible_all 
_reflns_shell.percent_possible_obs 
_reflns_shell.Rmerge_F_all 
_reflns_shell.Rmerge_F_obs 
_reflns_shell.Rmerge_I_all 
_reflns_shell.Rmerge_I_obs 
_reflns_shell.meanI_over_sigI_gt 
_reflns_shell.meanI_over_uI_all 
_reflns_shell.meanI_over_uI_gt 
_reflns_shell.number_measured_gt 
_reflns_shell.number_unique_gt 
_reflns_shell.percent_possible_gt 
_reflns_shell.Rmerge_F_gt 
_reflns_shell.Rmerge_I_gt 
_reflns_shell.pdbx_redundancy 
_reflns_shell.pdbx_Rsym_value 
_reflns_shell.pdbx_chi_squared 
_reflns_shell.pdbx_netI_over_sigmaI_all 
_reflns_shell.pdbx_netI_over_sigmaI_obs 
_reflns_shell.pdbx_Rrim_I_all 
_reflns_shell.pdbx_Rpim_I_all 
_reflns_shell.pdbx_rejects 
_reflns_shell.pdbx_ordinal 
_reflns_shell.pdbx_diffrn_id 
_reflns_shell.pdbx_CC_half 
_reflns_shell.pdbx_CC_star 
_reflns_shell.pdbx_R_split 
1.210 1.230  ? ? ? ? ? ? 628 56.500 ? ? ? ? 0.599 ? ? ? ? ? ? ? ? 3.100 ? ? ? ? 0.718 0.387 ? 1 1 0.853 ? ? 
6.630 27.703 ? ? ? ? ? ? 151 99.300 ? ? ? ? 0.073 ? ? ? ? ? ? ? ? 6.200 ? ? ? ? 0.080 0.032 ? 2 1 0.989 ? ? 
# 
_refine.aniso_B[1][1]                            -0.412 
_refine.aniso_B[1][2]                            -0.000 
_refine.aniso_B[1][3]                            -0.107 
_refine.aniso_B[2][2]                            1.500 
_refine.aniso_B[2][3]                            -0.000 
_refine.aniso_B[3][3]                            -0.833 
_refine.B_iso_max                                ? 
_refine.B_iso_mean                               17.820 
_refine.B_iso_min                                ? 
_refine.correlation_coeff_Fo_to_Fc               0.963 
_refine.correlation_coeff_Fo_to_Fc_free          0.953 
_refine.details                                  'Hydrogens have been added in their riding positions' 
_refine.diff_density_max                         ? 
_refine.diff_density_max_esd                     ? 
_refine.diff_density_min                         ? 
_refine.diff_density_min_esd                     ? 
_refine.diff_density_rms                         ? 
_refine.diff_density_rms_esd                     ? 
_refine.entry_id                                 6XRQ 
_refine.pdbx_refine_id                           'X-RAY DIFFRACTION' 
_refine.ls_abs_structure_details                 ? 
_refine.ls_abs_structure_Flack                   ? 
_refine.ls_abs_structure_Flack_esd               ? 
_refine.ls_abs_structure_Rogers                  ? 
_refine.ls_abs_structure_Rogers_esd              ? 
_refine.ls_d_res_high                            1.210 
_refine.ls_d_res_low                             27.690 
_refine.ls_extinction_coef                       ? 
_refine.ls_extinction_coef_esd                   ? 
_refine.ls_extinction_expression                 ? 
_refine.ls_extinction_method                     ? 
_refine.ls_goodness_of_fit_all                   ? 
_refine.ls_goodness_of_fit_all_esd               ? 
_refine.ls_goodness_of_fit_obs                   ? 
_refine.ls_goodness_of_fit_obs_esd               ? 
_refine.ls_hydrogen_treatment                    ? 
_refine.ls_matrix_type                           ? 
_refine.ls_number_constraints                    ? 
_refine.ls_number_parameters                     ? 
_refine.ls_number_reflns_all                     ? 
_refine.ls_number_reflns_obs                     21227 
_refine.ls_number_reflns_R_free                  1025 
_refine.ls_number_reflns_R_work                  20202 
_refine.ls_number_restraints                     ? 
_refine.ls_percent_reflns_obs                    93.879 
_refine.ls_percent_reflns_R_free                 4.829 
_refine.ls_R_factor_all                          0.200 
_refine.ls_R_factor_obs                          0.1999 
_refine.ls_R_factor_R_free                       0.2170 
_refine.ls_R_factor_R_free_error                 ? 
_refine.ls_R_factor_R_free_error_details         ? 
_refine.ls_R_factor_R_work                       0.1990 
_refine.ls_R_Fsqd_factor_obs                     ? 
_refine.ls_R_I_factor_obs                        ? 
_refine.ls_redundancy_reflns_all                 ? 
_refine.ls_redundancy_reflns_obs                 ? 
_refine.ls_restrained_S_all                      ? 
_refine.ls_restrained_S_obs                      ? 
_refine.ls_shift_over_esd_max                    ? 
_refine.ls_shift_over_esd_mean                   ? 
_refine.ls_structure_factor_coef                 ? 
_refine.ls_weighting_details                     ? 
_refine.ls_weighting_scheme                      ? 
_refine.ls_wR_factor_all                         ? 
_refine.ls_wR_factor_obs                         ? 
_refine.ls_wR_factor_R_free                      ? 
_refine.ls_wR_factor_R_work                      ? 
_refine.occupancy_max                            ? 
_refine.occupancy_min                            ? 
_refine.solvent_model_details                    'MASK BULK SOLVENT' 
_refine.solvent_model_param_bsol                 ? 
_refine.solvent_model_param_ksol                 ? 
_refine.pdbx_R_complete                          ? 
_refine.ls_R_factor_gt                           ? 
_refine.ls_goodness_of_fit_gt                    ? 
_refine.ls_goodness_of_fit_ref                   ? 
_refine.ls_shift_over_su_max                     ? 
_refine.ls_shift_over_su_max_lt                  ? 
_refine.ls_shift_over_su_mean                    ? 
_refine.ls_shift_over_su_mean_lt                 ? 
_refine.pdbx_ls_sigma_I                          ? 
_refine.pdbx_ls_sigma_F                          ? 
_refine.pdbx_ls_sigma_Fsqd                       ? 
_refine.pdbx_data_cutoff_high_absF               ? 
_refine.pdbx_data_cutoff_high_rms_absF           ? 
_refine.pdbx_data_cutoff_low_absF                ? 
_refine.pdbx_isotropic_thermal_model             ? 
_refine.pdbx_ls_cross_valid_method               'FREE R-VALUE' 
_refine.pdbx_method_to_determine_struct          'MOLECULAR REPLACEMENT' 
_refine.pdbx_starting_model                      6JJH 
_refine.pdbx_stereochemistry_target_values       ? 
_refine.pdbx_R_Free_selection_details            'Random Selection' 
_refine.pdbx_stereochem_target_val_spec_case     ? 
_refine.pdbx_overall_ESU_R                       0.056 
_refine.pdbx_overall_ESU_R_Free                  0.056 
_refine.pdbx_solvent_vdw_probe_radii             1.200 
_refine.pdbx_solvent_ion_probe_radii             0.800 
_refine.pdbx_solvent_shrinkage_radii             0.800 
_refine.pdbx_real_space_R                        ? 
_refine.pdbx_density_correlation                 ? 
_refine.pdbx_pd_number_of_powder_patterns        ? 
_refine.pdbx_pd_number_of_points                 ? 
_refine.pdbx_pd_meas_number_of_points            ? 
_refine.pdbx_pd_proc_ls_prof_R_factor            ? 
_refine.pdbx_pd_proc_ls_prof_wR_factor           ? 
_refine.pdbx_pd_Marquardt_correlation_coeff      ? 
_refine.pdbx_pd_Fsqrd_R_factor                   ? 
_refine.pdbx_pd_ls_matrix_band_width             ? 
_refine.pdbx_overall_phase_error                 ? 
_refine.pdbx_overall_SU_R_free_Cruickshank_DPI   ? 
_refine.pdbx_overall_SU_R_free_Blow_DPI          ? 
_refine.pdbx_overall_SU_R_Blow_DPI               ? 
_refine.pdbx_TLS_residual_ADP_flag               ? 
_refine.pdbx_diffrn_id                           1 
_refine.overall_SU_B                             0.926 
_refine.overall_SU_ML                            0.040 
_refine.overall_SU_R_Cruickshank_DPI             ? 
_refine.overall_SU_R_free                        ? 
_refine.overall_FOM_free_R_set                   ? 
_refine.overall_FOM_work_R_set                   ? 
_refine.pdbx_average_fsc_overall                 ? 
_refine.pdbx_average_fsc_work                    ? 
_refine.pdbx_average_fsc_free                    ? 
# 
_refine_hist.pdbx_refine_id                   'X-RAY DIFFRACTION' 
_refine_hist.cycle_id                         final 
_refine_hist.details                          ? 
_refine_hist.d_res_high                       1.210 
_refine_hist.d_res_low                        27.690 
_refine_hist.number_atoms_solvent             97 
_refine_hist.number_atoms_total               822 
_refine_hist.number_reflns_all                ? 
_refine_hist.number_reflns_obs                ? 
_refine_hist.number_reflns_R_free             ? 
_refine_hist.number_reflns_R_work             ? 
_refine_hist.R_factor_all                     ? 
_refine_hist.R_factor_obs                     ? 
_refine_hist.R_factor_R_free                  ? 
_refine_hist.R_factor_R_work                  ? 
_refine_hist.pdbx_number_residues_total       28 
_refine_hist.pdbx_B_iso_mean_ligand           18.26 
_refine_hist.pdbx_B_iso_mean_solvent          27.65 
_refine_hist.pdbx_number_atoms_protein        0 
_refine_hist.pdbx_number_atoms_nucleic_acid   606 
_refine_hist.pdbx_number_atoms_ligand         119 
_refine_hist.pdbx_number_atoms_lipid          ? 
_refine_hist.pdbx_number_atoms_carb           ? 
_refine_hist.pdbx_pseudo_atom_details         ? 
# 
loop_
_refine_ls_restr.pdbx_refine_id 
_refine_ls_restr.criterion 
_refine_ls_restr.dev_ideal 
_refine_ls_restr.dev_ideal_target 
_refine_ls_restr.number 
_refine_ls_restr.rejects 
_refine_ls_restr.type 
_refine_ls_restr.weight 
_refine_ls_restr.pdbx_restraint_function 
'X-RAY DIFFRACTION' ? 0.025 0.012  853  ? r_bond_refined_d               ? ? 
'X-RAY DIFFRACTION' ? 0.004 0.020  290  ? r_bond_other_d                 ? ? 
'X-RAY DIFFRACTION' ? 2.001 1.489  1283 ? r_angle_refined_deg            ? ? 
'X-RAY DIFFRACTION' ? 1.820 3.000  696  ? r_angle_other_deg              ? ? 
'X-RAY DIFFRACTION' ? 0.120 0.200  116  ? r_chiral_restr                 ? ? 
'X-RAY DIFFRACTION' ? 0.032 0.020  418  ? r_gen_planes_refined           ? ? 
'X-RAY DIFFRACTION' ? 0.005 0.020  168  ? r_gen_planes_other             ? ? 
'X-RAY DIFFRACTION' ? 0.237 0.200  138  ? r_nbd_refined                  ? ? 
'X-RAY DIFFRACTION' ? 0.228 0.200  342  ? r_symmetry_nbd_other           ? ? 
'X-RAY DIFFRACTION' ? 0.274 0.200  319  ? r_nbtor_refined                ? ? 
'X-RAY DIFFRACTION' ? 0.063 0.200  142  ? r_symmetry_nbtor_other         ? ? 
'X-RAY DIFFRACTION' ? 0.120 0.200  67   ? r_xyhbond_nbd_refined          ? ? 
'X-RAY DIFFRACTION' ? 0.063 0.200  2    ? r_metal_ion_refined            ? ? 
'X-RAY DIFFRACTION' ? 0.129 0.200  32   ? r_symmetry_nbd_refined         ? ? 
'X-RAY DIFFRACTION' ? 0.203 0.200  23   ? r_nbd_other                    ? ? 
'X-RAY DIFFRACTION' ? 0.068 0.200  8    ? r_symmetry_xyhbond_nbd_refined ? ? 
'X-RAY DIFFRACTION' ? 1.917 1.747  853  ? r_scbond_it                    ? ? 
'X-RAY DIFFRACTION' ? 1.832 1.738  724  ? r_scbond_other                 ? ? 
'X-RAY DIFFRACTION' ? 2.943 2.633  1283 ? r_scangle_it                   ? ? 
'X-RAY DIFFRACTION' ? 2.828 2.647  1104 ? r_scangle_other                ? ? 
'X-RAY DIFFRACTION' ? 4.100 26.179 3561 ? r_lrange_it                    ? ? 
'X-RAY DIFFRACTION' ? 3.947 27.386 2942 ? r_lrange_other                 ? ? 
# 
loop_
_refine_ls_shell.pdbx_refine_id 
_refine_ls_shell.d_res_high 
_refine_ls_shell.d_res_low 
_refine_ls_shell.number_reflns_all 
_refine_ls_shell.number_reflns_obs 
_refine_ls_shell.number_reflns_R_free 
_refine_ls_shell.number_reflns_R_work 
_refine_ls_shell.percent_reflns_obs 
_refine_ls_shell.percent_reflns_R_free 
_refine_ls_shell.R_factor_all 
_refine_ls_shell.R_factor_obs 
_refine_ls_shell.R_factor_R_free 
_refine_ls_shell.R_factor_R_free_error 
_refine_ls_shell.R_factor_R_work 
_refine_ls_shell.redundancy_reflns_all 
_refine_ls_shell.redundancy_reflns_obs 
_refine_ls_shell.wR_factor_all 
_refine_ls_shell.wR_factor_obs 
_refine_ls_shell.wR_factor_R_free 
_refine_ls_shell.wR_factor_R_work 
_refine_ls_shell.pdbx_R_complete 
_refine_ls_shell.pdbx_total_number_of_bins_used 
_refine_ls_shell.pdbx_phase_error 
_refine_ls_shell.pdbx_fsc_work 
_refine_ls_shell.pdbx_fsc_free 
'X-RAY DIFFRACTION' 1.210 1.241 . . 56 917  58.5792  . . . 0.319 . 0.337 . . . . . . . . . . . 
'X-RAY DIFFRACTION' 1.241 1.275 . . 49 1127 72.5478  . . . 0.372 . 0.302 . . . . . . . . . . . 
'X-RAY DIFFRACTION' 1.275 1.312 . . 66 1309 87.6354  . . . 0.329 . 0.285 . . . . . . . . . . . 
'X-RAY DIFFRACTION' 1.312 1.353 . . 69 1420 96.4378  . . . 0.287 . 0.268 . . . . . . . . . . . 
'X-RAY DIFFRACTION' 1.353 1.397 . . 71 1404 100.0000 . . . 0.310 . 0.235 . . . . . . . . . . . 
'X-RAY DIFFRACTION' 1.397 1.446 . . 49 1375 100.0000 . . . 0.308 . 0.235 . . . . . . . . . . . 
'X-RAY DIFFRACTION' 1.446 1.500 . . 50 1315 100.0000 . . . 0.224 . 0.234 . . . . . . . . . . . 
'X-RAY DIFFRACTION' 1.500 1.561 . . 48 1318 99.9268  . . . 0.259 . 0.205 . . . . . . . . . . . 
'X-RAY DIFFRACTION' 1.561 1.631 . . 66 1224 100.0000 . . . 0.179 . 0.182 . . . . . . . . . . . 
'X-RAY DIFFRACTION' 1.631 1.710 . . 63 1157 100.0000 . . . 0.175 . 0.176 . . . . . . . . . . . 
'X-RAY DIFFRACTION' 1.710 1.802 . . 61 1097 100.0000 . . . 0.215 . 0.172 . . . . . . . . . . . 
'X-RAY DIFFRACTION' 1.802 1.911 . . 64 1039 100.0000 . . . 0.205 . 0.193 . . . . . . . . . . . 
'X-RAY DIFFRACTION' 1.911 2.042 . . 56 995  100.0000 . . . 0.223 . 0.188 . . . . . . . . . . . 
'X-RAY DIFFRACTION' 2.042 2.205 . . 47 925  100.0000 . . . 0.191 . 0.187 . . . . . . . . . . . 
'X-RAY DIFFRACTION' 2.205 2.414 . . 50 831  100.0000 . . . 0.178 . 0.204 . . . . . . . . . . . 
'X-RAY DIFFRACTION' 2.414 2.697 . . 62 759  100.0000 . . . 0.232 . 0.193 . . . . . . . . . . . 
'X-RAY DIFFRACTION' 2.697 3.109 . . 42 677  100.0000 . . . 0.192 . 0.202 . . . . . . . . . . . 
'X-RAY DIFFRACTION' 3.109 3.797 . . 36 574  100.0000 . . . 0.208 . 0.168 . . . . . . . . . . . 
'X-RAY DIFFRACTION' 3.797 5.325 . . 16 457  100.0000 . . . 0.200 . 0.164 . . . . . . . . . . . 
'X-RAY DIFFRACTION' 5.325 27.69 . . 4  282  100.0000 . . . 0.392 . 0.255 . . . . . . . . . . . 
# 
_struct.entry_id                     6XRQ 
_struct.title                        
'Structural descriptions of ligand interactions to DNA and RNA quadruplexes folded from the non-coding region of Pseudorabies virus' 
_struct.pdbx_model_details           ? 
_struct.pdbx_formula_weight          ? 
_struct.pdbx_formula_weight_method   ? 
_struct.pdbx_model_type_details      ? 
_struct.pdbx_CASP_flag               N 
# 
_struct_keywords.entry_id        6XRQ 
_struct_keywords.text            'Quadruplex, RNA, PRV' 
_struct_keywords.pdbx_keywords   RNA 
# 
loop_
_struct_asym.id 
_struct_asym.pdbx_blank_PDB_chainid_flag 
_struct_asym.pdbx_modified 
_struct_asym.entity_id 
_struct_asym.details 
A N N 1 ? 
B N N 1 ? 
C N N 2 ? 
D N N 2 ? 
E N N 2 ? 
F N N 3 ? 
G N N 3 ? 
H N N 4 ? 
I N N 4 ? 
# 
_struct_ref.id                         1 
_struct_ref.db_name                    PDB 
_struct_ref.db_code                    6XRQ 
_struct_ref.pdbx_db_accession          6XRQ 
_struct_ref.pdbx_db_isoform            ? 
_struct_ref.entity_id                  1 
_struct_ref.pdbx_seq_one_letter_code   ? 
_struct_ref.pdbx_align_begin           1 
# 
loop_
_struct_ref_seq.align_id 
_struct_ref_seq.ref_id 
_struct_ref_seq.pdbx_PDB_id_code 
_struct_ref_seq.pdbx_strand_id 
_struct_ref_seq.seq_align_beg 
_struct_ref_seq.pdbx_seq_align_beg_ins_code 
_struct_ref_seq.seq_align_end 
_struct_ref_seq.pdbx_seq_align_end_ins_code 
_struct_ref_seq.pdbx_db_accession 
_struct_ref_seq.db_align_beg 
_struct_ref_seq.pdbx_db_align_beg_ins_code 
_struct_ref_seq.db_align_end 
_struct_ref_seq.pdbx_db_align_end_ins_code 
_struct_ref_seq.pdbx_auth_seq_align_beg 
_struct_ref_seq.pdbx_auth_seq_align_end 
1 1 6XRQ B 1 ? 14 ? 6XRQ 1 ? 14 ? 1 14 
2 1 6XRQ A 1 ? 14 ? 6XRQ 1 ? 14 ? 1 14 
# 
_pdbx_struct_assembly.id                   1 
_pdbx_struct_assembly.details              author_and_software_defined_assembly 
_pdbx_struct_assembly.method_details       PISA 
_pdbx_struct_assembly.oligomeric_details   dimeric 
_pdbx_struct_assembly.oligomeric_count     2 
# 
loop_
_pdbx_struct_assembly_prop.biol_id 
_pdbx_struct_assembly_prop.type 
_pdbx_struct_assembly_prop.value 
_pdbx_struct_assembly_prop.details 
1 'ABSA (A^2)' 2670 ? 
1 MORE         -23  ? 
1 'SSA (A^2)'  5630 ? 
# 
_pdbx_struct_assembly_gen.assembly_id       1 
_pdbx_struct_assembly_gen.oper_expression   1 
_pdbx_struct_assembly_gen.asym_id_list      A,B,C,D,E,F,G,H,I 
# 
_pdbx_struct_assembly_auth_evidence.id                     1 
_pdbx_struct_assembly_auth_evidence.assembly_id            1 
_pdbx_struct_assembly_auth_evidence.experimental_support   'native gel electrophoresis' 
_pdbx_struct_assembly_auth_evidence.details                ? 
# 
_pdbx_struct_oper_list.id                   1 
_pdbx_struct_oper_list.type                 'identity operation' 
_pdbx_struct_oper_list.name                 1_555 
_pdbx_struct_oper_list.symmetry_operation   x,y,z 
_pdbx_struct_oper_list.matrix[1][1]         1.0000000000 
_pdbx_struct_oper_list.matrix[1][2]         0.0000000000 
_pdbx_struct_oper_list.matrix[1][3]         0.0000000000 
_pdbx_struct_oper_list.vector[1]            0.0000000000 
_pdbx_struct_oper_list.matrix[2][1]         0.0000000000 
_pdbx_struct_oper_list.matrix[2][2]         1.0000000000 
_pdbx_struct_oper_list.matrix[2][3]         0.0000000000 
_pdbx_struct_oper_list.vector[2]            0.0000000000 
_pdbx_struct_oper_list.matrix[3][1]         0.0000000000 
_pdbx_struct_oper_list.matrix[3][2]         0.0000000000 
_pdbx_struct_oper_list.matrix[3][3]         1.0000000000 
_pdbx_struct_oper_list.vector[3]            0.0000000000 
# 
loop_
_struct_conn.id 
_struct_conn.conn_type_id 
_struct_conn.pdbx_leaving_atom_flag 
_struct_conn.pdbx_PDB_id 
_struct_conn.ptnr1_label_asym_id 
_struct_conn.ptnr1_label_comp_id 
_struct_conn.ptnr1_label_seq_id 
_struct_conn.ptnr1_label_atom_id 
_struct_conn.pdbx_ptnr1_label_alt_id 
_struct_conn.pdbx_ptnr1_PDB_ins_code 
_struct_conn.pdbx_ptnr1_standard_comp_id 
_struct_conn.ptnr1_symmetry 
_struct_conn.ptnr2_label_asym_id 
_struct_conn.ptnr2_label_comp_id 
_struct_conn.ptnr2_label_seq_id 
_struct_conn.ptnr2_label_atom_id 
_struct_conn.pdbx_ptnr2_label_alt_id 
_struct_conn.pdbx_ptnr2_PDB_ins_code 
_struct_conn.ptnr1_auth_asym_id 
_struct_conn.ptnr1_auth_comp_id 
_struct_conn.ptnr1_auth_seq_id 
_struct_conn.ptnr2_auth_asym_id 
_struct_conn.ptnr2_auth_comp_id 
_struct_conn.ptnr2_auth_seq_id 
_struct_conn.ptnr2_symmetry 
_struct_conn.pdbx_ptnr3_label_atom_id 
_struct_conn.pdbx_ptnr3_label_seq_id 
_struct_conn.pdbx_ptnr3_label_comp_id 
_struct_conn.pdbx_ptnr3_label_asym_id 
_struct_conn.pdbx_ptnr3_label_alt_id 
_struct_conn.pdbx_ptnr3_PDB_ins_code 
_struct_conn.details 
_struct_conn.pdbx_dist_value 
_struct_conn.pdbx_value_order 
_struct_conn.pdbx_role 
metalc1  metalc ? ? A G 1  O6 ? ? ? 1_555 C K .  K  ? ? B G 1   B K 101 1_555 ? ? ? ? ? ? ?            2.691 ? ? 
metalc2  metalc ? ? A G 2  O6 ? ? ? 1_555 C K .  K  ? ? B G 2   B K 101 1_555 ? ? ? ? ? ? ?            2.885 ? ? 
metalc3  metalc ? ? A G 2  O6 ? ? ? 1_555 D K .  K  ? ? B G 2   B K 102 1_555 ? ? ? ? ? ? ?            2.733 ? ? 
metalc4  metalc ? ? A G 6  O6 ? ? ? 1_555 C K .  K  ? ? B G 6   B K 101 1_555 ? ? ? ? ? ? ?            2.676 ? ? 
metalc5  metalc ? ? A G 7  O6 A ? ? 1_555 C K .  K  ? ? B G 7   B K 101 1_555 ? ? ? ? ? ? ?            2.745 ? ? 
metalc6  metalc ? ? A G 7  O6 B ? ? 1_555 C K .  K  ? ? B G 7   B K 101 1_555 ? ? ? ? ? ? ?            2.906 ? ? 
metalc7  metalc ? ? A G 7  O6 A ? ? 1_555 D K .  K  ? ? B G 7   B K 102 1_555 ? ? ? ? ? ? ?            2.739 ? ? 
metalc8  metalc ? ? A G 7  O6 B ? ? 1_555 D K .  K  ? ? B G 7   B K 102 1_555 ? ? ? ? ? ? ?            2.885 ? ? 
metalc9  metalc ? ? A G 9  O6 ? ? ? 1_555 D K .  K  ? ? B G 9   B K 102 1_555 ? ? ? ? ? ? ?            2.755 ? ? 
metalc10 metalc ? ? A G 9  O6 ? ? ? 1_555 E K .  K  ? ? B G 9   A K 101 1_555 ? ? ? ? ? ? ?            2.813 ? ? 
metalc11 metalc ? ? A G 10 O6 ? ? ? 1_555 E K .  K  ? ? B G 10  A K 101 1_555 ? ? ? ? ? ? ?            2.705 ? ? 
metalc12 metalc ? ? A G 12 O6 ? ? ? 1_555 D K .  K  ? ? B G 12  B K 102 1_555 ? ? ? ? ? ? ?            2.789 ? ? 
metalc13 metalc ? ? A G 12 O6 ? ? ? 1_555 E K .  K  ? ? B G 12  A K 101 1_555 ? ? ? ? ? ? ?            2.899 ? ? 
metalc14 metalc ? ? A G 13 O6 ? ? ? 1_555 E K .  K  ? ? B G 13  A K 101 1_555 ? ? ? ? ? ? ?            2.701 ? ? 
metalc15 metalc ? ? C K .  K  ? ? ? 1_555 B G 1  O6 ? ? B K 101 A G 1   1_555 ? ? ? ? ? ? ?            2.683 ? ? 
metalc16 metalc ? ? C K .  K  ? ? ? 1_555 B G 2  O6 ? ? B K 101 A G 2   1_555 ? ? ? ? ? ? ?            2.914 ? ? 
metalc17 metalc ? ? C K .  K  ? ? ? 1_555 B G 6  O6 ? ? B K 101 A G 6   1_555 ? ? ? ? ? ? ?            2.646 ? ? 
metalc18 metalc ? ? C K .  K  ? ? ? 1_555 B G 7  O6 ? ? B K 101 A G 7   1_555 ? ? ? ? ? ? ?            2.791 ? ? 
metalc19 metalc ? ? D K .  K  ? ? ? 1_555 B G 2  O6 ? ? B K 102 A G 2   1_555 ? ? ? ? ? ? ?            2.704 ? ? 
metalc20 metalc ? ? D K .  K  ? ? ? 1_555 B G 7  O6 ? ? B K 102 A G 7   1_555 ? ? ? ? ? ? ?            2.744 ? ? 
metalc21 metalc ? ? D K .  K  ? ? ? 1_555 B G 9  O6 ? ? B K 102 A G 9   1_555 ? ? ? ? ? ? ?            2.733 ? ? 
metalc22 metalc ? ? D K .  K  ? ? ? 1_555 B G 12 O6 ? ? B K 102 A G 12  1_555 ? ? ? ? ? ? ?            2.765 ? ? 
metalc23 metalc ? ? B G 9  O6 ? ? ? 1_555 E K .  K  ? ? A G 9   A K 101 1_555 ? ? ? ? ? ? ?            2.933 ? ? 
metalc24 metalc ? ? B G 10 O6 ? ? ? 1_555 E K .  K  ? ? A G 10  A K 101 1_555 ? ? ? ? ? ? ?            2.669 ? ? 
metalc25 metalc ? ? B G 12 O6 ? ? ? 1_555 E K .  K  ? ? A G 12  A K 101 1_555 ? ? ? ? ? ? ?            2.855 ? ? 
metalc26 metalc ? ? B G 13 O6 ? ? ? 1_555 E K .  K  ? ? A G 13  A K 101 1_555 ? ? ? ? ? ? ?            2.660 ? ? 
hydrog1  hydrog ? ? B G 1  N1 ? ? ? 1_555 B G 6  O6 ? ? A G 1   A G 6   1_555 ? ? ? ? ? ? TYPE_6_PAIR  ?     ? ? 
hydrog2  hydrog ? ? B G 1  N2 ? ? ? 1_555 B G 6  N7 ? ? A G 1   A G 6   1_555 ? ? ? ? ? ? TYPE_6_PAIR  ?     ? ? 
hydrog3  hydrog ? ? B G 2  N1 ? ? ? 1_555 B G 7  O6 ? ? A G 2   A G 7   1_555 ? ? ? ? ? ? TYPE_6_PAIR  ?     ? ? 
hydrog4  hydrog ? ? B G 2  N2 ? ? ? 1_555 B G 7  N7 ? ? A G 2   A G 7   1_555 ? ? ? ? ? ? TYPE_6_PAIR  ?     ? ? 
hydrog5  hydrog ? ? B G 9  N1 ? ? ? 1_555 B G 12 O6 ? ? A G 9   A G 12  1_555 ? ? ? ? ? ? TYPE_6_PAIR  ?     ? ? 
hydrog6  hydrog ? ? B G 9  N2 ? ? ? 1_555 B G 12 N7 ? ? A G 9   A G 12  1_555 ? ? ? ? ? ? TYPE_6_PAIR  ?     ? ? 
hydrog7  hydrog ? ? B G 10 N1 ? ? ? 1_555 B G 13 O6 ? ? A G 10  A G 13  1_555 ? ? ? ? ? ? TYPE_6_PAIR  ?     ? ? 
hydrog8  hydrog ? ? B G 10 N2 ? ? ? 1_555 B G 13 N7 ? ? A G 10  A G 13  1_555 ? ? ? ? ? ? TYPE_6_PAIR  ?     ? ? 
hydrog9  hydrog ? ? A G 1  N7 ? ? ? 1_555 B G 6  N2 ? ? B G 1   A G 6   1_555 ? ? ? ? ? ? TYPE_6_PAIR  ?     ? ? 
hydrog10 hydrog ? ? A G 1  O6 ? ? ? 1_555 B G 6  N1 ? ? B G 1   A G 6   1_555 ? ? ? ? ? ? TYPE_6_PAIR  ?     ? ? 
hydrog11 hydrog ? ? A G 1  N1 ? ? ? 1_555 A G 6  O6 ? ? B G 1   B G 6   1_555 ? ? ? ? ? ? TYPE_6_PAIR  ?     ? ? 
hydrog12 hydrog ? ? A G 1  N2 ? ? ? 1_555 A G 6  N7 ? ? B G 1   B G 6   1_555 ? ? ? ? ? ? TYPE_6_PAIR  ?     ? ? 
hydrog13 hydrog ? ? A G 2  N7 ? ? ? 1_555 B G 7  N2 ? ? B G 2   A G 7   1_555 ? ? ? ? ? ? TYPE_6_PAIR  ?     ? ? 
hydrog14 hydrog ? ? A G 2  O6 ? ? ? 1_555 B G 7  N1 ? ? B G 2   A G 7   1_555 ? ? ? ? ? ? TYPE_6_PAIR  ?     ? ? 
hydrog15 hydrog ? ? A G 2  N1 ? ? ? 1_555 A G 7  O6 A ? B G 2   B G 7   1_555 ? ? ? ? ? ? TYPE_6_PAIR  ?     ? ? 
hydrog16 hydrog ? ? A G 2  N1 ? ? ? 1_555 A G 7  O6 B ? B G 2   B G 7   1_555 ? ? ? ? ? ? TYPE_6_PAIR  ?     ? ? 
hydrog17 hydrog ? ? A G 2  N2 ? ? ? 1_555 A G 7  N7 A ? B G 2   B G 7   1_555 ? ? ? ? ? ? TYPE_6_PAIR  ?     ? ? 
hydrog18 hydrog ? ? A G 2  N2 ? ? ? 1_555 A G 7  N7 B ? B G 2   B G 7   1_555 ? ? ? ? ? ? TYPE_6_PAIR  ?     ? ? 
hydrog19 hydrog ? ? A C 5  N4 ? ? ? 1_555 B C 5  O2 ? ? B C 5   A C 5   1_555 ? ? ? ? ? ? TYPE_15_PAIR ?     ? ? 
hydrog20 hydrog ? ? A C 5  O2 ? ? ? 1_555 B C 5  N4 ? ? B C 5   A C 5   1_555 ? ? ? ? ? ? TYPE_15_PAIR ?     ? ? 
hydrog21 hydrog ? ? A G 6  N1 ? ? ? 1_555 B G 1  O6 ? ? B G 6   A G 1   1_555 ? ? ? ? ? ? TYPE_6_PAIR  ?     ? ? 
hydrog22 hydrog ? ? A G 6  N2 ? ? ? 1_555 B G 1  N7 ? ? B G 6   A G 1   1_555 ? ? ? ? ? ? TYPE_6_PAIR  ?     ? ? 
hydrog23 hydrog ? ? A G 7  N1 A ? ? 1_555 B G 2  O6 ? ? B G 7   A G 2   1_555 ? ? ? ? ? ? TYPE_6_PAIR  ?     ? ? 
hydrog24 hydrog ? ? A G 7  N1 B ? ? 1_555 B G 2  O6 ? ? B G 7   A G 2   1_555 ? ? ? ? ? ? TYPE_6_PAIR  ?     ? ? 
hydrog25 hydrog ? ? A G 7  N2 A ? ? 1_555 B G 2  N7 ? ? B G 7   A G 2   1_555 ? ? ? ? ? ? TYPE_6_PAIR  ?     ? ? 
hydrog26 hydrog ? ? A G 7  N2 B ? ? 1_555 B G 2  N7 ? ? B G 7   A G 2   1_555 ? ? ? ? ? ? TYPE_6_PAIR  ?     ? ? 
hydrog27 hydrog ? ? A G 9  N7 ? ? ? 1_555 B G 12 N2 ? ? B G 9   A G 12  1_555 ? ? ? ? ? ? TYPE_6_PAIR  ?     ? ? 
hydrog28 hydrog ? ? A G 9  O6 ? ? ? 1_555 B G 12 N1 ? ? B G 9   A G 12  1_555 ? ? ? ? ? ? TYPE_6_PAIR  ?     ? ? 
hydrog29 hydrog ? ? A G 9  N1 ? ? ? 1_555 A G 12 O6 ? ? B G 9   B G 12  1_555 ? ? ? ? ? ? TYPE_6_PAIR  ?     ? ? 
hydrog30 hydrog ? ? A G 9  N2 ? ? ? 1_555 A G 12 N7 ? ? B G 9   B G 12  1_555 ? ? ? ? ? ? TYPE_6_PAIR  ?     ? ? 
hydrog31 hydrog ? ? A G 10 N7 ? ? ? 1_555 B G 13 N2 ? ? B G 10  A G 13  1_555 ? ? ? ? ? ? TYPE_6_PAIR  ?     ? ? 
hydrog32 hydrog ? ? A G 10 O6 ? ? ? 1_555 B G 13 N1 ? ? B G 10  A G 13  1_555 ? ? ? ? ? ? TYPE_6_PAIR  ?     ? ? 
hydrog33 hydrog ? ? A G 10 N1 ? ? ? 1_555 A G 13 O6 ? ? B G 10  B G 13  1_555 ? ? ? ? ? ? TYPE_6_PAIR  ?     ? ? 
hydrog34 hydrog ? ? A G 10 N2 ? ? ? 1_555 A G 13 N7 ? ? B G 10  B G 13  1_555 ? ? ? ? ? ? TYPE_6_PAIR  ?     ? ? 
hydrog35 hydrog ? ? A G 12 N1 ? ? ? 1_555 B G 9  O6 ? ? B G 12  A G 9   1_555 ? ? ? ? ? ? TYPE_6_PAIR  ?     ? ? 
hydrog36 hydrog ? ? A G 12 N2 ? ? ? 1_555 B G 9  N7 ? ? B G 12  A G 9   1_555 ? ? ? ? ? ? TYPE_6_PAIR  ?     ? ? 
hydrog37 hydrog ? ? A G 13 N1 ? ? ? 1_555 B G 10 O6 ? ? B G 13  A G 10  1_555 ? ? ? ? ? ? TYPE_6_PAIR  ?     ? ? 
hydrog38 hydrog ? ? A G 13 N2 ? ? ? 1_555 B G 10 N7 ? ? B G 13  A G 10  1_555 ? ? ? ? ? ? TYPE_6_PAIR  ?     ? ? 
# 
loop_
_struct_conn_type.id 
_struct_conn_type.criteria 
_struct_conn_type.reference 
metalc ? ? 
hydrog ? ? 
# 
loop_
_pdbx_struct_conn_angle.id 
_pdbx_struct_conn_angle.ptnr1_label_atom_id 
_pdbx_struct_conn_angle.ptnr1_label_alt_id 
_pdbx_struct_conn_angle.ptnr1_label_asym_id 
_pdbx_struct_conn_angle.ptnr1_label_comp_id 
_pdbx_struct_conn_angle.ptnr1_label_seq_id 
_pdbx_struct_conn_angle.ptnr1_auth_atom_id 
_pdbx_struct_conn_angle.ptnr1_auth_asym_id 
_pdbx_struct_conn_angle.ptnr1_auth_comp_id 
_pdbx_struct_conn_angle.ptnr1_auth_seq_id 
_pdbx_struct_conn_angle.ptnr1_PDB_ins_code 
_pdbx_struct_conn_angle.ptnr1_symmetry 
_pdbx_struct_conn_angle.ptnr2_label_atom_id 
_pdbx_struct_conn_angle.ptnr2_label_alt_id 
_pdbx_struct_conn_angle.ptnr2_label_asym_id 
_pdbx_struct_conn_angle.ptnr2_label_comp_id 
_pdbx_struct_conn_angle.ptnr2_label_seq_id 
_pdbx_struct_conn_angle.ptnr2_auth_atom_id 
_pdbx_struct_conn_angle.ptnr2_auth_asym_id 
_pdbx_struct_conn_angle.ptnr2_auth_comp_id 
_pdbx_struct_conn_angle.ptnr2_auth_seq_id 
_pdbx_struct_conn_angle.ptnr2_PDB_ins_code 
_pdbx_struct_conn_angle.ptnr2_symmetry 
_pdbx_struct_conn_angle.ptnr3_label_atom_id 
_pdbx_struct_conn_angle.ptnr3_label_alt_id 
_pdbx_struct_conn_angle.ptnr3_label_asym_id 
_pdbx_struct_conn_angle.ptnr3_label_comp_id 
_pdbx_struct_conn_angle.ptnr3_label_seq_id 
_pdbx_struct_conn_angle.ptnr3_auth_atom_id 
_pdbx_struct_conn_angle.ptnr3_auth_asym_id 
_pdbx_struct_conn_angle.ptnr3_auth_comp_id 
_pdbx_struct_conn_angle.ptnr3_auth_seq_id 
_pdbx_struct_conn_angle.ptnr3_PDB_ins_code 
_pdbx_struct_conn_angle.ptnr3_symmetry 
_pdbx_struct_conn_angle.value 
_pdbx_struct_conn_angle.value_esd 
1   O6 ? A G 1  ? B G 1  ? 1_555 K ? C K . ? B K 101 ? 1_555 O6 ? A G 2  ? B G 2  ? 1_555 82.4  ? 
2   O6 ? A G 1  ? B G 1  ? 1_555 K ? C K . ? B K 101 ? 1_555 O6 ? A G 6  ? B G 6  ? 1_555 76.9  ? 
3   O6 ? A G 2  ? B G 2  ? 1_555 K ? C K . ? B K 101 ? 1_555 O6 ? A G 6  ? B G 6  ? 1_555 77.0  ? 
4   O6 ? A G 1  ? B G 1  ? 1_555 K ? C K . ? B K 101 ? 1_555 O6 A A G 7  ? B G 7  ? 1_555 145.2 ? 
5   O6 ? A G 2  ? B G 2  ? 1_555 K ? C K . ? B K 101 ? 1_555 O6 A A G 7  ? B G 7  ? 1_555 66.7  ? 
6   O6 ? A G 6  ? B G 6  ? 1_555 K ? C K . ? B K 101 ? 1_555 O6 A A G 7  ? B G 7  ? 1_555 80.7  ? 
7   O6 ? A G 1  ? B G 1  ? 1_555 K ? C K . ? B K 101 ? 1_555 O6 B A G 7  ? B G 7  ? 1_555 142.8 ? 
8   O6 ? A G 2  ? B G 2  ? 1_555 K ? C K . ? B K 101 ? 1_555 O6 B A G 7  ? B G 7  ? 1_555 65.9  ? 
9   O6 ? A G 6  ? B G 6  ? 1_555 K ? C K . ? B K 101 ? 1_555 O6 B A G 7  ? B G 7  ? 1_555 77.5  ? 
10  O6 A A G 7  ? B G 7  ? 1_555 K ? C K . ? B K 101 ? 1_555 O6 B A G 7  ? B G 7  ? 1_555 3.2   ? 
11  O6 ? A G 1  ? B G 1  ? 1_555 K ? C K . ? B K 101 ? 1_555 O6 ? B G 1  ? A G 1  ? 1_555 120.7 ? 
12  O6 ? A G 2  ? B G 2  ? 1_555 K ? C K . ? B K 101 ? 1_555 O6 ? B G 1  ? A G 1  ? 1_555 138.2 ? 
13  O6 ? A G 6  ? B G 6  ? 1_555 K ? C K . ? B K 101 ? 1_555 O6 ? B G 1  ? A G 1  ? 1_555 75.7  ? 
14  O6 A A G 7  ? B G 7  ? 1_555 K ? C K . ? B K 101 ? 1_555 O6 ? B G 1  ? A G 1  ? 1_555 78.0  ? 
15  O6 B A G 7  ? B G 7  ? 1_555 K ? C K . ? B K 101 ? 1_555 O6 ? B G 1  ? A G 1  ? 1_555 77.6  ? 
16  O6 ? A G 1  ? B G 1  ? 1_555 K ? C K . ? B K 101 ? 1_555 O6 ? B G 2  ? A G 2  ? 1_555 139.1 ? 
17  O6 ? A G 2  ? B G 2  ? 1_555 K ? C K . ? B K 101 ? 1_555 O6 ? B G 2  ? A G 2  ? 1_555 100.3 ? 
18  O6 ? A G 6  ? B G 6  ? 1_555 K ? C K . ? B K 101 ? 1_555 O6 ? B G 2  ? A G 2  ? 1_555 143.8 ? 
19  O6 A A G 7  ? B G 7  ? 1_555 K ? C K . ? B K 101 ? 1_555 O6 ? B G 2  ? A G 2  ? 1_555 65.7  ? 
20  O6 B A G 7  ? B G 7  ? 1_555 K ? C K . ? B K 101 ? 1_555 O6 ? B G 2  ? A G 2  ? 1_555 68.9  ? 
21  O6 ? B G 1  ? A G 1  ? 1_555 K ? C K . ? B K 101 ? 1_555 O6 ? B G 2  ? A G 2  ? 1_555 84.2  ? 
22  O6 ? A G 1  ? B G 1  ? 1_555 K ? C K . ? B K 101 ? 1_555 O6 ? B G 6  ? A G 6  ? 1_555 76.5  ? 
23  O6 ? A G 2  ? B G 2  ? 1_555 K ? C K . ? B K 101 ? 1_555 O6 ? B G 6  ? A G 6  ? 1_555 145.2 ? 
24  O6 ? A G 6  ? B G 6  ? 1_555 K ? C K . ? B K 101 ? 1_555 O6 ? B G 6  ? A G 6  ? 1_555 123.3 ? 
25  O6 A A G 7  ? B G 7  ? 1_555 K ? C K . ? B K 101 ? 1_555 O6 ? B G 6  ? A G 6  ? 1_555 138.3 ? 
26  O6 B A G 7  ? B G 7  ? 1_555 K ? C K . ? B K 101 ? 1_555 O6 ? B G 6  ? A G 6  ? 1_555 140.6 ? 
27  O6 ? B G 1  ? A G 1  ? 1_555 K ? C K . ? B K 101 ? 1_555 O6 ? B G 6  ? A G 6  ? 1_555 76.6  ? 
28  O6 ? B G 2  ? A G 2  ? 1_555 K ? C K . ? B K 101 ? 1_555 O6 ? B G 6  ? A G 6  ? 1_555 79.2  ? 
29  O6 ? A G 1  ? B G 1  ? 1_555 K ? C K . ? B K 101 ? 1_555 O6 ? B G 7  ? A G 7  ? 1_555 78.7  ? 
30  O6 ? A G 2  ? B G 2  ? 1_555 K ? C K . ? B K 101 ? 1_555 O6 ? B G 7  ? A G 7  ? 1_555 67.8  ? 
31  O6 ? A G 6  ? B G 6  ? 1_555 K ? C K . ? B K 101 ? 1_555 O6 ? B G 7  ? A G 7  ? 1_555 139.2 ? 
32  O6 A A G 7  ? B G 7  ? 1_555 K ? C K . ? B K 101 ? 1_555 O6 ? B G 7  ? A G 7  ? 1_555 102.6 ? 
33  O6 B A G 7  ? B G 7  ? 1_555 K ? C K . ? B K 101 ? 1_555 O6 ? B G 7  ? A G 7  ? 1_555 104.8 ? 
34  O6 ? B G 1  ? A G 1  ? 1_555 K ? C K . ? B K 101 ? 1_555 O6 ? B G 7  ? A G 7  ? 1_555 145.0 ? 
35  O6 ? B G 2  ? A G 2  ? 1_555 K ? C K . ? B K 101 ? 1_555 O6 ? B G 7  ? A G 7  ? 1_555 65.3  ? 
36  O6 ? B G 6  ? A G 6  ? 1_555 K ? C K . ? B K 101 ? 1_555 O6 ? B G 7  ? A G 7  ? 1_555 81.1  ? 
37  O6 ? A G 2  ? B G 2  ? 1_555 K ? D K . ? B K 102 ? 1_555 O6 A A G 7  ? B G 7  ? 1_555 69.0  ? 
38  O6 ? A G 2  ? B G 2  ? 1_555 K ? D K . ? B K 102 ? 1_555 O6 B A G 7  ? B G 7  ? 1_555 68.1  ? 
39  O6 A A G 7  ? B G 7  ? 1_555 K ? D K . ? B K 102 ? 1_555 O6 B A G 7  ? B G 7  ? 1_555 3.5   ? 
40  O6 ? A G 2  ? B G 2  ? 1_555 K ? D K . ? B K 102 ? 1_555 O6 ? A G 9  ? B G 9  ? 1_555 134.9 ? 
41  O6 A A G 7  ? B G 7  ? 1_555 K ? D K . ? B K 102 ? 1_555 O6 ? A G 9  ? B G 9  ? 1_555 80.7  ? 
42  O6 B A G 7  ? B G 7  ? 1_555 K ? D K . ? B K 102 ? 1_555 O6 ? A G 9  ? B G 9  ? 1_555 79.6  ? 
43  O6 ? A G 2  ? B G 2  ? 1_555 K ? D K . ? B K 102 ? 1_555 O6 ? A G 12 ? B G 12 ? 1_555 76.8  ? 
44  O6 A A G 7  ? B G 7  ? 1_555 K ? D K . ? B K 102 ? 1_555 O6 ? A G 12 ? B G 12 ? 1_555 90.1  ? 
45  O6 B A G 7  ? B G 7  ? 1_555 K ? D K . ? B K 102 ? 1_555 O6 ? A G 12 ? B G 12 ? 1_555 86.6  ? 
46  O6 ? A G 9  ? B G 9  ? 1_555 K ? D K . ? B K 102 ? 1_555 O6 ? A G 12 ? B G 12 ? 1_555 70.4  ? 
47  O6 ? A G 2  ? B G 2  ? 1_555 K ? D K . ? B K 102 ? 1_555 O6 ? B G 2  ? A G 2  ? 1_555 110.0 ? 
48  O6 A A G 7  ? B G 7  ? 1_555 K ? D K . ? B K 102 ? 1_555 O6 ? B G 2  ? A G 2  ? 1_555 68.8  ? 
49  O6 B A G 7  ? B G 7  ? 1_555 K ? D K . ? B K 102 ? 1_555 O6 ? B G 2  ? A G 2  ? 1_555 72.1  ? 
50  O6 ? A G 9  ? B G 9  ? 1_555 K ? D K . ? B K 102 ? 1_555 O6 ? B G 2  ? A G 2  ? 1_555 87.8  ? 
51  O6 ? A G 12 ? B G 12 ? 1_555 K ? D K . ? B K 102 ? 1_555 O6 ? B G 2  ? A G 2  ? 1_555 152.1 ? 
52  O6 ? A G 2  ? B G 2  ? 1_555 K ? D K . ? B K 102 ? 1_555 O6 ? B G 7  ? A G 7  ? 1_555 70.6  ? 
53  O6 A A G 7  ? B G 7  ? 1_555 K ? D K . ? B K 102 ? 1_555 O6 ? B G 7  ? A G 7  ? 1_555 104.0 ? 
54  O6 B A G 7  ? B G 7  ? 1_555 K ? D K . ? B K 102 ? 1_555 O6 ? B G 7  ? A G 7  ? 1_555 106.6 ? 
55  O6 ? A G 9  ? B G 9  ? 1_555 K ? D K . ? B K 102 ? 1_555 O6 ? B G 7  ? A G 7  ? 1_555 151.8 ? 
56  O6 ? A G 12 ? B G 12 ? 1_555 K ? D K . ? B K 102 ? 1_555 O6 ? B G 7  ? A G 7  ? 1_555 136.4 ? 
57  O6 ? B G 2  ? A G 2  ? 1_555 K ? D K . ? B K 102 ? 1_555 O6 ? B G 7  ? A G 7  ? 1_555 68.9  ? 
58  O6 ? A G 2  ? B G 2  ? 1_555 K ? D K . ? B K 102 ? 1_555 O6 ? B G 9  ? A G 9  ? 1_555 88.4  ? 
59  O6 A A G 7  ? B G 7  ? 1_555 K ? D K . ? B K 102 ? 1_555 O6 ? B G 9  ? A G 9  ? 1_555 153.0 ? 
60  O6 B A G 7  ? B G 7  ? 1_555 K ? D K . ? B K 102 ? 1_555 O6 ? B G 9  ? A G 9  ? 1_555 150.3 ? 
61  O6 ? A G 9  ? B G 9  ? 1_555 K ? D K . ? B K 102 ? 1_555 O6 ? B G 9  ? A G 9  ? 1_555 107.8 ? 
62  O6 ? A G 12 ? B G 12 ? 1_555 K ? D K . ? B K 102 ? 1_555 O6 ? B G 9  ? A G 9  ? 1_555 69.9  ? 
63  O6 ? B G 2  ? A G 2  ? 1_555 K ? D K . ? B K 102 ? 1_555 O6 ? B G 9  ? A G 9  ? 1_555 135.5 ? 
64  O6 ? B G 7  ? A G 7  ? 1_555 K ? D K . ? B K 102 ? 1_555 O6 ? B G 9  ? A G 9  ? 1_555 80.8  ? 
65  O6 ? A G 2  ? B G 2  ? 1_555 K ? D K . ? B K 102 ? 1_555 O6 ? B G 12 ? A G 12 ? 1_555 152.8 ? 
66  O6 A A G 7  ? B G 7  ? 1_555 K ? D K . ? B K 102 ? 1_555 O6 ? B G 12 ? A G 12 ? 1_555 136.5 ? 
67  O6 B A G 7  ? B G 7  ? 1_555 K ? D K . ? B K 102 ? 1_555 O6 ? B G 12 ? A G 12 ? 1_555 138.0 ? 
68  O6 ? A G 9  ? B G 9  ? 1_555 K ? D K . ? B K 102 ? 1_555 O6 ? B G 12 ? A G 12 ? 1_555 69.1  ? 
69  O6 ? A G 12 ? B G 12 ? 1_555 K ? D K . ? B K 102 ? 1_555 O6 ? B G 12 ? A G 12 ? 1_555 107.5 ? 
70  O6 ? B G 2  ? A G 2  ? 1_555 K ? D K . ? B K 102 ? 1_555 O6 ? B G 12 ? A G 12 ? 1_555 79.2  ? 
71  O6 ? B G 7  ? A G 7  ? 1_555 K ? D K . ? B K 102 ? 1_555 O6 ? B G 12 ? A G 12 ? 1_555 90.3  ? 
72  O6 ? B G 9  ? A G 9  ? 1_555 K ? D K . ? B K 102 ? 1_555 O6 ? B G 12 ? A G 12 ? 1_555 69.0  ? 
73  O6 ? A G 9  ? B G 9  ? 1_555 K ? E K . ? A K 101 ? 1_555 O6 ? A G 10 ? B G 10 ? 1_555 75.4  ? 
74  O6 ? A G 9  ? B G 9  ? 1_555 K ? E K . ? A K 101 ? 1_555 O6 ? A G 12 ? B G 12 ? 1_555 68.0  ? 
75  O6 ? A G 10 ? B G 10 ? 1_555 K ? E K . ? A K 101 ? 1_555 O6 ? A G 12 ? B G 12 ? 1_555 88.8  ? 
76  O6 ? A G 9  ? B G 9  ? 1_555 K ? E K . ? A K 101 ? 1_555 O6 ? A G 13 ? B G 13 ? 1_555 130.0 ? 
77  O6 ? A G 10 ? B G 10 ? 1_555 K ? E K . ? A K 101 ? 1_555 O6 ? A G 13 ? B G 13 ? 1_555 74.9  ? 
78  O6 ? A G 12 ? B G 12 ? 1_555 K ? E K . ? A K 101 ? 1_555 O6 ? A G 13 ? B G 13 ? 1_555 72.1  ? 
79  O6 ? A G 9  ? B G 9  ? 1_555 K ? E K . ? A K 101 ? 1_555 O6 ? B G 9  ? A G 9  ? 1_555 100.9 ? 
80  O6 ? A G 10 ? B G 10 ? 1_555 K ? E K . ? A K 101 ? 1_555 O6 ? B G 9  ? A G 9  ? 1_555 153.2 ? 
81  O6 ? A G 12 ? B G 12 ? 1_555 K ? E K . ? A K 101 ? 1_555 O6 ? B G 9  ? A G 9  ? 1_555 65.7  ? 
82  O6 ? A G 13 ? B G 13 ? 1_555 K ? E K . ? A K 101 ? 1_555 O6 ? B G 9  ? A G 9  ? 1_555 88.6  ? 
83  O6 ? A G 9  ? B G 9  ? 1_555 K ? E K . ? A K 101 ? 1_555 O6 ? B G 10 ? A G 10 ? 1_555 152.8 ? 
84  O6 ? A G 10 ? B G 10 ? 1_555 K ? E K . ? A K 101 ? 1_555 O6 ? B G 10 ? A G 10 ? 1_555 122.3 ? 
85  O6 ? A G 12 ? B G 12 ? 1_555 K ? E K . ? A K 101 ? 1_555 O6 ? B G 10 ? A G 10 ? 1_555 127.6 ? 
86  O6 ? A G 13 ? B G 13 ? 1_555 K ? E K . ? A K 101 ? 1_555 O6 ? B G 10 ? A G 10 ? 1_555 76.9  ? 
87  O6 ? B G 9  ? A G 9  ? 1_555 K ? E K . ? A K 101 ? 1_555 O6 ? B G 10 ? A G 10 ? 1_555 72.4  ? 
88  O6 ? A G 9  ? B G 9  ? 1_555 K ? E K . ? A K 101 ? 1_555 O6 ? B G 12 ? A G 12 ? 1_555 67.1  ? 
89  O6 ? A G 10 ? B G 10 ? 1_555 K ? E K . ? A K 101 ? 1_555 O6 ? B G 12 ? A G 12 ? 1_555 132.7 ? 
90  O6 ? A G 12 ? B G 12 ? 1_555 K ? E K . ? A K 101 ? 1_555 O6 ? B G 12 ? A G 12 ? 1_555 102.3 ? 
91  O6 ? A G 13 ? B G 13 ? 1_555 K ? E K . ? A K 101 ? 1_555 O6 ? B G 12 ? A G 12 ? 1_555 152.4 ? 
92  O6 ? B G 9  ? A G 9  ? 1_555 K ? E K . ? A K 101 ? 1_555 O6 ? B G 12 ? A G 12 ? 1_555 65.1  ? 
93  O6 ? B G 10 ? A G 10 ? 1_555 K ? E K . ? A K 101 ? 1_555 O6 ? B G 12 ? A G 12 ? 1_555 86.6  ? 
94  O6 ? A G 9  ? B G 9  ? 1_555 K ? E K . ? A K 101 ? 1_555 O6 ? B G 13 ? A G 13 ? 1_555 89.3  ? 
95  O6 ? A G 10 ? B G 10 ? 1_555 K ? E K . ? A K 101 ? 1_555 O6 ? B G 13 ? A G 13 ? 1_555 75.9  ? 
96  O6 ? A G 12 ? B G 12 ? 1_555 K ? E K . ? A K 101 ? 1_555 O6 ? B G 13 ? A G 13 ? 1_555 155.5 ? 
97  O6 ? A G 13 ? B G 13 ? 1_555 K ? E K . ? A K 101 ? 1_555 O6 ? B G 13 ? A G 13 ? 1_555 120.6 ? 
98  O6 ? B G 9  ? A G 9  ? 1_555 K ? E K . ? A K 101 ? 1_555 O6 ? B G 13 ? A G 13 ? 1_555 130.9 ? 
99  O6 ? B G 10 ? A G 10 ? 1_555 K ? E K . ? A K 101 ? 1_555 O6 ? B G 13 ? A G 13 ? 1_555 76.9  ? 
100 O6 ? B G 12 ? A G 12 ? 1_555 K ? E K . ? A K 101 ? 1_555 O6 ? B G 13 ? A G 13 ? 1_555 75.8  ? 
# 
loop_
_struct_site.id 
_struct_site.pdbx_evidence_code 
_struct_site.pdbx_auth_asym_id 
_struct_site.pdbx_auth_comp_id 
_struct_site.pdbx_auth_seq_id 
_struct_site.pdbx_auth_ins_code 
_struct_site.pdbx_num_residues 
_struct_site.details 
AC1 Software B K   101 ? 9  'binding site for residue K B 101'   
AC2 Software B K   102 ? 10 'binding site for residue K B 102'   
AC3 Software A K   101 ? 9  'binding site for residue K A 101'   
AC4 Software A V8A 102 ? 11 'binding site for residue V8A A 102' 
AC5 Software A V8A 103 ? 7  'binding site for residue V8A A 103' 
# 
loop_
_struct_site_gen.id 
_struct_site_gen.site_id 
_struct_site_gen.pdbx_num_res 
_struct_site_gen.label_comp_id 
_struct_site_gen.label_asym_id 
_struct_site_gen.label_seq_id 
_struct_site_gen.pdbx_auth_ins_code 
_struct_site_gen.auth_comp_id 
_struct_site_gen.auth_asym_id 
_struct_site_gen.auth_seq_id 
_struct_site_gen.label_atom_id 
_struct_site_gen.label_alt_id 
_struct_site_gen.symmetry 
_struct_site_gen.details 
1  AC1 9  G   B 1  ? G   A 1   . ? 1_555 ? 
2  AC1 9  G   B 2  ? G   A 2   . ? 1_555 ? 
3  AC1 9  G   B 6  ? G   A 6   . ? 1_555 ? 
4  AC1 9  G   B 7  ? G   A 7   . ? 1_555 ? 
5  AC1 9  G   A 1  ? G   B 1   . ? 1_555 ? 
6  AC1 9  G   A 2  ? G   B 2   . ? 1_555 ? 
7  AC1 9  G   A 6  ? G   B 6   . ? 1_555 ? 
8  AC1 9  G   A 7  ? G   B 7   . ? 1_555 ? 
9  AC1 9  K   D .  ? K   B 102 . ? 1_555 ? 
10 AC2 10 G   B 2  ? G   A 2   . ? 1_555 ? 
11 AC2 10 G   B 7  ? G   A 7   . ? 1_555 ? 
12 AC2 10 G   B 9  ? G   A 9   . ? 1_555 ? 
13 AC2 10 G   B 12 ? G   A 12  . ? 1_555 ? 
14 AC2 10 K   E .  ? K   A 101 . ? 1_555 ? 
15 AC2 10 G   A 2  ? G   B 2   . ? 1_555 ? 
16 AC2 10 G   A 7  ? G   B 7   . ? 1_555 ? 
17 AC2 10 G   A 9  ? G   B 9   . ? 1_555 ? 
18 AC2 10 G   A 12 ? G   B 12  . ? 1_555 ? 
19 AC2 10 K   C .  ? K   B 101 . ? 1_555 ? 
20 AC3 9  G   B 9  ? G   A 9   . ? 1_555 ? 
21 AC3 9  G   B 10 ? G   A 10  . ? 1_555 ? 
22 AC3 9  G   B 12 ? G   A 12  . ? 1_555 ? 
23 AC3 9  G   B 13 ? G   A 13  . ? 1_555 ? 
24 AC3 9  G   A 9  ? G   B 9   . ? 1_555 ? 
25 AC3 9  G   A 10 ? G   B 10  . ? 1_555 ? 
26 AC3 9  G   A 12 ? G   B 12  . ? 1_555 ? 
27 AC3 9  G   A 13 ? G   B 13  . ? 1_555 ? 
28 AC3 9  K   D .  ? K   B 102 . ? 1_555 ? 
29 AC4 11 G   B 1  ? G   A 1   . ? 1_555 ? 
30 AC4 11 C   B 3  ? C   A 3   . ? 1_555 ? 
31 AC4 11 C   B 5  ? C   A 5   . ? 1_555 ? 
32 AC4 11 G   B 6  ? G   A 6   . ? 1_555 ? 
33 AC4 11 HOH I .  ? HOH A 212 . ? 1_555 ? 
34 AC4 11 HOH I .  ? HOH A 229 . ? 1_555 ? 
35 AC4 11 HOH I .  ? HOH A 231 . ? 1_555 ? 
36 AC4 11 G   A 1  ? G   B 1   . ? 1_555 ? 
37 AC4 11 C   A 3  ? C   B 3   . ? 1_555 ? 
38 AC4 11 C   A 5  ? C   B 5   . ? 1_555 ? 
39 AC4 11 G   A 6  ? G   B 6   . ? 1_555 ? 
40 AC5 7  G   B 10 ? G   A 10  . ? 1_555 ? 
41 AC5 7  G   B 13 ? G   A 13  . ? 1_555 ? 
42 AC5 7  A   B 14 ? A   A 14  . ? 1_555 ? 
43 AC5 7  HOH I .  ? HOH A 210 . ? 1_555 ? 
44 AC5 7  G   A 10 ? G   B 10  . ? 1_555 ? 
45 AC5 7  G   A 13 ? G   B 13  . ? 1_555 ? 
46 AC5 7  A   A 14 ? A   B 14  . ? 1_555 ? 
# 
loop_
_pdbx_validate_rmsd_bond.id 
_pdbx_validate_rmsd_bond.PDB_model_num 
_pdbx_validate_rmsd_bond.auth_atom_id_1 
_pdbx_validate_rmsd_bond.auth_asym_id_1 
_pdbx_validate_rmsd_bond.auth_comp_id_1 
_pdbx_validate_rmsd_bond.auth_seq_id_1 
_pdbx_validate_rmsd_bond.PDB_ins_code_1 
_pdbx_validate_rmsd_bond.label_alt_id_1 
_pdbx_validate_rmsd_bond.auth_atom_id_2 
_pdbx_validate_rmsd_bond.auth_asym_id_2 
_pdbx_validate_rmsd_bond.auth_comp_id_2 
_pdbx_validate_rmsd_bond.auth_seq_id_2 
_pdbx_validate_rmsd_bond.PDB_ins_code_2 
_pdbx_validate_rmsd_bond.label_alt_id_2 
_pdbx_validate_rmsd_bond.bond_value 
_pdbx_validate_rmsd_bond.bond_target_value 
_pdbx_validate_rmsd_bond.bond_deviation 
_pdbx_validate_rmsd_bond.bond_standard_deviation 
_pdbx_validate_rmsd_bond.linker_flag 
1 1 P     B C 5  ? ? OP2 B C 5  ? ? 1.371 1.485 -0.114 0.017 N 
2 1 "O3'" A G 13 ? ? P   A A 14 ? ? 1.515 1.607 -0.092 0.012 Y 
# 
loop_
_pdbx_validate_rmsd_angle.id 
_pdbx_validate_rmsd_angle.PDB_model_num 
_pdbx_validate_rmsd_angle.auth_atom_id_1 
_pdbx_validate_rmsd_angle.auth_asym_id_1 
_pdbx_validate_rmsd_angle.auth_comp_id_1 
_pdbx_validate_rmsd_angle.auth_seq_id_1 
_pdbx_validate_rmsd_angle.PDB_ins_code_1 
_pdbx_validate_rmsd_angle.label_alt_id_1 
_pdbx_validate_rmsd_angle.auth_atom_id_2 
_pdbx_validate_rmsd_angle.auth_asym_id_2 
_pdbx_validate_rmsd_angle.auth_comp_id_2 
_pdbx_validate_rmsd_angle.auth_seq_id_2 
_pdbx_validate_rmsd_angle.PDB_ins_code_2 
_pdbx_validate_rmsd_angle.label_alt_id_2 
_pdbx_validate_rmsd_angle.auth_atom_id_3 
_pdbx_validate_rmsd_angle.auth_asym_id_3 
_pdbx_validate_rmsd_angle.auth_comp_id_3 
_pdbx_validate_rmsd_angle.auth_seq_id_3 
_pdbx_validate_rmsd_angle.PDB_ins_code_3 
_pdbx_validate_rmsd_angle.label_alt_id_3 
_pdbx_validate_rmsd_angle.angle_value 
_pdbx_validate_rmsd_angle.angle_target_value 
_pdbx_validate_rmsd_angle.angle_deviation 
_pdbx_validate_rmsd_angle.angle_standard_deviation 
_pdbx_validate_rmsd_angle.linker_flag 
1 1 "O4'" B G 9 ? ? "C1'" B G 9 ? ? "C2'" B G 9 ? ? 99.23 105.80 -6.57 1.00 N 
2 1 "O5'" A U 4 ? ? P     A U 4 ? ? OP1   A U 4 ? ? 99.42 105.70 -6.28 0.90 N 
# 
loop_
_pdbx_validate_planes.id 
_pdbx_validate_planes.PDB_model_num 
_pdbx_validate_planes.auth_comp_id 
_pdbx_validate_planes.auth_asym_id 
_pdbx_validate_planes.auth_seq_id 
_pdbx_validate_planes.PDB_ins_code 
_pdbx_validate_planes.label_alt_id 
_pdbx_validate_planes.rmsd 
_pdbx_validate_planes.type 
1 1 C B 5  ? ? 0.100 'SIDE CHAIN' 
2 1 G A 2  ? ? 0.055 'SIDE CHAIN' 
3 1 C A 5  ? ? 0.067 'SIDE CHAIN' 
4 1 G A 12 ? ? 0.049 'SIDE CHAIN' 
# 
_symmetry_equiv.pos_as_xyz   -x,y+1/2,-z 
_symmetry_equiv.id           1 
# 
_diffrn_reflns.limit_h_max   20 
_diffrn_reflns.limit_h_min   -21 
_diffrn_reflns.limit_k_max   28 
_diffrn_reflns.limit_k_min   -29 
_diffrn_reflns.limit_l_max   23 
_diffrn_reflns.limit_l_min   -21 
_diffrn_reflns.number        47094 
_diffrn_reflns.theta_max     23.6140252043 
_diffrn_reflns.theta_min     0.934183571367 
_diffrn_reflns.diffrn_id     1 
# 
_phasing.method   MR 
# 
_pdbx_entry_details.entry_id                 6XRQ 
_pdbx_entry_details.has_ligand_of_interest   Y 
_pdbx_entry_details.compound_details         ? 
_pdbx_entry_details.source_details           ? 
_pdbx_entry_details.nonpolymer_details       ? 
_pdbx_entry_details.sequence_details         ? 
# 
_cell_measurement.reflns_used   47094 
_cell_measurement.theta_max     23.6140252043 
_cell_measurement.theta_min     0.934183571367 
_cell_measurement.entry_id      6XRQ 
# 
loop_
_chem_comp_atom.comp_id 
_chem_comp_atom.atom_id 
_chem_comp_atom.type_symbol 
_chem_comp_atom.pdbx_aromatic_flag 
_chem_comp_atom.pdbx_stereo_config 
_chem_comp_atom.pdbx_ordinal 
A   OP3    O N N 1   
A   P      P N N 2   
A   OP1    O N N 3   
A   OP2    O N N 4   
A   "O5'"  O N N 5   
A   "C5'"  C N N 6   
A   "C4'"  C N R 7   
A   "O4'"  O N N 8   
A   "C3'"  C N S 9   
A   "O3'"  O N N 10  
A   "C2'"  C N R 11  
A   "O2'"  O N N 12  
A   "C1'"  C N R 13  
A   N9     N Y N 14  
A   C8     C Y N 15  
A   N7     N Y N 16  
A   C5     C Y N 17  
A   C6     C Y N 18  
A   N6     N N N 19  
A   N1     N Y N 20  
A   C2     C Y N 21  
A   N3     N Y N 22  
A   C4     C Y N 23  
A   HOP3   H N N 24  
A   HOP2   H N N 25  
A   "H5'"  H N N 26  
A   "H5''" H N N 27  
A   "H4'"  H N N 28  
A   "H3'"  H N N 29  
A   "HO3'" H N N 30  
A   "H2'"  H N N 31  
A   "HO2'" H N N 32  
A   "H1'"  H N N 33  
A   H8     H N N 34  
A   H61    H N N 35  
A   H62    H N N 36  
A   H2     H N N 37  
C   OP3    O N N 38  
C   P      P N N 39  
C   OP1    O N N 40  
C   OP2    O N N 41  
C   "O5'"  O N N 42  
C   "C5'"  C N N 43  
C   "C4'"  C N R 44  
C   "O4'"  O N N 45  
C   "C3'"  C N S 46  
C   "O3'"  O N N 47  
C   "C2'"  C N R 48  
C   "O2'"  O N N 49  
C   "C1'"  C N R 50  
C   N1     N N N 51  
C   C2     C N N 52  
C   O2     O N N 53  
C   N3     N N N 54  
C   C4     C N N 55  
C   N4     N N N 56  
C   C5     C N N 57  
C   C6     C N N 58  
C   HOP3   H N N 59  
C   HOP2   H N N 60  
C   "H5'"  H N N 61  
C   "H5''" H N N 62  
C   "H4'"  H N N 63  
C   "H3'"  H N N 64  
C   "HO3'" H N N 65  
C   "H2'"  H N N 66  
C   "HO2'" H N N 67  
C   "H1'"  H N N 68  
C   H41    H N N 69  
C   H42    H N N 70  
C   H5     H N N 71  
C   H6     H N N 72  
G   OP3    O N N 73  
G   P      P N N 74  
G   OP1    O N N 75  
G   OP2    O N N 76  
G   "O5'"  O N N 77  
G   "C5'"  C N N 78  
G   "C4'"  C N R 79  
G   "O4'"  O N N 80  
G   "C3'"  C N S 81  
G   "O3'"  O N N 82  
G   "C2'"  C N R 83  
G   "O2'"  O N N 84  
G   "C1'"  C N R 85  
G   N9     N Y N 86  
G   C8     C Y N 87  
G   N7     N Y N 88  
G   C5     C Y N 89  
G   C6     C N N 90  
G   O6     O N N 91  
G   N1     N N N 92  
G   C2     C N N 93  
G   N2     N N N 94  
G   N3     N N N 95  
G   C4     C Y N 96  
G   HOP3   H N N 97  
G   HOP2   H N N 98  
G   "H5'"  H N N 99  
G   "H5''" H N N 100 
G   "H4'"  H N N 101 
G   "H3'"  H N N 102 
G   "HO3'" H N N 103 
G   "H2'"  H N N 104 
G   "HO2'" H N N 105 
G   "H1'"  H N N 106 
G   H8     H N N 107 
G   H1     H N N 108 
G   H21    H N N 109 
G   H22    H N N 110 
HOH O      O N N 111 
HOH H1     H N N 112 
HOH H2     H N N 113 
K   K      K N N 114 
U   OP3    O N N 115 
U   P      P N N 116 
U   OP1    O N N 117 
U   OP2    O N N 118 
U   "O5'"  O N N 119 
U   "C5'"  C N N 120 
U   "C4'"  C N R 121 
U   "O4'"  O N N 122 
U   "C3'"  C N S 123 
U   "O3'"  O N N 124 
U   "C2'"  C N R 125 
U   "O2'"  O N N 126 
U   "C1'"  C N R 127 
U   N1     N N N 128 
U   C2     C N N 129 
U   O2     O N N 130 
U   N3     N N N 131 
U   C4     C N N 132 
U   O4     O N N 133 
U   C5     C N N 134 
U   C6     C N N 135 
U   HOP3   H N N 136 
U   HOP2   H N N 137 
U   "H5'"  H N N 138 
U   "H5''" H N N 139 
U   "H4'"  H N N 140 
U   "H3'"  H N N 141 
U   "HO3'" H N N 142 
U   "H2'"  H N N 143 
U   "HO2'" H N N 144 
U   "H1'"  H N N 145 
U   H3     H N N 146 
U   H5     H N N 147 
U   H6     H N N 148 
V8A C18    C N N 149 
V8A C15    C N N 150 
V8A C13    C N N 151 
V8A C12    C N N 152 
V8A C14    C N N 153 
V8A C11    C N N 154 
V8A O4     O N N 155 
V8A N3     N N N 156 
V8A C10    C Y N 157 
V8A C9     C Y N 158 
V8A C8     C Y N 159 
V8A C7     C Y N 160 
V8A N2     N N N 161 
V8A C6     C Y N 162 
V8A C5     C Y N 163 
V8A C4     C Y N 164 
V8A O3     O N N 165 
V8A C3     C Y N 166 
V8A C2     C Y N 167 
V8A C1     C Y N 168 
V8A O2     O N N 169 
V8A O1     O N N 170 
V8A N1     N N N 171 
V8A O34    O N N 172 
V8A O85    O N N 173 
V8A C25    C N N 174 
V8A C26    C N N 175 
V8A C27    C N N 176 
V8A C32    C N N 177 
V8A C33    C N N 178 
V8A C35    C N N 179 
V8A C36    C N N 180 
V8A C56    C N N 181 
V8A C57    C N N 182 
V8A C59    C N N 183 
V8A C60    C N N 184 
V8A C62    C N N 185 
V8A C63    C N N 186 
V8A C80    C N N 187 
V8A C81    C N N 188 
V8A C83    C N N 189 
V8A C84    C N N 190 
V8A C86    C N N 191 
V8A C87    C N N 192 
V8A N31    N N N 193 
V8A N58    N N N 194 
V8A N6     N N N 195 
V8A N82    N N N 196 
V8A O61    O N N 197 
V8A C118   C N N 198 
V8A C120   C N N 199 
V8A C121   C N N 200 
V8A C140   C N N 201 
V8A C141   C N N 202 
V8A C143   C N N 203 
V8A C144   C N N 204 
V8A N139   N N N 205 
V8A O142   O N N 206 
V8A H1     H N N 207 
V8A H2     H N N 208 
V8A H3     H N N 209 
V8A H4     H N N 210 
V8A H5     H N N 211 
V8A H6     H N N 212 
V8A H7     H N N 213 
V8A H8     H N N 214 
V8A H9     H N N 215 
V8A H10    H N N 216 
V8A H11    H N N 217 
V8A H12    H N N 218 
V8A H13    H N N 219 
V8A H14    H N N 220 
V8A H15    H N N 221 
V8A H16    H N N 222 
V8A H17    H N N 223 
V8A H18    H N N 224 
V8A H19    H N N 225 
V8A H20    H N N 226 
V8A H21    H N N 227 
V8A H22    H N N 228 
V8A H23    H N N 229 
V8A H24    H N N 230 
V8A H25    H N N 231 
V8A H26    H N N 232 
V8A H27    H N N 233 
V8A H28    H N N 234 
V8A H29    H N N 235 
V8A H30    H N N 236 
V8A H31    H N N 237 
V8A H32    H N N 238 
V8A H33    H N N 239 
V8A H34    H N N 240 
V8A H35    H N N 241 
V8A H36    H N N 242 
V8A H37    H N N 243 
V8A H38    H N N 244 
V8A H39    H N N 245 
V8A H40    H N N 246 
V8A H41    H N N 247 
V8A H42    H N N 248 
V8A H43    H N N 249 
V8A H44    H N N 250 
V8A H45    H N N 251 
V8A H48    H N N 252 
V8A H50    H N N 253 
V8A H51    H N N 254 
V8A H52    H N N 255 
V8A H53    H N N 256 
V8A H54    H N N 257 
V8A H55    H N N 258 
V8A H56    H N N 259 
V8A H57    H N N 260 
V8A H58    H N N 261 
V8A H59    H N N 262 
V8A H60    H N N 263 
V8A H61    H N N 264 
V8A H62    H N N 265 
V8A H63    H N N 266 
# 
loop_
_chem_comp_bond.comp_id 
_chem_comp_bond.atom_id_1 
_chem_comp_bond.atom_id_2 
_chem_comp_bond.value_order 
_chem_comp_bond.pdbx_aromatic_flag 
_chem_comp_bond.pdbx_stereo_config 
_chem_comp_bond.pdbx_ordinal 
A   OP3   P      sing N N 1   
A   OP3   HOP3   sing N N 2   
A   P     OP1    doub N N 3   
A   P     OP2    sing N N 4   
A   P     "O5'"  sing N N 5   
A   OP2   HOP2   sing N N 6   
A   "O5'" "C5'"  sing N N 7   
A   "C5'" "C4'"  sing N N 8   
A   "C5'" "H5'"  sing N N 9   
A   "C5'" "H5''" sing N N 10  
A   "C4'" "O4'"  sing N N 11  
A   "C4'" "C3'"  sing N N 12  
A   "C4'" "H4'"  sing N N 13  
A   "O4'" "C1'"  sing N N 14  
A   "C3'" "O3'"  sing N N 15  
A   "C3'" "C2'"  sing N N 16  
A   "C3'" "H3'"  sing N N 17  
A   "O3'" "HO3'" sing N N 18  
A   "C2'" "O2'"  sing N N 19  
A   "C2'" "C1'"  sing N N 20  
A   "C2'" "H2'"  sing N N 21  
A   "O2'" "HO2'" sing N N 22  
A   "C1'" N9     sing N N 23  
A   "C1'" "H1'"  sing N N 24  
A   N9    C8     sing Y N 25  
A   N9    C4     sing Y N 26  
A   C8    N7     doub Y N 27  
A   C8    H8     sing N N 28  
A   N7    C5     sing Y N 29  
A   C5    C6     sing Y N 30  
A   C5    C4     doub Y N 31  
A   C6    N6     sing N N 32  
A   C6    N1     doub Y N 33  
A   N6    H61    sing N N 34  
A   N6    H62    sing N N 35  
A   N1    C2     sing Y N 36  
A   C2    N3     doub Y N 37  
A   C2    H2     sing N N 38  
A   N3    C4     sing Y N 39  
C   OP3   P      sing N N 40  
C   OP3   HOP3   sing N N 41  
C   P     OP1    doub N N 42  
C   P     OP2    sing N N 43  
C   P     "O5'"  sing N N 44  
C   OP2   HOP2   sing N N 45  
C   "O5'" "C5'"  sing N N 46  
C   "C5'" "C4'"  sing N N 47  
C   "C5'" "H5'"  sing N N 48  
C   "C5'" "H5''" sing N N 49  
C   "C4'" "O4'"  sing N N 50  
C   "C4'" "C3'"  sing N N 51  
C   "C4'" "H4'"  sing N N 52  
C   "O4'" "C1'"  sing N N 53  
C   "C3'" "O3'"  sing N N 54  
C   "C3'" "C2'"  sing N N 55  
C   "C3'" "H3'"  sing N N 56  
C   "O3'" "HO3'" sing N N 57  
C   "C2'" "O2'"  sing N N 58  
C   "C2'" "C1'"  sing N N 59  
C   "C2'" "H2'"  sing N N 60  
C   "O2'" "HO2'" sing N N 61  
C   "C1'" N1     sing N N 62  
C   "C1'" "H1'"  sing N N 63  
C   N1    C2     sing N N 64  
C   N1    C6     sing N N 65  
C   C2    O2     doub N N 66  
C   C2    N3     sing N N 67  
C   N3    C4     doub N N 68  
C   C4    N4     sing N N 69  
C   C4    C5     sing N N 70  
C   N4    H41    sing N N 71  
C   N4    H42    sing N N 72  
C   C5    C6     doub N N 73  
C   C5    H5     sing N N 74  
C   C6    H6     sing N N 75  
G   OP3   P      sing N N 76  
G   OP3   HOP3   sing N N 77  
G   P     OP1    doub N N 78  
G   P     OP2    sing N N 79  
G   P     "O5'"  sing N N 80  
G   OP2   HOP2   sing N N 81  
G   "O5'" "C5'"  sing N N 82  
G   "C5'" "C4'"  sing N N 83  
G   "C5'" "H5'"  sing N N 84  
G   "C5'" "H5''" sing N N 85  
G   "C4'" "O4'"  sing N N 86  
G   "C4'" "C3'"  sing N N 87  
G   "C4'" "H4'"  sing N N 88  
G   "O4'" "C1'"  sing N N 89  
G   "C3'" "O3'"  sing N N 90  
G   "C3'" "C2'"  sing N N 91  
G   "C3'" "H3'"  sing N N 92  
G   "O3'" "HO3'" sing N N 93  
G   "C2'" "O2'"  sing N N 94  
G   "C2'" "C1'"  sing N N 95  
G   "C2'" "H2'"  sing N N 96  
G   "O2'" "HO2'" sing N N 97  
G   "C1'" N9     sing N N 98  
G   "C1'" "H1'"  sing N N 99  
G   N9    C8     sing Y N 100 
G   N9    C4     sing Y N 101 
G   C8    N7     doub Y N 102 
G   C8    H8     sing N N 103 
G   N7    C5     sing Y N 104 
G   C5    C6     sing N N 105 
G   C5    C4     doub Y N 106 
G   C6    O6     doub N N 107 
G   C6    N1     sing N N 108 
G   N1    C2     sing N N 109 
G   N1    H1     sing N N 110 
G   C2    N2     sing N N 111 
G   C2    N3     doub N N 112 
G   N2    H21    sing N N 113 
G   N2    H22    sing N N 114 
G   N3    C4     sing N N 115 
HOH O     H1     sing N N 116 
HOH O     H2     sing N N 117 
U   OP3   P      sing N N 118 
U   OP3   HOP3   sing N N 119 
U   P     OP1    doub N N 120 
U   P     OP2    sing N N 121 
U   P     "O5'"  sing N N 122 
U   OP2   HOP2   sing N N 123 
U   "O5'" "C5'"  sing N N 124 
U   "C5'" "C4'"  sing N N 125 
U   "C5'" "H5'"  sing N N 126 
U   "C5'" "H5''" sing N N 127 
U   "C4'" "O4'"  sing N N 128 
U   "C4'" "C3'"  sing N N 129 
U   "C4'" "H4'"  sing N N 130 
U   "O4'" "C1'"  sing N N 131 
U   "C3'" "O3'"  sing N N 132 
U   "C3'" "C2'"  sing N N 133 
U   "C3'" "H3'"  sing N N 134 
U   "O3'" "HO3'" sing N N 135 
U   "C2'" "O2'"  sing N N 136 
U   "C2'" "C1'"  sing N N 137 
U   "C2'" "H2'"  sing N N 138 
U   "O2'" "HO2'" sing N N 139 
U   "C1'" N1     sing N N 140 
U   "C1'" "H1'"  sing N N 141 
U   N1    C2     sing N N 142 
U   N1    C6     sing N N 143 
U   C2    O2     doub N N 144 
U   C2    N3     sing N N 145 
U   N3    C4     sing N N 146 
U   N3    H3     sing N N 147 
U   C4    O4     doub N N 148 
U   C4    C5     sing N N 149 
U   C5    C6     doub N N 150 
U   C5    H5     sing N N 151 
U   C6    H6     sing N N 152 
V8A C84   C83    sing N N 153 
V8A C84   O85    sing N N 154 
V8A C83   N82    sing N N 155 
V8A N82   C81    sing N N 156 
V8A N82   C87    sing N N 157 
V8A O85   C86    sing N N 158 
V8A C81   C80    sing N N 159 
V8A C80   C15    sing N N 160 
V8A C86   C87    sing N N 161 
V8A C15   N1     sing N N 162 
V8A O3    C12    doub N N 163 
V8A C12   N1     sing N N 164 
V8A C12   C6     sing N N 165 
V8A N1    C11    sing N N 166 
V8A C25   C26    sing N N 167 
V8A C25   N6     sing N N 168 
V8A C1    C6     doub Y N 169 
V8A C1    C2     sing Y N 170 
V8A C6    C5     sing Y N 171 
V8A O2    C11    doub N N 172 
V8A C11   C10    sing N N 173 
V8A C26   C27    sing N N 174 
V8A C32   C33    sing N N 175 
V8A C32   N31    sing N N 176 
V8A C33   O34    sing N N 177 
V8A C27   N31    sing N N 178 
V8A N6    C2     sing N N 179 
V8A O142  C143   sing N N 180 
V8A O142  C141   sing N N 181 
V8A C2    C3     doub Y N 182 
V8A C143  C144   sing N N 183 
V8A C5    C10    doub Y N 184 
V8A C5    C4     sing Y N 185 
V8A C10   C9     sing Y N 186 
V8A N31   C36    sing N N 187 
V8A C144  N139   sing N N 188 
V8A O34   C35    sing N N 189 
V8A C141  C140   sing N N 190 
V8A C3    C4     sing Y N 191 
V8A C3    C13    sing N N 192 
V8A C4    C7     doub Y N 193 
V8A C36   C35    sing N N 194 
V8A C9    N3     sing N N 195 
V8A C9    C8     doub Y N 196 
V8A N3    C118   sing N N 197 
V8A C140  N139   sing N N 198 
V8A N139  C121   sing N N 199 
V8A C121  C120   sing N N 200 
V8A O4    C13    doub N N 201 
V8A C13   N2     sing N N 202 
V8A C120  C118   sing N N 203 
V8A C7    C8     sing Y N 204 
V8A C7    C14    sing N N 205 
V8A N2    C14    sing N N 206 
V8A N2    C18    sing N N 207 
V8A C14   O1     doub N N 208 
V8A C18   C56    sing N N 209 
V8A C56   C57    sing N N 210 
V8A C57   N58    sing N N 211 
V8A N58   C59    sing N N 212 
V8A N58   C63    sing N N 213 
V8A C59   C60    sing N N 214 
V8A C63   C62    sing N N 215 
V8A C62   O61    sing N N 216 
V8A C60   O61    sing N N 217 
V8A C18   H1     sing N N 218 
V8A C18   H2     sing N N 219 
V8A C15   H3     sing N N 220 
V8A C15   H4     sing N N 221 
V8A N3    H5     sing N N 222 
V8A C8    H6     sing N N 223 
V8A C1    H7     sing N N 224 
V8A C25   H8     sing N N 225 
V8A C25   H9     sing N N 226 
V8A C26   H10    sing N N 227 
V8A C26   H11    sing N N 228 
V8A C27   H12    sing N N 229 
V8A C27   H13    sing N N 230 
V8A C32   H14    sing N N 231 
V8A C32   H15    sing N N 232 
V8A C33   H16    sing N N 233 
V8A C33   H17    sing N N 234 
V8A C35   H18    sing N N 235 
V8A C35   H19    sing N N 236 
V8A C36   H20    sing N N 237 
V8A C36   H21    sing N N 238 
V8A C56   H22    sing N N 239 
V8A C56   H23    sing N N 240 
V8A C57   H24    sing N N 241 
V8A C57   H25    sing N N 242 
V8A C59   H26    sing N N 243 
V8A C59   H27    sing N N 244 
V8A C60   H28    sing N N 245 
V8A C60   H29    sing N N 246 
V8A C62   H30    sing N N 247 
V8A C62   H31    sing N N 248 
V8A C63   H32    sing N N 249 
V8A C63   H33    sing N N 250 
V8A C80   H34    sing N N 251 
V8A C80   H35    sing N N 252 
V8A C81   H36    sing N N 253 
V8A C81   H37    sing N N 254 
V8A C83   H38    sing N N 255 
V8A C83   H39    sing N N 256 
V8A C84   H40    sing N N 257 
V8A C84   H41    sing N N 258 
V8A C86   H42    sing N N 259 
V8A C86   H43    sing N N 260 
V8A C87   H44    sing N N 261 
V8A C87   H45    sing N N 262 
V8A N6    H48    sing N N 263 
V8A C118  H50    sing N N 264 
V8A C118  H51    sing N N 265 
V8A C120  H52    sing N N 266 
V8A C120  H53    sing N N 267 
V8A C121  H54    sing N N 268 
V8A C121  H55    sing N N 269 
V8A C140  H56    sing N N 270 
V8A C140  H57    sing N N 271 
V8A C141  H58    sing N N 272 
V8A C141  H59    sing N N 273 
V8A C143  H60    sing N N 274 
V8A C143  H61    sing N N 275 
V8A C144  H62    sing N N 276 
V8A C144  H63    sing N N 277 
# 
_ndb_struct_conf_na.entry_id   6XRQ 
_ndb_struct_conf_na.feature    'double helix' 
# 
loop_
_ndb_struct_na_base_pair.model_number 
_ndb_struct_na_base_pair.i_label_asym_id 
_ndb_struct_na_base_pair.i_label_comp_id 
_ndb_struct_na_base_pair.i_label_seq_id 
_ndb_struct_na_base_pair.i_symmetry 
_ndb_struct_na_base_pair.j_label_asym_id 
_ndb_struct_na_base_pair.j_label_comp_id 
_ndb_struct_na_base_pair.j_label_seq_id 
_ndb_struct_na_base_pair.j_symmetry 
_ndb_struct_na_base_pair.shear 
_ndb_struct_na_base_pair.stretch 
_ndb_struct_na_base_pair.stagger 
_ndb_struct_na_base_pair.buckle 
_ndb_struct_na_base_pair.propeller 
_ndb_struct_na_base_pair.opening 
_ndb_struct_na_base_pair.pair_number 
_ndb_struct_na_base_pair.pair_name 
_ndb_struct_na_base_pair.i_auth_asym_id 
_ndb_struct_na_base_pair.i_auth_seq_id 
_ndb_struct_na_base_pair.i_PDB_ins_code 
_ndb_struct_na_base_pair.j_auth_asym_id 
_ndb_struct_na_base_pair.j_auth_seq_id 
_ndb_struct_na_base_pair.j_PDB_ins_code 
_ndb_struct_na_base_pair.hbond_type_28 
_ndb_struct_na_base_pair.hbond_type_12 
1 B G 7  1_555 B G 2  1_555 -1.403 -3.540 0.287  0.425   -0.189 90.677   1 A_G7:G2_A   A 7  ? A 2  ? 6  3 
1 B G 6  1_555 B G 1  1_555 -1.695 -3.405 -0.024 -1.895  3.765  89.769   2 A_G6:G1_A   A 6  ? A 1  ? 6  3 
1 A C 5  1_555 B C 5  1_555 -2.021 -1.295 -0.135 -17.511 -2.332 -179.037 3 B_C5:C5_A   B 5  ? A 5  ? 15 2 
1 B G 13 1_555 B G 10 1_555 -1.706 -3.460 -0.006 -1.111  2.923  89.994   4 A_G13:G10_A A 13 ? A 10 ? 6  3 
1 B G 9  1_555 B G 12 1_555 1.483  3.449  -0.276 2.450   -1.587 -91.380  5 A_G9:G12_A  A 9  ? A 12 ? 6  3 
1 A G 12 1_555 A G 9  1_555 -1.561 -3.461 0.115  -2.347  3.077  90.733   6 B_G12:G9_B  B 12 ? B 9  ? 6  3 
# 
loop_
_ndb_struct_na_base_pair_step.model_number 
_ndb_struct_na_base_pair_step.i_label_asym_id_1 
_ndb_struct_na_base_pair_step.i_label_comp_id_1 
_ndb_struct_na_base_pair_step.i_label_seq_id_1 
_ndb_struct_na_base_pair_step.i_symmetry_1 
_ndb_struct_na_base_pair_step.j_label_asym_id_1 
_ndb_struct_na_base_pair_step.j_label_comp_id_1 
_ndb_struct_na_base_pair_step.j_label_seq_id_1 
_ndb_struct_na_base_pair_step.j_symmetry_1 
_ndb_struct_na_base_pair_step.i_label_asym_id_2 
_ndb_struct_na_base_pair_step.i_label_comp_id_2 
_ndb_struct_na_base_pair_step.i_label_seq_id_2 
_ndb_struct_na_base_pair_step.i_symmetry_2 
_ndb_struct_na_base_pair_step.j_label_asym_id_2 
_ndb_struct_na_base_pair_step.j_label_comp_id_2 
_ndb_struct_na_base_pair_step.j_label_seq_id_2 
_ndb_struct_na_base_pair_step.j_symmetry_2 
_ndb_struct_na_base_pair_step.shift 
_ndb_struct_na_base_pair_step.slide 
_ndb_struct_na_base_pair_step.rise 
_ndb_struct_na_base_pair_step.tilt 
_ndb_struct_na_base_pair_step.roll 
_ndb_struct_na_base_pair_step.twist 
_ndb_struct_na_base_pair_step.x_displacement 
_ndb_struct_na_base_pair_step.y_displacement 
_ndb_struct_na_base_pair_step.helical_rise 
_ndb_struct_na_base_pair_step.inclination 
_ndb_struct_na_base_pair_step.tip 
_ndb_struct_na_base_pair_step.helical_twist 
_ndb_struct_na_base_pair_step.step_number 
_ndb_struct_na_base_pair_step.step_name 
_ndb_struct_na_base_pair_step.i_auth_asym_id_1 
_ndb_struct_na_base_pair_step.i_auth_seq_id_1 
_ndb_struct_na_base_pair_step.i_PDB_ins_code_1 
_ndb_struct_na_base_pair_step.j_auth_asym_id_1 
_ndb_struct_na_base_pair_step.j_auth_seq_id_1 
_ndb_struct_na_base_pair_step.j_PDB_ins_code_1 
_ndb_struct_na_base_pair_step.i_auth_asym_id_2 
_ndb_struct_na_base_pair_step.i_auth_seq_id_2 
_ndb_struct_na_base_pair_step.i_PDB_ins_code_2 
_ndb_struct_na_base_pair_step.j_auth_asym_id_2 
_ndb_struct_na_base_pair_step.j_auth_seq_id_2 
_ndb_struct_na_base_pair_step.j_PDB_ins_code_2 
1 B G 7  1_555 B G 2  1_555 B G 6  1_555 B G 1  1_555 0.558 1.497  3.227  -3.055 0.043  -44.438  -1.979 0.457 3.256  -0.057 -4.033 
-44.538  1 AA_G7G6:G1G2_AA    A 7  ? A 2  ? A 6  ? A 1  ? 
1 B G 6  1_555 B G 1  1_555 A C 5  1_555 B C 5  1_555 1.092 -0.040 6.528  -0.196 -1.980 -28.824  0.958  2.101 6.518  3.972  -0.392 
-28.891  2 AB_G6C5:C5G1_AA    A 6  ? A 1  ? B 5  ? A 5  ? 
1 B G 13 1_555 B G 10 1_555 B G 9  1_555 B G 12 1_555 0.450 0.948  -3.188 -1.095 -5.694 -31.632  -2.677 0.998 -2.960 10.337 -1.988 
-32.145  3 AA_G13G9:G12G10_AA A 13 ? A 10 ? A 9  ? A 12 ? 
1 B G 9  1_555 B G 12 1_555 A G 12 1_555 A G 9  1_555 1.573 3.450  0.013  -3.085 0.918  -179.580 -1.725 0.786 0.013  -0.459 -1.543 
-179.580 4 AB_G9G12:G9G12_BA  A 9  ? A 12 ? B 12 ? B 9  ? 
# 
_pdbx_entity_instance_feature.ordinal        1 
_pdbx_entity_instance_feature.comp_id        V8A 
_pdbx_entity_instance_feature.asym_id        ? 
_pdbx_entity_instance_feature.seq_num        ? 
_pdbx_entity_instance_feature.auth_comp_id   V8A 
_pdbx_entity_instance_feature.auth_asym_id   ? 
_pdbx_entity_instance_feature.auth_seq_num   ? 
_pdbx_entity_instance_feature.feature_type   'SUBJECT OF INVESTIGATION' 
_pdbx_entity_instance_feature.details        ? 
# 
_pdbx_initial_refinement_model.id               1 
_pdbx_initial_refinement_model.entity_id_list   ? 
_pdbx_initial_refinement_model.type             'experimental model' 
_pdbx_initial_refinement_model.source_name      PDB 
_pdbx_initial_refinement_model.accession_code   6JJH 
_pdbx_initial_refinement_model.details          ? 
# 
_publ.section_references   
;Evans, P. (2006) Acta Cryst. D62, 72-82.
Evans, P. R. and Murshudov, G. N. (2013) Acta Cryst. D69, 1204-1214.
Winn, M. D. et al. (2011) Acta Cryst. D67, 235-242.
Winter, G. (2010) J. Appl. Cryst. 43, 186-190.
Winter, G. et al. (2018) Acta Cryst. D74, 85-97.
;
_publ.entry_id             6XRQ 
# 
_space_group.crystal_system   monoclinic 
_space_group.IT_number        4 
_space_group.id               1 
# 
_atom_sites.entry_id                    6XRQ 
_atom_sites.Cartn_transf_matrix[1][1]   ? 
_atom_sites.Cartn_transf_matrix[1][2]   ? 
_atom_sites.Cartn_transf_matrix[1][3]   ? 
_atom_sites.Cartn_transf_matrix[2][1]   ? 
_atom_sites.Cartn_transf_matrix[2][2]   ? 
_atom_sites.Cartn_transf_matrix[2][3]   ? 
_atom_sites.Cartn_transf_matrix[3][1]   ? 
_atom_sites.Cartn_transf_matrix[3][2]   ? 
_atom_sites.Cartn_transf_matrix[3][3]   ? 
_atom_sites.Cartn_transf_vector[1]      ? 
_atom_sites.Cartn_transf_vector[2]      ? 
_atom_sites.Cartn_transf_vector[3]      ? 
_atom_sites.fract_transf_matrix[1][1]   0.01780890 
_atom_sites.fract_transf_matrix[1][2]   0.00088744 
_atom_sites.fract_transf_matrix[1][3]   -0.03140887 
_atom_sites.fract_transf_matrix[2][1]   0.00772580 
_atom_sites.fract_transf_matrix[2][2]   0.02080338 
_atom_sites.fract_transf_matrix[2][3]   0.00496834 
_atom_sites.fract_transf_matrix[3][1]   0.03134363 
_atom_sites.fract_transf_matrix[3][2]   -0.01283270 
_atom_sites.fract_transf_matrix[3][3]   0.00499338 
_atom_sites.fract_transf_vector[1]      0.306569 
_atom_sites.fract_transf_vector[2]      -0.224945 
_atom_sites.fract_transf_vector[3]      0.309411 
_atom_sites.solution_primary            ? 
_atom_sites.solution_secondary          ? 
_atom_sites.solution_hydrogens          ? 
_atom_sites.special_details             ? 
# 
loop_
_atom_type.symbol 
_atom_type.pdbx_scat_Z 
_atom_type.pdbx_N_electrons 
_atom_type.scat_Cromer_Mann_a1 
_atom_type.scat_Cromer_Mann_b1 
_atom_type.scat_Cromer_Mann_a2 
_atom_type.scat_Cromer_Mann_b2 
_atom_type.scat_Cromer_Mann_a3 
_atom_type.scat_Cromer_Mann_b3 
_atom_type.scat_Cromer_Mann_a4 
_atom_type.scat_Cromer_Mann_b4 
_atom_type.scat_Cromer_Mann_c 
C 6  6  2.310  20.844 1.020 10.208 1.589 0.569   0.865 51.651 0.216   
H 1  1  0.493  10.511 0.323 26.126 0.140 3.142   0.041 57.800 0.003   
K 19 19 8.219  12.795 7.440 0.775  1.052 213.187 0.866 41.684 1.689   
N 7  7  12.222 0.006  3.135 9.893  2.014 28.997  1.167 0.583  -11.538 
O 8  8  3.049  13.277 2.287 5.701  1.546 0.324   0.867 32.909 0.251   
P 15 15 6.435  1.907  4.179 27.157 1.780 0.526   1.491 68.164 1.265   
# 
loop_
_atom_site.group_PDB 
_atom_site.id 
_atom_site.type_symbol 
_atom_site.label_atom_id 
_atom_site.label_alt_id 
_atom_site.label_comp_id 
_atom_site.label_asym_id 
_atom_site.label_entity_id 
_atom_site.label_seq_id 
_atom_site.pdbx_PDB_ins_code 
_atom_site.Cartn_x 
_atom_site.Cartn_y 
_atom_site.Cartn_z 
_atom_site.occupancy 
_atom_site.B_iso_or_equiv 
_atom_site.pdbx_formal_charge 
_atom_site.auth_seq_id 
_atom_site.auth_comp_id 
_atom_site.auth_asym_id 
_atom_site.auth_atom_id 
_atom_site.pdbx_PDB_model_num 
ATOM   1   O "O5'" . G   A 1 1  ? 1.414   -3.043  -9.109  1.000 14.312 ? 1   G   B "O5'" 1 
ATOM   2   C "C5'" . G   A 1 1  ? 0.937   -2.816  -10.439 1.000 15.264 ? 1   G   B "C5'" 1 
ATOM   3   C "C4'" . G   A 1 1  ? -0.362  -2.076  -10.379 1.000 15.913 ? 1   G   B "C4'" 1 
ATOM   4   O "O4'" . G   A 1 1  ? -1.321  -2.808  -9.577  1.000 14.045 ? 1   G   B "O4'" 1 
ATOM   5   C "C3'" . G   A 1 1  ? -0.290  -0.726  -9.683  1.000 15.495 ? 1   G   B "C3'" 1 
ATOM   6   O "O3'" . G   A 1 1  ? 0.176   0.230   -10.634 1.000 16.153 ? 1   G   B "O3'" 1 
ATOM   7   C "C2'" . G   A 1 1  ? -1.738  -0.495  -9.273  1.000 16.049 ? 1   G   B "C2'" 1 
ATOM   8   O "O2'" . G   A 1 1  ? -2.488  0.106   -10.336 1.000 17.811 ? 1   G   B "O2'" 1 
ATOM   9   C "C1'" . G   A 1 1  ? -2.231  -1.916  -8.983  1.000 14.566 ? 1   G   B "C1'" 1 
ATOM   10  N N9    . G   A 1 1  ? -2.360  -2.206  -7.538  1.000 12.328 ? 1   G   B N9    1 
ATOM   11  C C8    . G   A 1 1  ? -3.524  -2.078  -6.819  1.000 12.692 ? 1   G   B C8    1 
ATOM   12  N N7    . G   A 1 1  ? -3.372  -2.354  -5.550  1.000 13.098 ? 1   G   B N7    1 
ATOM   13  C C5    . G   A 1 1  ? -2.012  -2.546  -5.397  1.000 11.873 ? 1   G   B C5    1 
ATOM   14  C C6    . G   A 1 1  ? -1.269  -2.879  -4.241  1.000 9.569  ? 1   G   B C6    1 
ATOM   15  O O6    . G   A 1 1  ? -1.674  -3.011  -3.090  1.000 10.190 ? 1   G   B O6    1 
ATOM   16  N N1    . G   A 1 1  ? 0.087   -3.041  -4.536  1.000 9.576  ? 1   G   B N1    1 
ATOM   17  C C2    . G   A 1 1  ? 0.634   -2.923  -5.793  1.000 10.217 ? 1   G   B C2    1 
ATOM   18  N N2    . G   A 1 1  ? 1.951   -3.155  -5.902  1.000 11.263 ? 1   G   B N2    1 
ATOM   19  N N3    . G   A 1 1  ? -0.062  -2.638  -6.880  1.000 10.929 ? 1   G   B N3    1 
ATOM   20  C C4    . G   A 1 1  ? -1.369  -2.486  -6.616  1.000 11.739 ? 1   G   B C4    1 
ATOM   21  P P     . G   A 1 2  ? 1.250   1.343   -10.265 1.000 16.439 ? 2   G   B P     1 
ATOM   22  O OP1   . G   A 1 2  ? 0.980   1.903   -8.945  1.000 15.654 ? 2   G   B OP1   1 
ATOM   23  O OP2   . G   A 1 2  ? 1.340   2.275   -11.477 1.000 19.660 ? 2   G   B OP2   1 
ATOM   24  O "O5'" . G   A 1 2  ? 2.572   0.471   -10.237 1.000 17.204 ? 2   G   B "O5'" 1 
ATOM   25  C "C5'" . G   A 1 2  ? 3.868   1.122   -10.275 1.000 16.162 ? 2   G   B "C5'" 1 
ATOM   26  C "C4'" . G   A 1 2  ? 4.846   0.504   -9.313  1.000 15.360 ? 2   G   B "C4'" 1 
ATOM   27  O "O4'" . G   A 1 2  ? 4.427   0.850   -7.957  1.000 15.067 ? 2   G   B "O4'" 1 
ATOM   28  C "C3'" . G   A 1 2  ? 4.954   -1.013  -9.348  1.000 16.093 ? 2   G   B "C3'" 1 
ATOM   29  O "O3'" . G   A 1 2  ? 6.289   -1.436  -9.089  1.000 17.037 ? 2   G   B "O3'" 1 
ATOM   30  C "C2'" . G   A 1 2  ? 4.120   -1.452  -8.142  1.000 15.293 ? 2   G   B "C2'" 1 
ATOM   31  O "O2'" . G   A 1 2  ? 4.462   -2.714  -7.629  1.000 14.863 ? 2   G   B "O2'" 1 
ATOM   32  C "C1'" . G   A 1 2  ? 4.402   -0.312  -7.157  1.000 13.299 ? 2   G   B "C1'" 1 
ATOM   33  N N9    . G   A 1 2  ? 3.345   -0.148  -6.145  1.000 11.756 ? 2   G   B N9    1 
ATOM   34  C C8    . G   A 1 2  ? 2.050   0.244   -6.397  1.000 11.364 ? 2   G   B C8    1 
ATOM   35  N N7    . G   A 1 2  ? 1.291   0.218   -5.337  1.000 11.173 ? 2   G   B N7    1 
ATOM   36  C C5    . G   A 1 2  ? 2.136   -0.205  -4.320  1.000 10.187 ? 2   G   B C5    1 
ATOM   37  C C6    . G   A 1 2  ? 1.858   -0.465  -2.965  1.000 10.196 ? 2   G   B C6    1 
ATOM   38  O O6    . G   A 1 2  ? 0.775   -0.367  -2.370  1.000 10.225 ? 2   G   B O6    1 
ATOM   39  N N1    . G   A 1 2  ? 2.990   -0.904  -2.283  1.000 10.057 ? 2   G   B N1    1 
ATOM   40  C C2    . G   A 1 2  ? 4.226   -1.078  -2.843  1.000 10.866 ? 2   G   B C2    1 
ATOM   41  N N2    . G   A 1 2  ? 5.190   -1.505  -2.008  1.000 10.593 ? 2   G   B N2    1 
ATOM   42  N N3    . G   A 1 2  ? 4.496   -0.860  -4.116  1.000 10.697 ? 2   G   B N3    1 
ATOM   43  C C4    . G   A 1 2  ? 3.406   -0.436  -4.798  1.000 10.616 ? 2   G   B C4    1 
ATOM   44  P P     . C   A 1 3  ? 7.332   -1.753  -10.296 1.000 19.202 ? 3   C   B P     1 
ATOM   45  O OP1   . C   A 1 3  ? 8.602   -2.130  -9.677  1.000 24.419 ? 3   C   B OP1   1 
ATOM   46  O OP2   . C   A 1 3  ? 7.300   -0.608  -11.239 1.000 23.473 ? 3   C   B OP2   1 
ATOM   47  O "O5'" . C   A 1 3  ? 6.642   -3.000  -11.033 1.000 17.147 ? 3   C   B "O5'" 1 
ATOM   48  C "C5'" . C   A 1 3  ? 6.464   -4.251  -10.356 1.000 16.611 ? 3   C   B "C5'" 1 
ATOM   49  C "C4'" . C   A 1 3  ? 5.825   -5.221  -11.278 1.000 14.649 ? 3   C   B "C4'" 1 
ATOM   50  O "O4'" . C   A 1 3  ? 4.478   -4.757  -11.571 1.000 13.996 ? 3   C   B "O4'" 1 
ATOM   51  C "C3'" . C   A 1 3  ? 6.525   -5.402  -12.628 1.000 15.267 ? 3   C   B "C3'" 1 
ATOM   52  O "O3'" . C   A 1 3  ? 6.339   -6.736  -13.083 1.000 16.191 ? 3   C   B "O3'" 1 
ATOM   53  C "C2'" . C   A 1 3  ? 5.674   -4.507  -13.540 1.000 15.513 ? 3   C   B "C2'" 1 
ATOM   54  O "O2'" . C   A 1 3  ? 5.793   -4.869  -14.912 1.000 17.724 ? 3   C   B "O2'" 1 
ATOM   55  C "C1'" . C   A 1 3  ? 4.276   -4.741  -12.972 1.000 15.947 ? 3   C   B "C1'" 1 
ATOM   56  N N1    . C   A 1 3  ? 3.273   -3.712  -13.269 1.000 14.716 ? 3   C   B N1    1 
ATOM   57  C C2    . C   A 1 3  ? 1.970   -4.118  -13.539 1.000 14.868 ? 3   C   B C2    1 
ATOM   58  O O2    . C   A 1 3  ? 1.717   -5.324  -13.581 1.000 18.374 ? 3   C   B O2    1 
ATOM   59  N N3    . C   A 1 3  ? 1.035   -3.183  -13.835 1.000 17.123 ? 3   C   B N3    1 
ATOM   60  C C4    . C   A 1 3  ? 1.351   -1.889  -13.775 1.000 16.686 ? 3   C   B C4    1 
ATOM   61  N N4    . C   A 1 3  ? 0.395   -0.999  -14.074 1.000 21.537 ? 3   C   B N4    1 
ATOM   62  C C5    . C   A 1 3  ? 2.672   -1.445  -13.491 1.000 17.154 ? 3   C   B C5    1 
ATOM   63  C C6    . C   A 1 3  ? 3.584   -2.383  -13.190 1.000 15.266 ? 3   C   B C6    1 
ATOM   64  P P     . U   A 1 4  ? 7.468   -7.888  -12.956 1.000 16.175 ? 4   U   B P     1 
ATOM   65  O OP1   . U   A 1 4  ? 8.813   -7.255  -12.792 1.000 19.245 ? 4   U   B OP1   1 
ATOM   66  O OP2   . U   A 1 4  ? 7.140   -8.830  -14.037 1.000 17.593 ? 4   U   B OP2   1 
ATOM   67  O "O5'" . U   A 1 4  ? 7.131   -8.521  -11.550 1.000 15.415 ? 4   U   B "O5'" 1 
ATOM   68  C "C5'" . U   A 1 4  ? 5.938   -9.310  -11.356 1.000 14.911 ? 4   U   B "C5'" 1 
ATOM   69  C "C4'" . U   A 1 4  ? 6.051   -10.065 -10.058 1.000 13.367 ? 4   U   B "C4'" 1 
ATOM   70  O "O4'" . U   A 1 4  ? 7.035   -11.138 -10.227 1.000 11.918 ? 4   U   B "O4'" 1 
ATOM   71  C "C3'" . U   A 1 4  ? 6.531   -9.269  -8.842  1.000 12.969 ? 4   U   B "C3'" 1 
ATOM   72  O "O3'" . U   A 1 4  ? 5.979   -9.806  -7.632  1.000 13.476 ? 4   U   B "O3'" 1 
ATOM   73  C "C2'" . U   A 1 4  ? 8.019   -9.591  -8.828  1.000 12.218 ? 4   U   B "C2'" 1 
ATOM   74  O "O2'" . U   A 1 4  ? 8.669   -9.373  -7.597  1.000 15.780 ? 4   U   B "O2'" 1 
ATOM   75  C "C1'" . U   A 1 4  ? 7.973   -11.061 -9.199  1.000 11.707 ? 4   U   B "C1'" 1 
ATOM   76  N N1    . U   A 1 4  ? 9.251   -11.588 -9.691  1.000 10.795 ? 4   U   B N1    1 
ATOM   77  C C2    . U   A 1 4  ? 9.971   -12.419 -8.860  1.000 10.698 ? 4   U   B C2    1 
ATOM   78  O O2    . U   A 1 4  ? 9.617   -12.707 -7.728  1.000 11.891 ? 4   U   B O2    1 
ATOM   79  N N3    . U   A 1 4  ? 11.124  -12.928 -9.403  1.000 11.988 ? 4   U   B N3    1 
ATOM   80  C C4    . U   A 1 4  ? 11.602  -12.702 -10.675 1.000 12.617 ? 4   U   B C4    1 
ATOM   81  O O4    . U   A 1 4  ? 12.663  -13.232 -11.028 1.000 13.855 ? 4   U   B O4    1 
ATOM   82  C C5    . U   A 1 4  ? 10.793  -11.842 -11.474 1.000 13.236 ? 4   U   B C5    1 
ATOM   83  C C6    . U   A 1 4  ? 9.673   -11.330 -10.968 1.000 11.869 ? 4   U   B C6    1 
ATOM   84  P P     . C   A 1 5  ? 4.386   -9.687  -7.219  1.000 15.921 ? 5   C   B P     1 
ATOM   85  O OP1   . C   A 1 5  ? 3.618   -10.931 -7.690  1.000 16.924 ? 5   C   B OP1   1 
ATOM   86  O OP2   . C   A 1 5  ? 3.984   -8.444  -7.634  1.000 15.226 ? 5   C   B OP2   1 
ATOM   87  O "O5'" . C   A 1 5  ? 4.459   -9.705  -5.655  1.000 15.044 ? 5   C   B "O5'" 1 
ATOM   88  C "C5'" . C   A 1 5  ? 4.832   -8.581  -4.817  1.000 13.484 ? 5   C   B "C5'" 1 
ATOM   89  C "C4'" . C   A 1 5  ? 4.355   -8.917  -3.441  1.000 13.145 ? 5   C   B "C4'" 1 
ATOM   90  O "O4'" . C   A 1 5  ? 2.887   -8.849  -3.457  1.000 12.696 ? 5   C   B "O4'" 1 
ATOM   91  C "C3'" . C   A 1 5  ? 4.655   -10.354 -3.053  1.000 13.713 ? 5   C   B "C3'" 1 
ATOM   92  O "O3'" . C   A 1 5  ? 5.027   -10.379 -1.709  1.000 15.693 ? 5   C   B "O3'" 1 
ATOM   93  C "C2'" . C   A 1 5  ? 3.317   -11.106 -3.188  1.000 12.866 ? 5   C   B "C2'" 1 
ATOM   94  O "O2'" . C   A 1 5  ? 3.089   -12.112 -2.186  1.000 16.912 ? 5   C   B "O2'" 1 
ATOM   95  C "C1'" . C   A 1 5  ? 2.346   -10.016 -2.824  1.000 12.586 ? 5   C   B "C1'" 1 
ATOM   96  N N1    . C   A 1 5  ? 0.981   -10.134 -3.302  1.000 11.812 ? 5   C   B N1    1 
ATOM   97  C C2    . C   A 1 5  ? -0.096  -10.111 -2.396  1.000 10.347 ? 5   C   B C2    1 
ATOM   98  O O2    . C   A 1 5  ? 0.124   -10.277 -1.209  1.000 10.999 ? 5   C   B O2    1 
ATOM   99  N N3    . C   A 1 5  ? -1.343  -9.935  -2.881  1.000 10.088 ? 5   C   B N3    1 
ATOM   100 C C4    . C   A 1 5  ? -1.540  -9.778  -4.190  1.000 10.685 ? 5   C   B C4    1 
ATOM   101 N N4    . C   A 1 5  ? -2.764  -9.515  -4.620  1.000 11.672 ? 5   C   B N4    1 
ATOM   102 C C5    . C   A 1 5  ? -0.470  -9.842  -5.125  1.000 10.610 ? 5   C   B C5    1 
ATOM   103 C C6    . C   A 1 5  ? 0.756   -10.048 -4.642  1.000 11.730 ? 5   C   B C6    1 
ATOM   104 P P     . G   A 1 6  ? 6.541   -10.829 -1.299  1.000 16.061 ? 6   G   B P     1 
ATOM   105 O OP1   . G   A 1 6  ? 7.024   -11.924 -2.204  1.000 17.562 ? 6   G   B OP1   1 
ATOM   106 O OP2   . G   A 1 6  ? 6.533   -10.982 0.140   1.000 19.491 ? 6   G   B OP2   1 
ATOM   107 O "O5'" . G   A 1 6  ? 7.410   -9.545  -1.650  1.000 15.876 ? 6   G   B "O5'" 1 
ATOM   108 C "C5'" . G   A 1 6  ? 7.331   -8.336  -0.877  1.000 14.527 ? 6   G   B "C5'" 1 
ATOM   109 C "C4'" . G   A 1 6  ? 7.936   -7.221  -1.677  1.000 15.008 ? 6   G   B "C4'" 1 
ATOM   110 O "O4'" . G   A 1 6  ? 7.086   -6.970  -2.824  1.000 13.283 ? 6   G   B "O4'" 1 
ATOM   111 C "C3'" . G   A 1 6  ? 8.060   -5.879  -0.969  1.000 14.741 ? 6   G   B "C3'" 1 
ATOM   112 O "O3'" . G   A 1 6  ? 9.350   -5.830  -0.279  1.000 17.075 ? 6   G   B "O3'" 1 
ATOM   113 C "C2'" . G   A 1 6  ? 8.012   -4.900  -2.144  1.000 14.407 ? 6   G   B "C2'" 1 
ATOM   114 O "O2'" . G   A 1 6  ? 9.250   -4.696  -2.818  1.000 19.247 ? 6   G   B "O2'" 1 
ATOM   115 C "C1'" . G   A 1 6  ? 7.067   -5.602  -3.121  1.000 13.213 ? 6   G   B "C1'" 1 
ATOM   116 N N9    . G   A 1 6  ? 5.684   -5.137  -3.140  1.000 11.204 ? 6   G   B N9    1 
ATOM   117 C C8    . G   A 1 6  ? 5.054   -4.621  -4.244  1.000 10.668 ? 6   G   B C8    1 
ATOM   118 N N7    . G   A 1 6  ? 3.826   -4.243  -4.005  1.000 10.592 ? 6   G   B N7    1 
ATOM   119 C C5    . G   A 1 6  ? 3.643   -4.507  -2.656  1.000 10.219 ? 6   G   B C5    1 
ATOM   120 C C6    . G   A 1 6  ? 2.526   -4.265  -1.822  1.000 10.584 ? 6   G   B C6    1 
ATOM   121 O O6    . G   A 1 6  ? 1.434   -3.762  -2.134  1.000 10.444 ? 6   G   B O6    1 
ATOM   122 N N1    . G   A 1 6  ? 2.769   -4.654  -0.503  1.000 9.785  ? 6   G   B N1    1 
ATOM   123 C C2    . G   A 1 6  ? 3.936   -5.257  -0.071  1.000 9.838  ? 6   G   B C2    1 
ATOM   124 N N2    . G   A 1 6  ? 4.000   -5.572  1.212   1.000 11.009 ? 6   G   B N2    1 
ATOM   125 N N3    . G   A 1 6  ? 4.986   -5.459  -0.838  1.000 10.611 ? 6   G   B N3    1 
ATOM   126 C C4    . G   A 1 6  ? 4.782   -5.052  -2.101  1.000 9.771  ? 6   G   B C4    1 
ATOM   127 P P     A G   A 1 7  ? 9.474   -6.084  1.342   0.540 17.453 ? 7   G   B P     1 
ATOM   128 P P     B G   A 1 7  ? 9.755   -4.517  0.585   0.460 17.537 ? 7   G   B P     1 
ATOM   129 O OP1   A G   A 1 7  ? 10.961  -6.248  1.660   0.540 18.025 ? 7   G   B OP1   1 
ATOM   130 O OP1   B G   A 1 7  ? 9.029   -3.318  0.117   0.460 18.891 ? 7   G   B OP1   1 
ATOM   131 O OP2   A G   A 1 7  ? 8.566   -7.138  1.734   0.540 16.322 ? 7   G   B OP2   1 
ATOM   132 O OP2   B G   A 1 7  ? 11.251  -4.499  0.678   0.460 21.497 ? 7   G   B OP2   1 
ATOM   133 O "O5'" A G   A 1 7  ? 9.055   -4.667  1.920   0.540 16.477 ? 7   G   B "O5'" 1 
ATOM   134 O "O5'" B G   A 1 7  ? 9.121   -4.809  2.017   0.460 17.720 ? 7   G   B "O5'" 1 
ATOM   135 C "C5'" A G   A 1 7  ? 9.676   -4.155  3.124   0.540 16.677 ? 7   G   B "C5'" 1 
ATOM   136 C "C5'" B G   A 1 7  ? 9.556   -3.978  3.129   0.460 17.255 ? 7   G   B "C5'" 1 
ATOM   137 C "C4'" A G   A 1 7  ? 8.622   -3.849  4.155   0.540 15.623 ? 7   G   B "C4'" 1 
ATOM   138 C "C4'" B G   A 1 7  ? 8.544   -3.896  4.257   0.460 16.105 ? 7   G   B "C4'" 1 
ATOM   139 O "O4'" A G   A 1 7  ? 7.681   -2.883  3.589   0.540 15.103 ? 7   G   B "O4'" 1 
ATOM   140 O "O4'" B G   A 1 7  ? 7.505   -2.917  3.942   0.460 15.657 ? 7   G   B "O4'" 1 
ATOM   141 C "C3'" A G   A 1 7  ? 7.797   -5.046  4.631   0.540 16.751 ? 7   G   B "C3'" 1 
ATOM   142 C "C3'" B G   A 1 7  ? 7.799   -5.166  4.632   0.460 16.826 ? 7   G   B "C3'" 1 
ATOM   143 O "O3'" A G   A 1 7  ? 7.362   -5.017  6.002   0.540 19.141 ? 7   G   B "O3'" 1 
ATOM   144 O "O3'" B G   A 1 7  ? 7.353   -5.076  5.989   0.460 19.301 ? 7   G   B "O3'" 1 
ATOM   145 C "C2'" A G   A 1 7  ? 6.499   -4.878  3.835   0.540 15.397 ? 7   G   B "C2'" 1 
ATOM   146 C "C2'" B G   A 1 7  ? 6.537   -5.022  3.793   0.460 15.516 ? 7   G   B "C2'" 1 
ATOM   147 O "O2'" A G   A 1 7  ? 5.391   -5.478  4.447   0.540 15.952 ? 7   G   B "O2'" 1 
ATOM   148 O "O2'" B G   A 1 7  ? 5.458   -5.821  4.176   0.460 15.521 ? 7   G   B "O2'" 1 
ATOM   149 C "C1'" A G   A 1 7  ? 6.368   -3.354  3.796   0.540 14.270 ? 7   G   B "C1'" 1 
ATOM   150 C "C1'" B G   A 1 7  ? 6.240   -3.538  3.993   0.460 14.206 ? 7   G   B "C1'" 1 
ATOM   151 N N9    A G   A 1 7  ? 5.499   -2.845  2.729   0.540 12.182 ? 7   G   B N9    1 
ATOM   152 N N9    B G   A 1 7  ? 5.431   -2.994  2.914   0.460 12.796 ? 7   G   B N9    1 
ATOM   153 C C8    A G   A 1 7  ? 5.802   -2.690  1.398   0.540 11.887 ? 7   G   B C8    1 
ATOM   154 C C8    B G   A 1 7  ? 5.813   -2.880  1.601   0.460 11.728 ? 7   G   B C8    1 
ATOM   155 N N7    A G   A 1 7  ? 4.793   -2.251  0.689   0.540 10.922 ? 7   G   B N7    1 
ATOM   156 N N7    B G   A 1 7  ? 4.874   -2.391  0.837   0.460 11.693 ? 7   G   B N7    1 
ATOM   157 C C5    A G   A 1 7  ? 3.760   -2.119  1.608   0.540 10.845 ? 7   G   B C5    1 
ATOM   158 C C5    B G   A 1 7  ? 3.806   -2.194  1.696   0.460 11.076 ? 7   G   B C5    1 
ATOM   159 C C6    A G   A 1 7  ? 2.388   -1.719  1.434   0.540 10.509 ? 7   G   B C6    1 
ATOM   160 C C6    B G   A 1 7  ? 2.501   -1.735  1.433   0.460 10.640 ? 7   G   B C6    1 
ATOM   161 O O6    A G   A 1 7  ? 1.797   -1.346  0.387   0.540 10.384 ? 7   G   B O6    1 
ATOM   162 O O6    B G   A 1 7  ? 2.018   -1.366  0.346   0.460 9.981  ? 7   G   B O6    1 
ATOM   163 N N1    A G   A 1 7  ? 1.693   -1.756  2.635   0.540 10.572 ? 7   G   B N1    1 
ATOM   164 N N1    B G   A 1 7  ? 1.722   -1.713  2.582   0.460 10.678 ? 7   G   B N1    1 
ATOM   165 C C2    A G   A 1 7  ? 2.233   -2.072  3.854   0.540 10.979 ? 7   G   B C2    1 
ATOM   166 C C2    B G   A 1 7  ? 2.156   -2.052  3.836   0.460 10.990 ? 7   G   B C2    1 
ATOM   167 N N2    A G   A 1 7  ? 1.395   -2.038  4.897   0.540 11.803 ? 7   G   B N2    1 
ATOM   168 N N2    B G   A 1 7  ? 1.254   -1.940  4.822   0.460 11.800 ? 7   G   B N2    1 
ATOM   169 N N3    A G   A 1 7  ? 3.483   -2.478  4.028   0.540 11.225 ? 7   G   B N3    1 
ATOM   170 N N3    B G   A 1 7  ? 3.369   -2.515  4.094   0.460 11.581 ? 7   G   B N3    1 
ATOM   171 C C4    A G   A 1 7  ? 4.185   -2.471  2.875   0.540 11.727 ? 7   G   B C4    1 
ATOM   172 C C4    B G   A 1 7  ? 4.138   -2.552  2.986   0.460 11.748 ? 7   G   B C4    1 
ATOM   173 P P     . C   A 1 8  ? 7.974   -6.033  7.134   1.000 22.351 ? 8   C   B P     1 
ATOM   174 O OP1   . C   A 1 8  ? 9.313   -5.506  7.467   1.000 28.714 ? 8   C   B OP1   1 
ATOM   175 O OP2   . C   A 1 8  ? 7.847   -7.392  6.647   1.000 25.699 ? 8   C   B OP2   1 
ATOM   176 O "O5'" . C   A 1 8  ? 7.006   -5.788  8.354   1.000 21.017 ? 8   C   B "O5'" 1 
ATOM   177 C "C5'" . C   A 1 8  ? 5.616   -6.147  8.272   1.000 20.095 ? 8   C   B "C5'" 1 
ATOM   178 C "C4'" . C   A 1 8  ? 4.978   -6.063  9.632   1.000 20.478 ? 8   C   B "C4'" 1 
ATOM   179 O "O4'" . C   A 1 8  ? 5.523   -7.082  10.530  1.000 21.150 ? 8   C   B "O4'" 1 
ATOM   180 C "C3'" . C   A 1 8  ? 5.215   -4.778  10.375  1.000 22.263 ? 8   C   B "C3'" 1 
ATOM   181 O "O3'" . C   A 1 8  ? 4.331   -3.820  9.823   1.000 25.069 ? 8   C   B "O3'" 1 
ATOM   182 C "C2'" . C   A 1 8  ? 4.966   -5.187  11.820  1.000 22.784 ? 8   C   B "C2'" 1 
ATOM   183 O "O2'" . C   A 1 8  ? 3.622   -5.343  12.172  1.000 28.263 ? 8   C   B "O2'" 1 
ATOM   184 C "C1'" . C   A 1 8  ? 5.644   -6.558  11.846  1.000 22.248 ? 8   C   B "C1'" 1 
ATOM   185 N N1    . C   A 1 8  ? 7.078   -6.475  12.214  1.000 20.748 ? 8   C   B N1    1 
ATOM   186 C C2    . C   A 1 8  ? 7.409   -6.175  13.537  1.000 22.149 ? 8   C   B C2    1 
ATOM   187 O O2    . C   A 1 8  ? 6.493   -6.057  14.370  1.000 25.277 ? 8   C   B O2    1 
ATOM   188 N N3    . C   A 1 8  ? 8.716   -6.031  13.875  1.000 21.793 ? 8   C   B N3    1 
ATOM   189 C C4    . C   A 1 8  ? 9.664   -6.171  12.945  1.000 23.197 ? 8   C   B C4    1 
ATOM   190 N N4    . C   A 1 8  ? 10.939  -6.040  13.321  1.000 28.243 ? 8   C   B N4    1 
ATOM   191 C C5    . C   A 1 8  ? 9.349   -6.423  11.582  1.000 23.801 ? 8   C   B C5    1 
ATOM   192 C C6    . C   A 1 8  ? 8.055   -6.573  11.265  1.000 21.399 ? 8   C   B C6    1 
ATOM   193 P P     . G   A 1 9  ? 4.685   -2.277  9.925   1.000 24.332 ? 9   G   B P     1 
ATOM   194 O OP1   . G   A 1 9  ? 5.480   -2.059  11.182  1.000 28.452 ? 9   G   B OP1   1 
ATOM   195 O OP2   . G   A 1 9  ? 3.422   -1.516  9.795   1.000 28.640 ? 9   G   B OP2   1 
ATOM   196 O "O5'" . G   A 1 9  ? 5.502   -1.903  8.608   1.000 24.819 ? 9   G   B "O5'" 1 
ATOM   197 C "C5'" . G   A 1 9  ? 6.803   -2.332  8.219   1.000 23.981 ? 9   G   B "C5'" 1 
ATOM   198 C "C4'" . G   A 1 9  ? 7.297   -1.528  7.055   1.000 20.535 ? 9   G   B "C4'" 1 
ATOM   199 O "O4'" . G   A 1 9  ? 6.233   -1.291  6.057   1.000 16.945 ? 9   G   B "O4'" 1 
ATOM   200 C "C3'" . G   A 1 9  ? 7.814   -0.142  7.365   1.000 19.354 ? 9   G   B "C3'" 1 
ATOM   201 O "O3'" . G   A 1 9  ? 8.948   -0.051  6.517   1.000 26.589 ? 9   G   B "O3'" 1 
ATOM   202 C "C2'" . G   A 1 9  ? 6.627   0.720   6.928   1.000 16.579 ? 9   G   B "C2'" 1 
ATOM   203 O "O2'" . G   A 1 9  ? 6.767   2.116   6.883   1.000 20.638 ? 9   G   B "O2'" 1 
ATOM   204 C "C1'" . G   A 1 9  ? 6.310   0.034   5.609   1.000 14.586 ? 9   G   B "C1'" 1 
ATOM   205 N N9    . G   A 1 9  ? 5.012   0.407   5.031   1.000 12.489 ? 9   G   B N9    1 
ATOM   206 C C8    . G   A 1 9  ? 3.820   0.591   5.701   1.000 11.674 ? 9   G   B C8    1 
ATOM   207 N N7    . G   A 1 9  ? 2.836   0.937   4.909   1.000 12.537 ? 9   G   B N7    1 
ATOM   208 C C5    . G   A 1 9  ? 3.425   1.069   3.663   1.000 10.634 ? 9   G   B C5    1 
ATOM   209 C C6    . G   A 1 9  ? 2.852   1.425   2.406   1.000 9.904  ? 9   G   B C6    1 
ATOM   210 O O6    . G   A 1 9  ? 1.662   1.741   2.152   1.000 10.561 ? 9   G   B O6    1 
ATOM   211 N N1    . G   A 1 9  ? 3.805   1.418   1.389   1.000 10.391 ? 9   G   B N1    1 
ATOM   212 C C2    . G   A 1 9  ? 5.141   1.095   1.552   1.000 10.100 ? 9   G   B C2    1 
ATOM   213 N N2    . G   A 1 9  ? 5.885   1.140   0.457   1.000 11.001 ? 9   G   B N2    1 
ATOM   214 N N3    . G   A 1 9  ? 5.675   0.739   2.708   1.000 10.997 ? 9   G   B N3    1 
ATOM   215 C C4    . G   A 1 9  ? 4.761   0.698   3.705   1.000 10.828 ? 9   G   B C4    1 
ATOM   216 P P     . G   A 1 10 ? 10.298  0.834   6.914   1.000 26.225 ? 10  G   B P     1 
ATOM   217 O OP1   . G   A 1 10 ? 11.370  -0.160  7.106   1.000 28.246 ? 10  G   B OP1   1 
ATOM   218 O OP2   . G   A 1 10 ? 9.955   1.792   7.976   1.000 32.729 ? 10  G   B OP2   1 
ATOM   219 O "O5'" . G   A 1 10 ? 10.576  1.650   5.568   1.000 23.330 ? 10  G   B "O5'" 1 
ATOM   220 C "C5'" . G   A 1 10 ? 10.743  0.960   4.311   1.000 19.363 ? 10  G   B "C5'" 1 
ATOM   221 C "C4'" . G   A 1 10 ? 10.728  1.955   3.156   1.000 17.476 ? 10  G   B "C4'" 1 
ATOM   222 O "O4'" . G   A 1 10 ? 9.346   2.196   2.753   1.000 16.168 ? 10  G   B "O4'" 1 
ATOM   223 C "C3'" . G   A 1 10 ? 11.282  3.316   3.476   1.000 15.156 ? 10  G   B "C3'" 1 
ATOM   224 O "O3'" . G   A 1 10 ? 11.913  3.892   2.343   1.000 15.356 ? 10  G   B "O3'" 1 
ATOM   225 C "C2'" . G   A 1 10 ? 9.998   4.101   3.760   1.000 14.223 ? 10  G   B "C2'" 1 
ATOM   226 O "O2'" . G   A 1 10 ? 10.222  5.487   3.863   1.000 14.834 ? 10  G   B "O2'" 1 
ATOM   227 C "C1'" . G   A 1 10 ? 9.109   3.583   2.638   1.000 13.322 ? 10  G   B "C1'" 1 
ATOM   228 N N9    . G   A 1 10 ? 7.670   3.828   2.807   1.000 12.756 ? 10  G   B N9    1 
ATOM   229 C C8    . G   A 1 10 ? 6.931   3.666   3.953   1.000 12.562 ? 10  G   B C8    1 
ATOM   230 N N7    . G   A 1 10 ? 5.665   3.938   3.788   1.000 13.435 ? 10  G   B N7    1 
ATOM   231 C C5    . G   A 1 10 ? 5.562   4.296   2.454   1.000 11.585 ? 10  G   B C5    1 
ATOM   232 C C6    . G   A 1 10 ? 4.413   4.610   1.679   1.000 11.854 ? 10  G   B C6    1 
ATOM   233 O O6    . G   A 1 10 ? 3.243   4.723   2.046   1.000 12.824 ? 10  G   B O6    1 
ATOM   234 N N1    . G   A 1 10 ? 4.739   4.885   0.366   1.000 12.037 ? 10  G   B N1    1 
ATOM   235 C C2    . G   A 1 10 ? 5.993   4.788   -0.166  1.000 12.458 ? 10  G   B C2    1 
ATOM   236 N N2    . G   A 1 10 ? 6.085   5.105   -1.451  1.000 12.794 ? 10  G   B N2    1 
ATOM   237 N N3    . G   A 1 10 ? 7.078   4.461   0.535   1.000 12.633 ? 10  G   B N3    1 
ATOM   238 C C4    . G   A 1 10 ? 6.784   4.195   1.823   1.000 12.162 ? 10  G   B C4    1 
ATOM   239 P P     . C   A 1 11 ? 13.492  3.678   2.024   1.000 16.355 ? 11  C   B P     1 
ATOM   240 O OP1   . C   A 1 11 ? 13.716  2.229   2.055   1.000 18.662 ? 11  C   B OP1   1 
ATOM   241 O OP2   . C   A 1 11 ? 14.304  4.550   2.939   1.000 18.387 ? 11  C   B OP2   1 
ATOM   242 O "O5'" . C   A 1 11 ? 13.585  4.202   0.573   1.000 15.681 ? 11  C   B "O5'" 1 
ATOM   243 C "C5'" . C   A 1 11 ? 12.898  3.503   -0.533  1.000 17.284 ? 11  C   B "C5'" 1 
ATOM   244 C "C4'" . C   A 1 11 ? 13.131  4.233   -1.823  1.000 16.902 ? 11  C   B "C4'" 1 
ATOM   245 O "O4'" . C   A 1 11 ? 14.524  4.133   -2.202  1.000 18.329 ? 11  C   B "O4'" 1 
ATOM   246 C "C3'" . C   A 1 11 ? 12.441  3.663   -3.034  1.000 19.268 ? 11  C   B "C3'" 1 
ATOM   247 O "O3'" . C   A 1 11 ? 11.098  4.068   -3.028  1.000 18.976 ? 11  C   B "O3'" 1 
ATOM   248 C "C2'" . C   A 1 11 ? 13.215  4.291   -4.165  1.000 18.329 ? 11  C   B "C2'" 1 
ATOM   249 O "O2'" . C   A 1 11 ? 12.841  5.623   -4.394  1.000 18.935 ? 11  C   B "O2'" 1 
ATOM   250 C "C1'" . C   A 1 11 ? 14.630  4.210   -3.610  1.000 18.028 ? 11  C   B "C1'" 1 
ATOM   251 N N1    . C   A 1 11 ? 15.392  3.055   -4.094  1.000 22.103 ? 11  C   B N1    1 
ATOM   252 C C2    . C   A 1 11 ? 15.972  3.134   -5.361  1.000 24.872 ? 11  C   B C2    1 
ATOM   253 O O2    . C   A 1 11 ? 15.731  4.128   -6.069  1.000 25.642 ? 11  C   B O2    1 
ATOM   254 N N3    . C   A 1 11 ? 16.693  2.081   -5.821  1.000 26.488 ? 11  C   B N3    1 
ATOM   255 C C4    . C   A 1 11 ? 16.915  1.027   -5.027  1.000 27.035 ? 11  C   B C4    1 
ATOM   256 N N4    . C   A 1 11 ? 17.667  0.030   -5.497  1.000 29.961 ? 11  C   B N4    1 
ATOM   257 C C5    . C   A 1 11 ? 16.361  0.940   -3.720  1.000 26.419 ? 11  C   B C5    1 
ATOM   258 C C6    . C   A 1 11 ? 15.634  1.979   -3.287  1.000 23.253 ? 11  C   B C6    1 
ATOM   259 P P     . G   A 1 12 ? 9.967   2.923   -2.712  1.000 22.165 ? 12  G   B P     1 
ATOM   260 O OP1   . G   A 1 12 ? 9.282   3.304   -1.408  1.000 20.622 ? 12  G   B OP1   1 
ATOM   261 O OP2   . G   A 1 12 ? 10.505  1.556   -2.944  1.000 24.663 ? 12  G   B OP2   1 
ATOM   262 O "O5'" . G   A 1 12 ? 8.998   3.173   -3.926  1.000 21.166 ? 12  G   B "O5'" 1 
ATOM   263 C "C5'" . G   A 1 12 ? 9.390   2.909   -5.331  1.000 20.991 ? 12  G   B "C5'" 1 
ATOM   264 C "C4'" . G   A 1 12 ? 8.149   3.022   -6.199  1.000 19.307 ? 12  G   B "C4'" 1 
ATOM   265 O "O4'" . G   A 1 12 ? 7.184   2.049   -5.733  1.000 16.090 ? 12  G   B "O4'" 1 
ATOM   266 C "C3'" . G   A 1 12 ? 7.413   4.340   -6.051  1.000 20.213 ? 12  G   B "C3'" 1 
ATOM   267 O "O3'" . G   A 1 12 ? 7.950   5.321   -6.879  1.000 22.128 ? 12  G   B "O3'" 1 
ATOM   268 C "C2'" . G   A 1 12 ? 5.972   3.992   -6.356  1.000 16.467 ? 12  G   B "C2'" 1 
ATOM   269 O "O2'" . G   A 1 12 ? 5.744   3.909   -7.751  1.000 17.946 ? 12  G   B "O2'" 1 
ATOM   270 C "C1'" . G   A 1 12 ? 5.895   2.628   -5.708  1.000 14.264 ? 12  G   B "C1'" 1 
ATOM   271 N N9    . G   A 1 12 ? 5.363   2.569   -4.349  1.000 12.551 ? 12  G   B N9    1 
ATOM   272 C C8    . G   A 1 12 ? 5.965   2.109   -3.203  1.000 11.929 ? 12  G   B C8    1 
ATOM   273 N N7    . G   A 1 12 ? 5.147   2.031   -2.184  1.000 10.838 ? 12  G   B N7    1 
ATOM   274 C C5    . G   A 1 12 ? 3.930   2.466   -2.694  1.000 10.318 ? 12  G   B C5    1 
ATOM   275 C C6    . G   A 1 12 ? 2.667   2.584   -2.066  1.000 9.699  ? 12  G   B C6    1 
ATOM   276 O O6    . G   A 1 12 ? 2.369   2.298   -0.913  1.000 10.549 ? 12  G   B O6    1 
ATOM   277 N N1    . G   A 1 12 ? 1.694   3.050   -2.949  1.000 10.086 ? 12  G   B N1    1 
ATOM   278 C C2    . G   A 1 12 ? 1.924   3.363   -4.272  1.000 10.171 ? 12  G   B C2    1 
ATOM   279 N N2    . G   A 1 12 ? 0.876   3.792   -4.987  1.000 10.749 ? 12  G   B N2    1 
ATOM   280 N N3    . G   A 1 12 ? 3.093   3.234   -4.859  1.000 10.917 ? 12  G   B N3    1 
ATOM   281 C C4    . G   A 1 12 ? 4.044   2.806   -4.023  1.000 10.590 ? 12  G   B C4    1 
ATOM   282 P P     . G   A 1 13 ? 8.135   6.848   -6.321  1.000 21.143 ? 13  G   B P     1 
ATOM   283 O OP1   . G   A 1 13 ? 9.322   7.356   -7.040  1.000 23.814 ? 13  G   B OP1   1 
ATOM   284 O OP2   . G   A 1 13 ? 8.085   6.836   -4.762  1.000 24.418 ? 13  G   B OP2   1 
ATOM   285 O "O5'" . G   A 1 13 ? 6.751   7.480   -6.841  1.000 23.747 ? 13  G   B "O5'" 1 
ATOM   286 C "C5'" . G   A 1 13 ? 6.182   7.226   -8.129  1.000 20.902 ? 13  G   B "C5'" 1 
ATOM   287 C "C4'" . G   A 1 13 ? 4.761   7.754   -8.251  1.000 20.948 ? 13  G   B "C4'" 1 
ATOM   288 O "O4'" . G   A 1 13 ? 3.854   7.038   -7.342  1.000 20.622 ? 13  G   B "O4'" 1 
ATOM   289 C "C3'" . G   A 1 13 ? 4.574   9.218   -7.900  1.000 20.738 ? 13  G   B "C3'" 1 
ATOM   290 O "O3'" . G   A 1 13 ? 3.430   9.750   -8.534  1.000 22.772 ? 13  G   B "O3'" 1 
ATOM   291 C "C2'" . G   A 1 13 ? 4.233   9.151   -6.431  1.000 19.330 ? 13  G   B "C2'" 1 
ATOM   292 O "O2'" . G   A 1 13 ? 3.697   10.302  -5.831  1.000 21.482 ? 13  G   B "O2'" 1 
ATOM   293 C "C1'" . G   A 1 13 ? 3.297   7.935   -6.402  1.000 17.093 ? 13  G   B "C1'" 1 
ATOM   294 N N9    . G   A 1 13 ? 3.304   7.288   -5.088  1.000 14.100 ? 13  G   B N9    1 
ATOM   295 C C8    . G   A 1 13 ? 4.418   6.772   -4.465  1.000 14.360 ? 13  G   B C8    1 
ATOM   296 N N7    . G   A 1 13 ? 4.157   6.241   -3.302  1.000 13.210 ? 13  G   B N7    1 
ATOM   297 C C5    . G   A 1 13 ? 2.795   6.429   -3.136  1.000 12.974 ? 13  G   B C5    1 
ATOM   298 C C6    . G   A 1 13 ? 1.964   6.124   -2.032  1.000 11.125 ? 13  G   B C6    1 
ATOM   299 O O6    . G   A 1 13 ? 2.274   5.594   -0.971  1.000 12.454 ? 13  G   B O6    1 
ATOM   300 N N1    . G   A 1 13 ? 0.630   6.456   -2.286  1.000 12.646 ? 13  G   B N1    1 
ATOM   301 C C2    . G   A 1 13 ? 0.186   7.095   -3.419  1.000 12.902 ? 13  G   B C2    1 
ATOM   302 N N2    . G   A 1 13 ? -1.121  7.364   -3.481  1.000 13.497 ? 13  G   B N2    1 
ATOM   303 N N3    . G   A 1 13 ? 0.954   7.378   -4.453  1.000 14.005 ? 13  G   B N3    1 
ATOM   304 C C4    . G   A 1 13 ? 2.247   7.073   -4.223  1.000 13.429 ? 13  G   B C4    1 
ATOM   305 P P     . A   A 1 14 ? 3.589   10.862  -9.717  1.000 31.740 ? 14  A   B P     1 
ATOM   306 O OP1   . A   A 1 14 ? 2.230   11.140  -10.251 1.000 31.977 ? 14  A   B OP1   1 
ATOM   307 O OP2   . A   A 1 14 ? 4.648   10.378  -10.611 1.000 33.526 ? 14  A   B OP2   1 
ATOM   308 O "O5'" . A   A 1 14 ? 3.984   12.174  -8.906  1.000 34.422 ? 14  A   B "O5'" 1 
ATOM   309 C "C5'" . A   A 1 14 ? 2.994   12.983  -8.241  0.010 33.614 ? 14  A   B "C5'" 1 
ATOM   310 C "C4'" . A   A 1 14 ? 3.602   13.626  -7.020  0.010 33.597 ? 14  A   B "C4'" 1 
ATOM   311 O "O4'" . A   A 1 14 ? 4.970   14.017  -7.323  0.010 33.537 ? 14  A   B "O4'" 1 
ATOM   312 C "C3'" . A   A 1 14 ? 2.895   14.887  -6.522  0.010 33.504 ? 14  A   B "C3'" 1 
ATOM   313 O "O3'" . A   A 1 14 ? 2.868   14.938  -5.100  0.010 33.413 ? 14  A   B "O3'" 1 
ATOM   314 C "C2'" . A   A 1 14 ? 3.743   16.008  -7.112  0.010 33.454 ? 14  A   B "C2'" 1 
ATOM   315 O "O2'" . A   A 1 14 ? 3.683   17.220  -6.388  0.010 33.478 ? 14  A   B "O2'" 1 
ATOM   316 C "C1'" . A   A 1 14 ? 5.138   15.392  -7.050  0.010 33.453 ? 14  A   B "C1'" 1 
ATOM   317 N N9    . A   A 1 14 ? 6.072   15.953  -8.025  0.010 33.407 ? 14  A   B N9    1 
ATOM   318 C C8    . A   A 1 14 ? 6.426   17.274  -8.151  0.010 33.364 ? 14  A   B C8    1 
ATOM   319 N N7    . A   A 1 14 ? 7.292   17.500  -9.108  0.010 33.396 ? 14  A   B N7    1 
ATOM   320 C C5    . A   A 1 14 ? 7.527   16.244  -9.649  0.010 33.348 ? 14  A   B C5    1 
ATOM   321 C C6    . A   A 1 14 ? 8.354   15.806  -10.697 0.010 33.350 ? 14  A   B C6    1 
ATOM   322 N N6    . A   A 1 14 ? 9.126   16.621  -11.420 0.010 33.386 ? 14  A   B N6    1 
ATOM   323 N N1    . A   A 1 14 ? 8.357   14.487  -10.986 0.010 33.294 ? 14  A   B N1    1 
ATOM   324 C C2    . A   A 1 14 ? 7.581   13.671  -10.262 0.010 33.323 ? 14  A   B C2    1 
ATOM   325 N N3    . A   A 1 14 ? 6.766   13.962  -9.249  0.010 33.314 ? 14  A   B N3    1 
ATOM   326 C C4    . A   A 1 14 ? 6.782   15.281  -8.991  0.010 33.360 ? 14  A   B C4    1 
ATOM   327 O "O5'" . G   B 1 1  ? -2.625  -8.153  7.469   1.000 28.213 ? 1   G   A "O5'" 1 
ATOM   328 C "C5'" . G   B 1 1  ? -2.479  -6.715  7.494   1.000 22.427 ? 1   G   A "C5'" 1 
ATOM   329 C "C4'" . G   B 1 1  ? -1.087  -6.296  7.908   1.000 16.848 ? 1   G   A "C4'" 1 
ATOM   330 O "O4'" . G   B 1 1  ? -0.137  -6.782  6.935   1.000 16.122 ? 1   G   A "O4'" 1 
ATOM   331 C "C3'" . G   B 1 1  ? -0.879  -4.785  8.017   1.000 16.327 ? 1   G   A "C3'" 1 
ATOM   332 O "O3'" . G   B 1 1  ? -1.078  -4.270  9.348   1.000 17.785 ? 1   G   A "O3'" 1 
ATOM   333 C "C2'" . G   B 1 1  ? 0.536   -4.557  7.491   1.000 15.491 ? 1   G   A "C2'" 1 
ATOM   334 O "O2'" . G   B 1 1  ? 1.519   -4.212  8.462   1.000 19.874 ? 1   G   A "O2'" 1 
ATOM   335 C "C1'" . G   B 1 1  ? 0.856   -5.840  6.709   1.000 15.230 ? 1   G   A "C1'" 1 
ATOM   336 N N9    . G   B 1 1  ? 0.987   -5.626  5.261   1.000 13.667 ? 1   G   A N9    1 
ATOM   337 C C8    . G   B 1 1  ? 2.159   -5.659  4.549   1.000 13.132 ? 1   G   A C8    1 
ATOM   338 N N7    . G   B 1 1  ? 2.012   -5.296  3.295   1.000 11.978 ? 1   G   A N7    1 
ATOM   339 C C5    . G   B 1 1  ? 0.658   -5.021  3.174   1.000 11.977 ? 1   G   A C5    1 
ATOM   340 C C6    . G   B 1 1  ? -0.089  -4.603  2.043   1.000 10.898 ? 1   G   A C6    1 
ATOM   341 O O6    . G   B 1 1  ? 0.328   -4.390  0.899   1.000 10.766 ? 1   G   A O6    1 
ATOM   342 N N1    . G   B 1 1  ? -1.441  -4.427  2.353   1.000 11.106 ? 1   G   A N1    1 
ATOM   343 C C2    . G   B 1 1  ? -1.990  -4.624  3.599   1.000 12.210 ? 1   G   A C2    1 
ATOM   344 N N2    . G   B 1 1  ? -3.306  -4.425  3.701   1.000 12.368 ? 1   G   A N2    1 
ATOM   345 N N3    . G   B 1 1  ? -1.302  -5.032  4.652   1.000 12.392 ? 1   G   A N3    1 
ATOM   346 C C4    . G   B 1 1  ? 0.007   -5.212  4.369   1.000 12.886 ? 1   G   A C4    1 
ATOM   347 P P     . G   B 1 2  ? -1.632  -2.858  9.604   1.000 18.698 ? 2   G   A P     1 
ATOM   348 O OP1   . G   B 1 2  ? -1.064  -1.871  8.598   1.000 19.381 ? 2   G   A OP1   1 
ATOM   349 O OP2   . G   B 1 2  ? -1.365  -2.564  11.094  1.000 19.462 ? 2   G   A OP2   1 
ATOM   350 O "O5'" . G   B 1 2  ? -3.176  -3.087  9.316   1.000 19.657 ? 2   G   A "O5'" 1 
ATOM   351 C "C5'" . G   B 1 2  ? -4.147  -2.096  9.627   1.000 18.453 ? 2   G   A "C5'" 1 
ATOM   352 C "C4'" . G   B 1 2  ? -5.145  -1.945  8.511   1.000 16.560 ? 2   G   A "C4'" 1 
ATOM   353 O "O4'" . G   B 1 2  ? -4.516  -1.232  7.406   1.000 17.619 ? 2   G   A "O4'" 1 
ATOM   354 C "C3'" . G   B 1 2  ? -5.660  -3.259  7.924   1.000 18.042 ? 2   G   A "C3'" 1 
ATOM   355 O "O3'" . G   B 1 2  ? -7.039  -3.273  7.603   1.000 19.388 ? 2   G   A "O3'" 1 
ATOM   356 C "C2'" . G   B 1 2  ? -4.895  -3.364  6.609   1.000 16.152 ? 2   G   A "C2'" 1 
ATOM   357 O "O2'" . G   B 1 2  ? -5.398  -4.266  5.643   1.000 16.601 ? 2   G   A "O2'" 1 
ATOM   358 C "C1'" . G   B 1 2  ? -4.758  -1.886  6.216   1.000 16.957 ? 2   G   A "C1'" 1 
ATOM   359 N N9    . G   B 1 2  ? -3.613  -1.624  5.349   1.000 15.023 ? 2   G   A N9    1 
ATOM   360 C C8    . G   B 1 2  ? -2.294  -1.858  5.636   1.000 14.981 ? 2   G   A C8    1 
ATOM   361 N N7    . G   B 1 2  ? -1.497  -1.643  4.628   1.000 13.627 ? 2   G   A N7    1 
ATOM   362 C C5    . G   B 1 2  ? -2.341  -1.218  3.612   1.000 12.251 ? 2   G   A C5    1 
ATOM   363 C C6    . G   B 1 2  ? -2.054  -0.913  2.270   1.000 11.834 ? 2   G   A C6    1 
ATOM   364 O O6    . G   B 1 2  ? -0.959  -0.952  1.690   1.000 10.464 ? 2   G   A O6    1 
ATOM   365 N N1    . G   B 1 2  ? -3.210  -0.573  1.559   1.000 11.087 ? 2   G   A N1    1 
ATOM   366 C C2    . G   B 1 2  ? -4.481  -0.526  2.100   1.000 12.494 ? 2   G   A C2    1 
ATOM   367 N N2    . G   B 1 2  ? -5.477  -0.170  1.271   1.000 11.646 ? 2   G   A N2    1 
ATOM   368 N N3    . G   B 1 2  ? -4.755  -0.821  3.358   1.000 12.685 ? 2   G   A N3    1 
ATOM   369 C C4    . G   B 1 2  ? -3.651  -1.181  4.046   1.000 13.963 ? 2   G   A C4    1 
ATOM   370 P P     . C   B 1 3  ? -8.148  -3.619  8.732   1.000 22.196 ? 3   C   A P     1 
ATOM   371 O OP1   . C   B 1 3  ? -9.445  -3.309  8.179   1.000 24.111 ? 3   C   A OP1   1 
ATOM   372 O OP2   . C   B 1 3  ? -7.713  -3.100  10.015  1.000 23.197 ? 3   C   A OP2   1 
ATOM   373 O "O5'" . C   B 1 3  ? -8.032  -5.189  8.867   1.000 22.573 ? 3   C   A "O5'" 1 
ATOM   374 C "C5'" . C   B 1 3  ? -8.184  -6.043  7.736   1.000 24.867 ? 3   C   A "C5'" 1 
ATOM   375 C "C4'" . C   B 1 3  ? -8.232  -7.453  8.253   1.000 24.538 ? 3   C   A "C4'" 1 
ATOM   376 O "O4'" . C   B 1 3  ? -6.913  -7.855  8.698   1.000 23.959 ? 3   C   A "O4'" 1 
ATOM   377 C "C3'" . C   B 1 3  ? -9.162  -7.683  9.438   1.000 26.044 ? 3   C   A "C3'" 1 
ATOM   378 O "O3'" . C   B 1 3  ? -9.678  -8.972  9.168   1.000 28.848 ? 3   C   A "O3'" 1 
ATOM   379 C "C2'" . C   B 1 3  ? -8.230  -7.700  10.650  1.000 24.079 ? 3   C   A "C2'" 1 
ATOM   380 O "O2'" . C   B 1 3  ? -8.659  -8.490  11.759  1.000 24.930 ? 3   C   A "O2'" 1 
ATOM   381 C "C1'" . C   B 1 3  ? -6.984  -8.321  10.047  1.000 23.081 ? 3   C   A "C1'" 1 
ATOM   382 N N1    . C   B 1 3  ? -5.711  -7.969  10.661  1.000 20.628 ? 3   C   A N1    1 
ATOM   383 C C2    . C   B 1 3  ? -4.830  -8.993  11.000  1.000 21.810 ? 3   C   A C2    1 
ATOM   384 O O2    . C   B 1 3  ? -5.234  -10.171 10.971  1.000 24.519 ? 3   C   A O2    1 
ATOM   385 N N3    . C   B 1 3  ? -3.590  -8.672  11.416  1.000 18.817 ? 3   C   A N3    1 
ATOM   386 C C4    . C   B 1 3  ? -3.210  -7.392  11.463  1.000 17.053 ? 3   C   A C4    1 
ATOM   387 N N4    . C   B 1 3  ? -1.967  -7.127  11.841  1.000 17.803 ? 3   C   A N4    1 
ATOM   388 C C5    . C   B 1 3  ? -4.073  -6.334  11.081  1.000 18.430 ? 3   C   A C5    1 
ATOM   389 C C6    . C   B 1 3  ? -5.303  -6.665  10.679  1.000 19.662 ? 3   C   A C6    1 
ATOM   390 P P     . U   B 1 4  ? -11.203 -9.287  9.404   1.000 29.515 ? 4   U   A P     1 
ATOM   391 O OP1   . U   B 1 4  ? -11.864 -8.106  9.988   1.000 25.862 ? 4   U   A OP1   1 
ATOM   392 O OP2   . U   B 1 4  ? -11.338 -10.680 9.909   1.000 38.017 ? 4   U   A OP2   1 
ATOM   393 O "O5'" . U   B 1 4  ? -11.784 -9.207  7.930   1.000 26.553 ? 4   U   A "O5'" 1 
ATOM   394 C "C5'" . U   B 1 4  ? -11.452 -10.182 6.950   1.000 24.387 ? 4   U   A "C5'" 1 
ATOM   395 C "C4'" . U   B 1 4  ? -11.626 -9.552  5.596   1.000 21.263 ? 4   U   A "C4'" 1 
ATOM   396 O "O4'" . U   B 1 4  ? -13.045 -9.280  5.376   1.000 18.948 ? 4   U   A "O4'" 1 
ATOM   397 C "C3'" . U   B 1 4  ? -10.898 -8.218  5.403   1.000 18.752 ? 4   U   A "C3'" 1 
ATOM   398 O "O3'" . U   B 1 4  ? -10.361 -8.151  4.102   1.000 16.624 ? 4   U   A "O3'" 1 
ATOM   399 C "C2'" . U   B 1 4  ? -11.989 -7.176  5.522   1.000 18.107 ? 4   U   A "C2'" 1 
ATOM   400 O "O2'" . U   B 1 4  ? -11.799 -5.953  4.846   1.000 21.635 ? 4   U   A "O2'" 1 
ATOM   401 C "C1'" . U   B 1 4  ? -13.180 -7.948  4.981   1.000 15.741 ? 4   U   A "C1'" 1 
ATOM   402 N N1    . U   B 1 4  ? -14.462 -7.495  5.506   1.000 13.471 ? 4   U   A N1    1 
ATOM   403 C C2    . U   B 1 4  ? -15.344 -6.882  4.636   1.000 14.565 ? 4   U   A C2    1 
ATOM   404 O O2    . U   B 1 4  ? -15.124 -6.710  3.444   1.000 15.321 ? 4   U   A O2    1 
ATOM   405 N N3    . U   B 1 4  ? -16.534 -6.522  5.200   1.000 13.365 ? 4   U   A N3    1 
ATOM   406 C C4    . U   B 1 4  ? -16.902 -6.653  6.514   1.000 13.085 ? 4   U   A C4    1 
ATOM   407 O O4    . U   B 1 4  ? -18.009 -6.241  6.863   1.000 12.915 ? 4   U   A O4    1 
ATOM   408 C C5    . U   B 1 4  ? -15.900 -7.196  7.369   1.000 13.824 ? 4   U   A C5    1 
ATOM   409 C C6    . U   B 1 4  ? -14.724 -7.567  6.847   1.000 12.921 ? 4   U   A C6    1 
ATOM   410 P P     . C   B 1 5  ? -8.821  -8.462  3.909   1.000 17.250 ? 5   C   A P     1 
ATOM   411 O OP1   . C   B 1 5  ? -8.652  -9.892  4.170   1.000 19.790 ? 5   C   A OP1   1 
ATOM   412 O OP2   . C   B 1 5  ? -8.019  -7.459  4.574   1.000 18.053 ? 5   C   A OP2   1 
ATOM   413 O "O5'" . C   B 1 5  ? -8.707  -8.386  2.328   1.000 17.667 ? 5   C   A "O5'" 1 
ATOM   414 C "C5'" . C   B 1 5  ? -8.606  -7.161  1.634   1.000 16.157 ? 5   C   A "C5'" 1 
ATOM   415 C "C4'" . C   B 1 5  ? -8.268  -7.456  0.188   1.000 15.958 ? 5   C   A "C4'" 1 
ATOM   416 O "O4'" . C   B 1 5  ? -6.928  -8.005  0.141   1.000 15.410 ? 5   C   A "O4'" 1 
ATOM   417 C "C3'" . C   B 1 5  ? -9.117  -8.496  -0.546  1.000 15.653 ? 5   C   A "C3'" 1 
ATOM   418 O "O3'" . C   B 1 5  ? -9.465  -8.011  -1.837  1.000 16.101 ? 5   C   A "O3'" 1 
ATOM   419 C "C2'" . C   B 1 5  ? -8.182  -9.694  -0.751  1.000 16.676 ? 5   C   A "C2'" 1 
ATOM   420 O "O2'" . C   B 1 5  ? -8.334  -10.516 -1.859  1.000 18.650 ? 5   C   A "O2'" 1 
ATOM   421 C "C1'" . C   B 1 5  ? -6.844  -8.984  -0.875  1.000 15.108 ? 5   C   A "C1'" 1 
ATOM   422 N N1    . C   B 1 5  ? -5.643  -9.717  -0.561  1.000 14.044 ? 5   C   A N1    1 
ATOM   423 C C2    . C   B 1 5  ? -4.563  -9.643  -1.456  1.000 12.637 ? 5   C   A C2    1 
ATOM   424 O O2    . C   B 1 5  ? -4.756  -9.193  -2.609  1.000 13.553 ? 5   C   A O2    1 
ATOM   425 N N3    . C   B 1 5  ? -3.355  -10.097 -1.051  1.000 12.985 ? 5   C   A N3    1 
ATOM   426 C C4    . C   B 1 5  ? -3.206  -10.611 0.172   1.000 13.408 ? 5   C   A C4    1 
ATOM   427 N N4    . C   B 1 5  ? -2.018  -11.080 0.516   1.000 13.039 ? 5   C   A N4    1 
ATOM   428 C C5    . C   B 1 5  ? -4.291  -10.710 1.086   1.000 15.238 ? 5   C   A C5    1 
ATOM   429 C C6    . C   B 1 5  ? -5.459  -10.203 0.705   1.000 15.067 ? 5   C   A C6    1 
ATOM   430 P P     . G   B 1 6  ? -10.890 -7.340  -2.076  1.000 16.828 ? 6   G   A P     1 
ATOM   431 O OP1   . G   B 1 6  ? -11.951 -8.165  -1.370  1.000 18.694 ? 6   G   A OP1   1 
ATOM   432 O OP2   . G   B 1 6  ? -10.954 -7.106  -3.485  1.000 17.470 ? 6   G   A OP2   1 
ATOM   433 O "O5'" . G   B 1 6  ? -10.842 -5.977  -1.328  1.000 16.347 ? 6   G   A "O5'" 1 
ATOM   434 C "C5'" . G   B 1 6  ? -10.225 -4.828  -1.906  1.000 15.326 ? 6   G   A "C5'" 1 
ATOM   435 C "C4'" . G   B 1 6  ? -10.185 -3.756  -0.870  1.000 14.759 ? 6   G   A "C4'" 1 
ATOM   436 O "O4'" . G   B 1 6  ? -9.269  -4.147  0.183   1.000 14.922 ? 6   G   A "O4'" 1 
ATOM   437 C "C3'" . G   B 1 6  ? -9.683  -2.401  -1.357  1.000 16.054 ? 6   G   A "C3'" 1 
ATOM   438 O "O3'" . G   B 1 6  ? -10.758 -1.640  -1.898  1.000 16.648 ? 6   G   A "O3'" 1 
ATOM   439 C "C2'" . G   B 1 6  ? -9.086  -1.778  -0.112  1.000 15.520 ? 6   G   A "C2'" 1 
ATOM   440 O "O2'" . G   B 1 6  ? -10.042 -1.060  0.653   1.000 16.802 ? 6   G   A "O2'" 1 
ATOM   441 C "C1'" . G   B 1 6  ? -8.655  -2.993  0.705   1.000 13.736 ? 6   G   A "C1'" 1 
ATOM   442 N N9    . G   B 1 6  ? -7.221  -3.215  0.774   1.000 13.829 ? 6   G   A N9    1 
ATOM   443 C C8    . G   B 1 6  ? -6.538  -3.547  1.919   1.000 13.853 ? 6   G   A C8    1 
ATOM   444 N N7    . G   B 1 6  ? -5.254  -3.678  1.730   1.000 13.751 ? 6   G   A N7    1 
ATOM   445 C C5    . G   B 1 6  ? -5.077  -3.408  0.381   1.000 12.280 ? 6   G   A C5    1 
ATOM   446 C C6    . G   B 1 6  ? -3.904  -3.366  -0.385  1.000 12.365 ? 6   G   A C6    1 
ATOM   447 O O6    . G   B 1 6  ? -2.730  -3.525  0.000   1.000 11.242 ? 6   G   A O6    1 
ATOM   448 N N1    . G   B 1 6  ? -4.166  -2.985  -1.702  1.000 11.586 ? 6   G   A N1    1 
ATOM   449 C C2    . G   B 1 6  ? -5.430  -2.791  -2.234  1.000 11.706 ? 6   G   A C2    1 
ATOM   450 N N2    . G   B 1 6  ? -5.498  -2.462  -3.531  1.000 11.481 ? 6   G   A N2    1 
ATOM   451 N N3    . G   B 1 6  ? -6.525  -2.799  -1.515  1.000 11.783 ? 6   G   A N3    1 
ATOM   452 C C4    . G   B 1 6  ? -6.281  -3.122  -0.227  1.000 13.197 ? 6   G   A C4    1 
ATOM   453 P P     . G   B 1 7  ? -10.752 -1.119  -3.400  1.000 16.793 ? 7   G   A P     1 
ATOM   454 O OP1   . G   B 1 7  ? -12.164 -0.629  -3.706  1.000 18.437 ? 7   G   A OP1   1 
ATOM   455 O OP2   . G   B 1 7  ? -10.208 -2.171  -4.284  1.000 18.959 ? 7   G   A OP2   1 
ATOM   456 O "O5'" . G   B 1 7  ? -9.776  0.134   -3.268  1.000 16.830 ? 7   G   A "O5'" 1 
ATOM   457 C "C5'" . G   B 1 7  ? -10.038 1.439   -3.826  1.000 15.534 ? 7   G   A "C5'" 1 
ATOM   458 C "C4'" . G   B 1 7  ? -8.967  1.834   -4.795  1.000 16.031 ? 7   G   A "C4'" 1 
ATOM   459 O "O4'" . G   B 1 7  ? -7.721  2.112   -4.072  1.000 14.341 ? 7   G   A "O4'" 1 
ATOM   460 C "C3'" . G   B 1 7  ? -8.650  0.773   -5.833  1.000 15.554 ? 7   G   A "C3'" 1 
ATOM   461 O "O3'" . G   B 1 7  ? -8.322  1.347   -7.065  1.000 16.511 ? 7   G   A "O3'" 1 
ATOM   462 C "C2'" . G   B 1 7  ? -7.368  0.159   -5.302  1.000 14.035 ? 7   G   A "C2'" 1 
ATOM   463 O "O2'" . G   B 1 7  ? -6.610  -0.559  -6.269  1.000 16.657 ? 7   G   A "O2'" 1 
ATOM   464 C "C1'" . G   B 1 7  ? -6.686  1.374   -4.651  1.000 14.293 ? 7   G   A "C1'" 1 
ATOM   465 N N9    . G   B 1 7  ? -5.781  1.009   -3.559  1.000 11.618 ? 7   G   A N9    1 
ATOM   466 C C8    . G   B 1 7  ? -6.145  0.643   -2.287  1.000 11.393 ? 7   G   A C8    1 
ATOM   467 N N7    . G   B 1 7  ? -5.126  0.324   -1.533  1.000 11.719 ? 7   G   A N7    1 
ATOM   468 C C5    . G   B 1 7  ? -4.031  0.432   -2.377  1.000 10.648 ? 7   G   A C5    1 
ATOM   469 C C6    . G   B 1 7  ? -2.657  0.168   -2.136  1.000 10.340 ? 7   G   A C6    1 
ATOM   470 O O6    . G   B 1 7  ? -2.110  -0.214  -1.072  1.000 11.009 ? 7   G   A O6    1 
ATOM   471 N N1    . G   B 1 7  ? -1.895  0.362   -3.277  1.000 10.719 ? 7   G   A N1    1 
ATOM   472 C C2    . G   B 1 7  ? -2.367  0.839   -4.471  1.000 11.179 ? 7   G   A C2    1 
ATOM   473 N N2    . G   B 1 7  ? -1.455  0.976   -5.446  1.000 10.754 ? 7   G   A N2    1 
ATOM   474 N N3    . G   B 1 7  ? -3.648  1.053   -4.723  1.000 10.737 ? 7   G   A N3    1 
ATOM   475 C C4    . G   B 1 7  ? -4.419  0.845   -3.637  1.000 11.583 ? 7   G   A C4    1 
ATOM   476 P P     . C   B 1 8  ? -9.432  1.396   -8.262  1.000 23.747 ? 8   C   A P     1 
ATOM   477 O OP1   . C   B 1 8  ? -10.268 2.561   -8.034  1.000 26.597 ? 8   C   A OP1   1 
ATOM   478 O OP2   . C   B 1 8  ? -10.013 0.055   -8.352  1.000 28.566 ? 8   C   A OP2   1 
ATOM   479 O "O5'" . C   B 1 8  ? -8.453  1.719   -9.465  1.000 26.549 ? 8   C   A "O5'" 1 
ATOM   480 C "C5'" . C   B 1 8  ? -7.311  0.902   -9.783  1.000 32.514 ? 8   C   A "C5'" 1 
ATOM   481 C "C4'" . C   B 1 8  ? -6.578  1.441   -11.003 1.000 36.356 ? 8   C   A "C4'" 1 
ATOM   482 O "O4'" . C   B 1 8  ? -7.385  1.159   -12.182 1.000 43.478 ? 8   C   A "O4'" 1 
ATOM   483 C "C3'" . C   B 1 8  ? -6.294  2.943   -11.051 1.000 40.146 ? 8   C   A "C3'" 1 
ATOM   484 O "O3'" . C   B 1 8  ? -5.093  3.399   -10.373 1.000 36.286 ? 8   C   A "O3'" 1 
ATOM   485 C "C2'" . C   B 1 8  ? -6.258  3.229   -12.555 1.000 44.349 ? 8   C   A "C2'" 1 
ATOM   486 O "O2'" . C   B 1 8  ? -4.965  3.018   -13.088 1.000 45.132 ? 8   C   A "O2'" 1 
ATOM   487 C "C1'" . C   B 1 8  ? -7.285  2.227   -13.108 1.000 44.665 ? 8   C   A "C1'" 1 
ATOM   488 N N1    . C   B 1 8  ? -8.648  2.774   -13.349 1.000 50.151 ? 8   C   A N1    1 
ATOM   489 C C2    . C   B 1 8  ? -9.022  3.131   -14.654 1.000 52.931 ? 8   C   A C2    1 
ATOM   490 O O2    . C   B 1 8  ? -8.202  2.990   -15.575 1.000 57.976 ? 8   C   A O2    1 
ATOM   491 N N3    . C   B 1 8  ? -10.265 3.626   -14.875 1.000 51.013 ? 8   C   A N3    1 
ATOM   492 C C4    . C   B 1 8  ? -11.118 3.769   -13.857 1.000 51.619 ? 8   C   A C4    1 
ATOM   493 N N4    . C   B 1 8  ? -12.331 4.262   -14.121 1.000 48.645 ? 8   C   A N4    1 
ATOM   494 C C5    . C   B 1 8  ? -10.763 3.418   -12.521 1.000 50.765 ? 8   C   A C5    1 
ATOM   495 C C6    . C   B 1 8  ? -9.535  2.921   -12.316 1.000 50.618 ? 8   C   A C6    1 
ATOM   496 P P     . G   B 1 9  ? -5.005  4.968   -9.836  1.000 38.897 ? 9   G   A P     1 
ATOM   497 O OP1   . G   B 1 9  ? -6.132  5.754   -10.398 1.000 38.829 ? 9   G   A OP1   1 
ATOM   498 O OP2   . G   B 1 9  ? -3.605  5.470   -10.002 1.000 39.368 ? 9   G   A OP2   1 
ATOM   499 O "O5'" . G   B 1 9  ? -5.278  4.823   -8.275  1.000 28.088 ? 9   G   A "O5'" 1 
ATOM   500 C "C5'" . G   B 1 9  ? -6.546  4.401   -7.787  1.000 26.805 ? 9   G   A "C5'" 1 
ATOM   501 C "C4'" . G   B 1 9  ? -6.729  4.939   -6.420  1.000 23.330 ? 9   G   A "C4'" 1 
ATOM   502 O "O4'" . G   B 1 9  ? -5.813  4.198   -5.557  1.000 20.944 ? 9   G   A "O4'" 1 
ATOM   503 C "C3'" . G   B 1 9  ? -6.396  6.413   -6.231  1.000 22.615 ? 9   G   A "C3'" 1 
ATOM   504 O "O3'" . G   B 1 9  ? -7.324  6.880   -5.251  1.000 25.668 ? 9   G   A "O3'" 1 
ATOM   505 C "C2'" . G   B 1 9  ? -5.013  6.336   -5.594  1.000 17.777 ? 9   G   A "C2'" 1 
ATOM   506 O "O2'" . G   B 1 9  ? -4.573  7.457   -4.888  1.000 20.046 ? 9   G   A "O2'" 1 
ATOM   507 C "C1'" . G   B 1 9  ? -5.182  5.093   -4.729  1.000 17.118 ? 9   G   A "C1'" 1 
ATOM   508 N N9    . G   B 1 9  ? -3.939  4.517   -4.238  1.000 13.682 ? 9   G   A N9    1 
ATOM   509 C C8    . G   B 1 9  ? -2.712  4.480   -4.859  1.000 12.853 ? 9   G   A C8    1 
ATOM   510 N N7    . G   B 1 9  ? -1.760  4.037   -4.087  1.000 12.284 ? 9   G   A N7    1 
ATOM   511 C C5    . G   B 1 9  ? -2.392  3.775   -2.884  1.000 11.484 ? 9   G   A C5    1 
ATOM   512 C C6    . G   B 1 9  ? -1.864  3.327   -1.663  1.000 11.073 ? 9   G   A C6    1 
ATOM   513 O O6    . G   B 1 9  ? -0.676  3.017   -1.390  1.000 10.597 ? 9   G   A O6    1 
ATOM   514 N N1    . G   B 1 9  ? -2.841  3.277   -0.673  1.000 11.113 ? 9   G   A N1    1 
ATOM   515 C C2    . G   B 1 9  ? -4.176  3.549   -0.864  1.000 11.500 ? 9   G   A C2    1 
ATOM   516 N N2    . G   B 1 9  ? -4.970  3.392   0.201   1.000 11.815 ? 9   G   A N2    1 
ATOM   517 N N3    . G   B 1 9  ? -4.677  3.986   -2.000  1.000 12.879 ? 9   G   A N3    1 
ATOM   518 C C4    . G   B 1 9  ? -3.735  4.099   -2.952  1.000 12.386 ? 9   G   A C4    1 
ATOM   519 P P     . G   B 1 10 ? -7.749  8.465   -5.000  1.000 28.791 ? 10  G   A P     1 
ATOM   520 O OP1   . G   B 1 10 ? -9.043  8.700   -5.703  1.000 33.757 ? 10  G   A OP1   1 
ATOM   521 O OP2   . G   B 1 10 ? -6.608  9.387   -5.198  1.000 30.682 ? 10  G   A OP2   1 
ATOM   522 O "O5'" . G   B 1 10 ? -8.048  8.479   -3.429  1.000 28.966 ? 10  G   A "O5'" 1 
ATOM   523 C "C5'" . G   B 1 10 ? -8.820  7.399   -2.870  1.000 25.303 ? 10  G   A "C5'" 1 
ATOM   524 C "C4'" . G   B 1 10 ? -8.658  7.361   -1.378  1.000 21.478 ? 10  G   A "C4'" 1 
ATOM   525 O "O4'" . G   B 1 10 ? -7.406  6.687   -1.062  1.000 20.401 ? 10  G   A "O4'" 1 
ATOM   526 C "C3'" . G   B 1 10 ? -8.580  8.719   -0.698  1.000 21.075 ? 10  G   A "C3'" 1 
ATOM   527 O "O3'" . G   B 1 10 ? -9.083  8.603   0.611   1.000 20.648 ? 10  G   A "O3'" 1 
ATOM   528 C "C2'" . G   B 1 10 ? -7.076  8.957   -0.577  1.000 18.376 ? 10  G   A "C2'" 1 
ATOM   529 O "O2'" . G   B 1 10 ? -6.588  9.885   0.379   1.000 21.565 ? 10  G   A "O2'" 1 
ATOM   530 C "C1'" . G   B 1 10 ? -6.623  7.528   -0.256  1.000 15.887 ? 10  G   A "C1'" 1 
ATOM   531 N N9    . G   B 1 10 ? -5.228  7.203   -0.490  1.000 13.794 ? 10  G   A N9    1 
ATOM   532 C C8    . G   B 1 10 ? -4.524  7.291   -1.667  1.000 13.826 ? 10  G   A C8    1 
ATOM   533 N N7    . G   B 1 10 ? -3.271  6.932   -1.538  1.000 12.305 ? 10  G   A N7    1 
ATOM   534 C C5    . G   B 1 10 ? -3.135  6.632   -0.191  1.000 12.384 ? 10  G   A C5    1 
ATOM   535 C C6    . G   B 1 10 ? -2.000  6.211   0.538   1.000 11.397 ? 10  G   A C6    1 
ATOM   536 O O6    . G   B 1 10 ? -0.864  5.966   0.115   1.000 11.597 ? 10  G   A O6    1 
ATOM   537 N N1    . G   B 1 10 ? -2.306  5.984   1.875   1.000 12.468 ? 10  G   A N1    1 
ATOM   538 C C2    . G   B 1 10 ? -3.535  6.195   2.453   1.000 12.765 ? 10  G   A C2    1 
ATOM   539 N N2    . G   B 1 10 ? -3.635  5.968   3.776   1.000 12.311 ? 10  G   A N2    1 
ATOM   540 N N3    . G   B 1 10 ? -4.606  6.590   1.778   1.000 13.042 ? 10  G   A N3    1 
ATOM   541 C C4    . G   B 1 10 ? -4.330  6.793   0.471   1.000 12.661 ? 10  G   A C4    1 
ATOM   542 P P     . C   B 1 11 ? -10.657 8.641   0.913   1.000 23.438 ? 11  C   A P     1 
ATOM   543 O OP1   . C   B 1 11 ? -11.338 9.453   -0.169  1.000 24.159 ? 11  C   A OP1   1 
ATOM   544 O OP2   . C   B 1 11 ? -10.767 9.033   2.308   1.000 22.703 ? 11  C   A OP2   1 
ATOM   545 O "O5'" . C   B 1 11 ? -11.135 7.139   0.777   1.000 19.856 ? 11  C   A "O5'" 1 
ATOM   546 C "C5'" . C   B 1 11 ? -10.481 6.027   1.435   1.000 19.305 ? 11  C   A "C5'" 1 
ATOM   547 C "C4'" . C   B 1 11 ? -11.161 5.665   2.719   1.000 18.843 ? 11  C   A "C4'" 1 
ATOM   548 O "O4'" . C   B 1 11 ? -12.581 5.482   2.474   1.000 19.570 ? 11  C   A "O4'" 1 
ATOM   549 C "C3'" . C   B 1 11 ? -10.654 4.361   3.325   1.000 18.517 ? 11  C   A "C3'" 1 
ATOM   550 O "O3'" . C   B 1 11 ? -10.540 4.478   4.738   1.000 18.872 ? 11  C   A "O3'" 1 
ATOM   551 C "C2'" . C   B 1 11 ? -11.755 3.354   2.980   1.000 18.565 ? 11  C   A "C2'" 1 
ATOM   552 O "O2'" . C   B 1 11 ? -11.874 2.220   3.829   1.000 20.139 ? 11  C   A "O2'" 1 
ATOM   553 C "C1'" . C   B 1 11 ? -12.995 4.241   3.047   1.000 18.992 ? 11  C   A "C1'" 1 
ATOM   554 N N1    . C   B 1 11 ? -14.184 3.753   2.323   1.000 19.043 ? 11  C   A N1    1 
ATOM   555 C C2    . C   B 1 11 ? -15.417 3.726   2.981   1.000 19.068 ? 11  C   A C2    1 
ATOM   556 O O2    . C   B 1 11 ? -15.470 4.035   4.180   1.000 22.919 ? 11  C   A O2    1 
ATOM   557 N N3    . C   B 1 11 ? -16.513 3.317   2.303   1.000 21.141 ? 11  C   A N3    1 
ATOM   558 C C4    . C   B 1 11 ? -16.424 3.004   1.013   1.000 19.357 ? 11  C   A C4    1 
ATOM   559 N N4    . C   B 1 11 ? -17.546 2.622   0.381   1.000 22.119 ? 11  C   A N4    1 
ATOM   560 C C5    . C   B 1 11 ? -15.186 3.041   0.312   1.000 19.088 ? 11  C   A C5    1 
ATOM   561 C C6    . C   B 1 11 ? -14.096 3.398   1.004   1.000 18.993 ? 11  C   A C6    1 
ATOM   562 P P     . G   B 1 12 ? -9.229  5.135   5.460   1.000 19.170 ? 12  G   A P     1 
ATOM   563 O OP1   . G   B 1 12 ? -9.687  5.654   6.812   1.000 23.585 ? 12  G   A OP1   1 
ATOM   564 O OP2   . G   B 1 12 ? -8.574  6.083   4.499   1.000 19.970 ? 12  G   A OP2   1 
ATOM   565 O "O5'" . G   B 1 12 ? -8.215  3.905   5.621   1.000 19.551 ? 12  G   A "O5'" 1 
ATOM   566 C "C5'" . G   B 1 12 ? -8.369  2.952   6.681   1.000 18.636 ? 12  G   A "C5'" 1 
ATOM   567 C "C4'" . G   B 1 12 ? -7.023  2.486   7.201   1.000 17.113 ? 12  G   A "C4'" 1 
ATOM   568 O "O4'" . G   B 1 12 ? -6.378  1.698   6.182   1.000 16.017 ? 12  G   A "O4'" 1 
ATOM   569 C "C3'" . G   B 1 12 ? -5.995  3.564   7.472   1.000 17.257 ? 12  G   A "C3'" 1 
ATOM   570 O "O3'" . G   B 1 12 ? -6.200  4.137   8.736   1.000 17.757 ? 12  G   A "O3'" 1 
ATOM   571 C "C2'" . G   B 1 12 ? -4.715  2.767   7.487   1.000 16.768 ? 12  G   A "C2'" 1 
ATOM   572 O "O2'" . G   B 1 12 ? -4.599  1.969   8.646   1.000 17.888 ? 12  G   A "O2'" 1 
ATOM   573 C "C1'" . G   B 1 12 ? -4.967  1.834   6.329   1.000 16.620 ? 12  G   A "C1'" 1 
ATOM   574 N N9    . G   B 1 12 ? -4.370  2.246   5.061   1.000 14.082 ? 12  G   A N9    1 
ATOM   575 C C8    . G   B 1 12 ? -4.995  2.641   3.898   1.000 14.582 ? 12  G   A C8    1 
ATOM   576 N N7    . G   B 1 12 ? -4.168  2.752   2.888   1.000 12.855 ? 12  G   A N7    1 
ATOM   577 C C5    . G   B 1 12 ? -2.932  2.396   3.410   1.000 11.133 ? 12  G   A C5    1 
ATOM   578 C C6    . G   B 1 12 ? -1.643  2.310   2.797   1.000 10.934 ? 12  G   A C6    1 
ATOM   579 O O6    . G   B 1 12 ? -1.324  2.513   1.613   1.000 10.794 ? 12  G   A O6    1 
ATOM   580 N N1    . G   B 1 12 ? -0.661  1.929   3.716   1.000 10.872 ? 12  G   A N1    1 
ATOM   581 C C2    . G   B 1 12 ? -0.881  1.652   5.040   1.000 11.583 ? 12  G   A C2    1 
ATOM   582 N N2    . G   B 1 12 ? 0.188   1.273   5.764   1.000 12.024 ? 12  G   A N2    1 
ATOM   583 N N3    . G   B 1 12 ? -2.076  1.689   5.610   1.000 12.641 ? 12  G   A N3    1 
ATOM   584 C C4    . G   B 1 12 ? -3.038  2.103   4.757   1.000 12.665 ? 12  G   A C4    1 
ATOM   585 P P     . G   B 1 13 ? -5.651  5.593   9.057   1.000 17.564 ? 13  G   A P     1 
ATOM   586 O OP1   . G   B 1 13 ? -6.460  6.002   10.286  1.000 18.602 ? 13  G   A OP1   1 
ATOM   587 O OP2   . G   B 1 13 ? -5.723  6.426   7.843   1.000 17.581 ? 13  G   A OP2   1 
ATOM   588 O "O5'" . G   B 1 13 ? -4.092  5.398   9.370   1.000 17.975 ? 13  G   A "O5'" 1 
ATOM   589 C "C5'" . G   B 1 13 ? -3.639  4.851   10.609  1.000 17.389 ? 13  G   A "C5'" 1 
ATOM   590 C "C4'" . G   B 1 13 ? -2.130  4.862   10.647  1.000 16.644 ? 13  G   A "C4'" 1 
ATOM   591 O "O4'" . G   B 1 13 ? -1.671  3.945   9.627   1.000 16.134 ? 13  G   A "O4'" 1 
ATOM   592 C "C3'" . G   B 1 13 ? -1.424  6.182   10.359  1.000 16.129 ? 13  G   A "C3'" 1 
ATOM   593 O "O3'" . G   B 1 13 ? -1.303  6.994   11.562  1.000 16.914 ? 13  G   A "O3'" 1 
ATOM   594 C "C2'" . G   B 1 13 ? -0.068  5.709   9.845   1.000 16.444 ? 13  G   A "C2'" 1 
ATOM   595 O "O2'" . G   B 1 13 ? 0.848   5.417   10.877  1.000 20.222 ? 13  G   A "O2'" 1 
ATOM   596 C "C1'" . G   B 1 13 ? -0.435  4.426   9.094   1.000 14.544 ? 13  G   A "C1'" 1 
ATOM   597 N N9    . G   B 1 13 ? -0.599  4.656   7.650   1.000 14.330 ? 13  G   A N9    1 
ATOM   598 C C8    . G   B 1 13 ? -1.753  4.991   6.987   1.000 13.487 ? 13  G   A C8    1 
ATOM   599 N N7    . G   B 1 13 ? -1.576  5.163   5.703   1.000 12.052 ? 13  G   A N7    1 
ATOM   600 C C5    . G   B 1 13 ? -0.234  4.872   5.500   1.000 12.337 ? 13  G   A C5    1 
ATOM   601 C C6    . G   B 1 13 ? 0.534   4.879   4.312   1.000 11.594 ? 13  G   A C6    1 
ATOM   602 O O6    . G   B 1 13 ? 0.163   5.140   3.156   1.000 11.635 ? 13  G   A O6    1 
ATOM   603 N N1    . G   B 1 13 ? 1.863   4.542   4.558   1.000 12.357 ? 13  G   A N1    1 
ATOM   604 C C2    . G   B 1 13 ? 2.381   4.242   5.797   1.000 12.019 ? 13  G   A C2    1 
ATOM   605 N N2    . G   B 1 13 ? 3.685   3.970   5.858   1.000 12.571 ? 13  G   A N2    1 
ATOM   606 N N3    . G   B 1 13 ? 1.673   4.230   6.905   1.000 12.859 ? 13  G   A N3    1 
ATOM   607 C C4    . G   B 1 13 ? 0.378   4.528   6.683   1.000 13.189 ? 13  G   A C4    1 
ATOM   608 P P     . A   B 1 14 ? -1.787  8.429   11.628  1.000 19.253 ? 14  A   A P     1 
ATOM   609 O OP1   . A   B 1 14 ? -1.598  8.874   13.060  1.000 22.024 ? 14  A   A OP1   1 
ATOM   610 O OP2   . A   B 1 14 ? -3.079  8.554   10.983  1.000 19.771 ? 14  A   A OP2   1 
ATOM   611 O "O5'" . A   B 1 14 ? -0.777  9.270   10.710  1.000 18.025 ? 14  A   A "O5'" 1 
ATOM   612 C "C5'" . A   B 1 14 ? 0.562   9.506   11.160  1.000 18.617 ? 14  A   A "C5'" 1 
ATOM   613 C "C4'" . A   B 1 14 ? 1.330   10.146  10.035  1.000 15.817 ? 14  A   A "C4'" 1 
ATOM   614 O "O4'" . A   B 1 14 ? 0.814   11.460  9.732   1.000 17.272 ? 14  A   A "O4'" 1 
ATOM   615 C "C3'" . A   B 1 14 ? 2.800   10.358  10.368  1.000 15.909 ? 14  A   A "C3'" 1 
ATOM   616 O "O3'" . A   B 1 14 ? 3.537   10.142  9.163   1.000 15.405 ? 14  A   A "O3'" 1 
ATOM   617 C "C2'" . A   B 1 14 ? 2.793   11.782  10.890  1.000 16.732 ? 14  A   A "C2'" 1 
ATOM   618 O "O2'" . A   B 1 14 ? 4.051   12.410  10.987  1.000 18.077 ? 14  A   A "O2'" 1 
ATOM   619 C "C1'" . A   B 1 14 ? 1.840   12.436  9.900   1.000 17.570 ? 14  A   A "C1'" 1 
ATOM   620 N N9    . A   B 1 14 ? 1.192   13.712  10.228  1.000 17.671 ? 14  A   A N9    1 
ATOM   621 C C8    . A   B 1 14 ? 0.334   13.975  11.270  1.000 18.905 ? 14  A   A C8    1 
ATOM   622 N N7    . A   B 1 14 ? -0.194  15.173  11.230  1.000 17.881 ? 14  A   A N7    1 
ATOM   623 C C5    . A   B 1 14 ? 0.380   15.753  10.108  1.000 18.918 ? 14  A   A C5    1 
ATOM   624 C C6    . A   B 1 14 ? 0.228   17.014  9.526   1.000 19.710 ? 14  A   A C6    1 
ATOM   625 N N6    . A   B 1 14 ? -0.565  17.968  10.029  1.000 20.047 ? 14  A   A N6    1 
ATOM   626 N N1    . A   B 1 14 ? 0.914   17.269  8.384   1.000 22.764 ? 14  A   A N1    1 
ATOM   627 C C2    . A   B 1 14 ? 1.691   16.301  7.872   1.000 21.654 ? 14  A   A C2    1 
ATOM   628 N N3    . A   B 1 14 ? 1.928   15.078  8.346   1.000 23.422 ? 14  A   A N3    1 
ATOM   629 C C4    . A   B 1 14 ? 1.196   14.847  9.452   1.000 18.731 ? 14  A   A C4    1 
HETATM 630 K K     . K   C 2 .  ? -0.445  -2.433  -0.767  1.000 10.207 ? 101 K   B K     1 
HETATM 631 K K     . K   D 2 .  ? 0.183   0.835   0.012   1.000 10.511 ? 102 K   B K     1 
HETATM 632 K K     . K   E 2 .  ? 0.911   4.104   0.824   1.000 10.869 ? 101 K   A K     1 
HETATM 633 C C18   . V8A F 3 .  ? 1.609   -8.289  2.016   1.000 13.715 ? 102 V8A A C18   1 
HETATM 634 C C15   . V8A F 3 .  ? -5.326  -5.483  -4.580  1.000 12.828 ? 102 V8A A C15   1 
HETATM 635 C C13   . V8A F 3 .  ? -0.727  -7.730  1.451   1.000 11.900 ? 102 V8A A C13   1 
HETATM 636 C C12   . V8A F 3 .  ? -4.650  -6.146  -2.285  1.000 12.893 ? 102 V8A A C12   1 
HETATM 637 C C14   . V8A F 3 .  ? 0.918   -7.547  -0.189  1.000 11.461 ? 102 V8A A C14   1 
HETATM 638 C C11   . V8A F 3 .  ? -2.971  -6.006  -3.994  1.000 10.820 ? 102 V8A A C11   1 
HETATM 639 O O4    . V8A F 3 .  ? -1.039  -7.995  2.721   1.000 15.070 ? 102 V8A A O4    1 
HETATM 640 N N3    . V8A F 3 .  ? -0.241  -6.336  -4.789  1.000 10.805 ? 102 V8A A N3    1 
HETATM 641 C C10   . V8A F 3 .  ? -1.917  -6.381  -3.080  1.000 10.199 ? 102 V8A A C10   1 
HETATM 642 C C9    . V8A F 3 .  ? -0.582  -6.583  -3.477  1.000 10.414 ? 102 V8A A C9    1 
HETATM 643 C C8    . V8A F 3 .  ? 0.373   -6.910  -2.535  1.000 10.591 ? 102 V8A A C8    1 
HETATM 644 C C7    . V8A F 3 .  ? -0.019  -7.148  -1.192  1.000 11.106 ? 102 V8A A C7    1 
HETATM 645 N N2    . V8A F 3 .  ? 0.543   -7.817  1.079   1.000 11.971 ? 102 V8A A N2    1 
HETATM 646 C C6    . V8A F 3 .  ? -3.670  -6.492  -1.310  1.000 11.124 ? 102 V8A A C6    1 
HETATM 647 C C5    . V8A F 3 .  ? -2.317  -6.671  -1.744  1.000 10.112 ? 102 V8A A C5    1 
HETATM 648 C C4    . V8A F 3 .  ? -1.372  -7.028  -0.809  1.000 10.315 ? 102 V8A A C4    1 
HETATM 649 O O3    . V8A F 3 .  ? -5.919  -6.005  -1.913  1.000 13.614 ? 102 V8A A O3    1 
HETATM 650 C C3    . V8A F 3 .  ? -1.732  -7.338  0.535   1.000 10.948 ? 102 V8A A C3    1 
HETATM 651 C C2    . V8A F 3 .  ? -3.069  -7.130  0.915   1.000 11.778 ? 102 V8A A C2    1 
HETATM 652 C C1    . V8A F 3 .  ? -4.036  -6.722  -0.004  1.000 11.003 ? 102 V8A A C1    1 
HETATM 653 O O2    . V8A F 3 .  ? -2.732  -5.772  -5.222  1.000 11.664 ? 102 V8A A O2    1 
HETATM 654 O O1    . V8A F 3 .  ? 2.172   -7.733  -0.562  1.000 12.831 ? 102 V8A A O1    1 
HETATM 655 N N1    . V8A F 3 .  ? -4.271  -5.910  -3.560  1.000 11.528 ? 102 V8A A N1    1 
HETATM 656 O O34   . V8A F 3 .  ? -5.243  -11.781 7.432   1.000 31.756 ? 102 V8A A O34   1 
HETATM 657 O O85   . V8A F 3 .  ? -7.938  -11.294 -6.429  1.000 21.437 ? 102 V8A A O85   1 
HETATM 658 C C25   . V8A F 3 .  ? -4.811  -7.183  2.765   1.000 15.394 ? 102 V8A A C25   1 
HETATM 659 C C26   . V8A F 3 .  ? -4.873  -7.761  4.233   1.000 16.046 ? 102 V8A A C26   1 
HETATM 660 C C27   . V8A F 3 .  ? -4.664  -9.333  4.316   1.000 18.850 ? 102 V8A A C27   1 
HETATM 661 C C32   . V8A F 3 .  ? -5.587  -9.561  6.474   1.000 26.240 ? 102 V8A A C32   1 
HETATM 662 C C33   . V8A F 3 .  ? -5.696  -10.509 7.704   1.000 28.349 ? 102 V8A A C33   1 
HETATM 663 C C35   . V8A F 3 .  ? -3.906  -11.632 7.169   1.000 27.190 ? 102 V8A A C35   1 
HETATM 664 C C36   . V8A F 3 .  ? -3.882  -11.031 5.735   1.000 27.567 ? 102 V8A A C36   1 
HETATM 665 C C56   . V8A F 3 .  ? 1.629   -9.860  1.881   1.000 16.156 ? 102 V8A A C56   1 
HETATM 666 C C57   . V8A F 3 .  ? 2.694   -10.664 2.762   1.000 20.848 ? 102 V8A A C57   1 
HETATM 667 C C59   . V8A F 3 .  ? 3.078   -12.868 3.271   1.000 27.338 ? 102 V8A A C59   1 
HETATM 668 C C60   . V8A F 3 .  ? 3.585   -14.211 2.689   1.000 25.888 ? 102 V8A A C60   1 
HETATM 669 C C62   . V8A F 3 .  ? 4.040   -13.496 0.704   1.000 23.331 ? 102 V8A A C62   1 
HETATM 670 C C63   . V8A F 3 .  ? 3.765   -12.062 1.184   1.000 22.483 ? 102 V8A A C63   1 
HETATM 671 C C80   . V8A F 3 .  ? -5.790  -6.668  -5.523  1.000 14.371 ? 102 V8A A C80   1 
HETATM 672 C C81   . V8A F 3 .  ? -6.689  -7.772  -4.821  1.000 16.625 ? 102 V8A A C81   1 
HETATM 673 C C83   . V8A F 3 .  ? -8.171  -9.389  -4.936  1.000 18.297 ? 102 V8A A C83   1 
HETATM 674 C C84   . V8A F 3 .  ? -8.859  -10.497 -5.759  1.000 20.675 ? 102 V8A A C84   1 
HETATM 675 C C86   . V8A F 3 .  ? -7.061  -10.531 -7.184  1.000 19.655 ? 102 V8A A C86   1 
HETATM 676 C C87   . V8A F 3 .  ? -6.310  -9.564  -6.230  1.000 17.899 ? 102 V8A A C87   1 
HETATM 677 N N31   . V8A F 3 .  ? -4.523  -9.791  5.612   1.000 23.745 ? 102 V8A A N31   1 
HETATM 678 N N58   . V8A F 3 .  ? 2.847   -11.933 2.260   1.000 22.787 ? 102 V8A A N58   1 
HETATM 679 N N6    . V8A F 3 .  ? -3.481  -7.405  2.236   1.000 13.345 ? 102 V8A A N6    1 
HETATM 680 N N82   . V8A F 3 .  ? -7.247  -8.631  -5.686  1.000 15.081 ? 102 V8A A N82   1 
HETATM 681 O O61   . V8A F 3 .  ? 4.637   -14.142 1.772   1.000 25.079 ? 102 V8A A O61   1 
HETATM 682 C C118  . V8A F 3 .  ? 1.151   -6.566  -5.278  1.000 11.887 ? 102 V8A A C118  1 
HETATM 683 C C120  . V8A F 3 .  ? 1.190   -6.316  -6.801  1.000 12.371 ? 102 V8A A C120  1 
HETATM 684 C C121  . V8A F 3 .  ? 0.488   -7.485  -7.565  1.000 12.945 ? 102 V8A A C121  1 
HETATM 685 C C140  . V8A F 3 .  ? -0.093  -8.476  -9.551  1.000 17.444 ? 102 V8A A C140  1 
HETATM 686 C C141  . V8A F 3 .  ? -0.332  -8.349  -11.095 1.000 19.240 ? 102 V8A A C141  1 
HETATM 687 C C143  . V8A F 3 .  ? -0.678  -6.059  -10.868 1.000 18.958 ? 102 V8A A C143  1 
HETATM 688 C C144  . V8A F 3 .  ? -0.382  -6.183  -9.341  1.000 17.791 ? 102 V8A A C144  1 
HETATM 689 N N139  . V8A F 3 .  ? 0.411   -7.301  -8.941  1.000 14.791 ? 102 V8A A N139  1 
HETATM 690 O O142  . V8A F 3 .  ? -1.176  -7.258  -11.401 1.000 19.742 ? 102 V8A A O142  1 
HETATM 691 C C18   . V8A G 3 .  ? -3.009  8.460   6.873   1.000 14.671 ? 103 V8A A C18   1 
HETATM 692 C C15   . V8A G 3 .  ? 3.843   8.711   -0.461  1.000 13.397 ? 103 V8A A C15   1 
HETATM 693 C C13   . V8A G 3 .  ? -0.691  8.255   6.031   1.000 12.317 ? 103 V8A A C13   1 
HETATM 694 C C12   . V8A G 3 .  ? 3.182   8.297   1.811   1.000 12.411 ? 103 V8A A C12   1 
HETATM 695 C C14   . V8A G 3 .  ? -2.375  8.906   4.500   1.000 13.933 ? 103 V8A A C14   1 
HETATM 696 C C11   . V8A G 3 .  ? 1.502   8.948   0.290   1.000 13.558 ? 103 V8A A C11   1 
HETATM 697 O O4    . V8A G 3 .  ? -0.373  7.942   7.271   1.000 14.086 ? 103 V8A A O4    1 
HETATM 698 N N3    . V8A G 3 .  ? -1.316  9.670   -0.216  1.000 14.829 ? 103 V8A A N3    1 
HETATM 699 C C10   . V8A G 3 .  ? 0.442   8.965   1.318   1.000 12.848 ? 103 V8A A C10   1 
HETATM 700 C C9    . V8A G 3 .  ? -0.867  9.308   1.084   1.000 12.821 ? 103 V8A A C9    1 
HETATM 701 C C8    . V8A G 3 .  ? -1.827  9.301   2.082   1.000 12.980 ? 103 V8A A C8    1 
HETATM 702 C C7    . V8A G 3 .  ? -1.421  8.915   3.387   1.000 12.417 ? 103 V8A A C7    1 
HETATM 703 N N2    . V8A G 3 .  ? -1.969  8.553   5.741   1.000 13.177 ? 103 V8A A N2    1 
HETATM 704 C C6    . V8A G 3 .  ? 2.224   8.240   2.905   1.000 11.585 ? 103 V8A A C6    1 
HETATM 705 C C5    . V8A G 3 .  ? 0.874   8.565   2.617   1.000 12.241 ? 103 V8A A C5    1 
HETATM 706 C C4    . V8A G 3 .  ? -0.102  8.554   3.696   1.000 11.558 ? 103 V8A A C4    1 
HETATM 707 O O3    . V8A G 3 .  ? 4.427   8.010   2.053   1.000 13.268 ? 103 V8A A O3    1 
HETATM 708 C C3    . V8A G 3 .  ? 0.322   8.224   4.994   1.000 12.248 ? 103 V8A A C3    1 
HETATM 709 C C2    . V8A G 3 .  ? 1.675   7.926   5.261   1.000 12.532 ? 103 V8A A C2    1 
HETATM 710 C C1    . V8A G 3 .  ? 2.616   7.907   4.233   1.000 12.840 ? 103 V8A A C1    1 
HETATM 711 O O2    . V8A G 3 .  ? 1.168   9.303   -0.939  1.000 14.294 ? 103 V8A A O2    1 
HETATM 712 O O1    . V8A G 3 .  ? -3.658  9.258   4.307   1.000 15.345 ? 103 V8A A O1    1 
HETATM 713 N N1    . V8A G 3 .  ? 2.774   8.632   0.591   1.000 12.429 ? 103 V8A A N1    1 
HETATM 714 O O34   . V8A G 3 .  ? 6.069   5.819   12.725  1.000 36.512 ? 103 V8A A O34   1 
HETATM 715 O O85   . V8A G 3 .  ? 4.896   15.256  0.256   1.000 19.501 ? 103 V8A A O85   1 
HETATM 716 C C25   . V8A G 3 .  ? 3.550   7.361   6.798   1.000 13.804 ? 103 V8A A C25   1 
HETATM 717 C C26   . V8A G 3 .  ? 3.604   6.902   8.307   1.000 17.866 ? 103 V8A A C26   1 
HETATM 718 C C27   . V8A G 3 .  ? 5.084   6.587   8.791   1.000 22.179 ? 103 V8A A C27   1 
HETATM 719 C C32   . V8A G 3 .  ? 4.630   6.878   11.015  1.000 30.131 ? 103 V8A A C32   1 
HETATM 720 C C33   . V8A G 3 .  ? 4.842   6.464   12.502  1.000 34.811 ? 103 V8A A C33   1 
HETATM 721 C C35   . V8A G 3 .  ? 6.423   4.882   11.760  1.000 32.949 ? 103 V8A A C35   1 
HETATM 722 C C36   . V8A G 3 .  ? 6.334   5.478   10.318  1.000 31.515 ? 103 V8A A C36   1 
HETATM 723 C C56   . V8A G 3 .  ? -3.631  9.761   7.421   1.000 17.776 ? 103 V8A A C56   1 
HETATM 724 C C57   . V8A G 3 .  ? -2.513  10.679  7.970   1.000 18.719 ? 103 V8A A C57   1 
HETATM 725 C C59   . V8A G 3 .  ? -2.231  12.986  8.321   1.000 22.836 ? 103 V8A A C59   1 
HETATM 726 C C60   . V8A G 3 .  ? -2.890  14.199  9.038   1.000 23.056 ? 103 V8A A C60   1 
HETATM 727 C C62   . V8A G 3 .  ? -3.749  12.729  10.728  1.000 27.485 ? 103 V8A A C62   1 
HETATM 728 C C63   . V8A G 3 .  ? -3.256  11.582  9.836   1.000 23.038 ? 103 V8A A C63   1 
HETATM 729 C C80   . V8A G 3 .  ? 4.572   10.141  -0.333  1.000 15.114 ? 103 V8A A C80   1 
HETATM 730 C C81   . V8A G 3 .  ? 3.679   11.428  -0.669  1.000 16.561 ? 103 V8A A C81   1 
HETATM 731 C C83   . V8A G 3 .  ? 5.051   12.892  0.595   1.000 17.082 ? 103 V8A A C83   1 
HETATM 732 C C84   . V8A G 3 .  ? 5.811   14.277  0.667   1.000 17.995 ? 103 V8A A C84   1 
HETATM 733 C C86   . V8A G 3 .  ? 4.174   15.032  -0.917  1.000 18.694 ? 103 V8A A C86   1 
HETATM 734 C C87   . V8A G 3 .  ? 3.541   13.650  -1.140  1.000 19.699 ? 103 V8A A C87   1 
HETATM 735 N N31   . V8A G 3 .  ? 5.057   5.982   10.025  1.000 26.461 ? 103 V8A A N31   1 
HETATM 736 N N58   . V8A G 3 .  ? -3.041  11.865  8.480   1.000 19.970 ? 103 V8A A N58   1 
HETATM 737 N N6    . V8A G 3 .  ? 2.122   7.579   6.525   1.000 13.926 ? 103 V8A A N6    1 
HETATM 738 N N82   . V8A G 3 .  ? 4.363   12.635  -0.614  1.000 16.935 ? 103 V8A A N82   1 
HETATM 739 O O61   . V8A G 3 .  ? -3.167  13.915  10.344  1.000 23.054 ? 103 V8A A O61   1 
HETATM 740 C C118  . V8A G 3 .  ? -2.697  10.213  -0.489  1.000 16.347 ? 103 V8A A C118  1 
HETATM 741 C C120  . V8A G 3 .  ? -2.796  10.397  -2.042  1.000 18.979 ? 103 V8A A C120  1 
HETATM 742 C C121  . V8A G 3 .  ? -2.427  11.856  -2.519  1.000 28.755 ? 103 V8A A C121  1 
HETATM 743 C C140  . V8A G 3 .  ? -1.355  13.086  -4.060  1.000 35.436 ? 103 V8A A C140  1 
HETATM 744 C C141  . V8A G 3 .  ? 0.043   13.296  -4.730  1.000 37.386 ? 103 V8A A C141  1 
HETATM 745 C C143  . V8A G 3 .  ? 0.846   11.189  -4.032  1.000 41.189 ? 103 V8A A C143  1 
HETATM 746 C C144  . V8A G 3 .  ? -0.282  11.279  -2.970  1.000 36.152 ? 103 V8A A C144  1 
HETATM 747 N N139  . V8A G 3 .  ? -1.506  11.834  -3.438  1.000 36.031 ? 103 V8A A N139  1 
HETATM 748 O O142  . V8A G 3 .  ? 0.762   12.135  -5.068  1.000 41.735 ? 103 V8A A O142  1 
HETATM 749 O O     . HOH H 4 .  ? 8.248   -0.667  2.780   1.000 21.607 ? 201 HOH B O     1 
HETATM 750 O O     . HOH H 4 .  ? 10.895  8.948   -6.081  1.000 27.283 ? 202 HOH B O     1 
HETATM 751 O O     . HOH H 4 .  ? 11.367  -1.958  5.368   1.000 33.873 ? 203 HOH B O     1 
HETATM 752 O O     . HOH H 4 .  ? 1.665   -4.200  11.104  1.000 27.417 ? 204 HOH B O     1 
HETATM 753 O O     . HOH H 4 .  ? 10.403  6.907   1.726   1.000 14.991 ? 205 HOH B O     1 
HETATM 754 O O     . HOH H 4 .  ? 11.904  5.942   -6.776  1.000 29.008 ? 206 HOH B O     1 
HETATM 755 O O     . HOH H 4 .  ? 5.115   10.353  -3.649  1.000 17.387 ? 207 HOH B O     1 
HETATM 756 O O     . HOH H 4 .  ? 14.511  0.139   3.407   1.000 40.703 ? 208 HOH B O     1 
HETATM 757 O O     . HOH H 4 .  ? 2.797   -5.246  -9.365  1.000 22.572 ? 209 HOH B O     1 
HETATM 758 O O     . HOH H 4 .  ? 8.819   7.006   5.480   1.000 29.991 ? 210 HOH B O     1 
HETATM 759 O O     . HOH H 4 .  ? -0.230  -6.846  -14.478 1.000 26.495 ? 211 HOH B O     1 
HETATM 760 O O     . HOH H 4 .  ? 8.737   1.244   0.158   1.000 21.957 ? 212 HOH B O     1 
HETATM 761 O O     . HOH H 4 .  ? 7.771   16.212  -13.687 1.000 33.032 ? 213 HOH B O     1 
HETATM 762 O O     . HOH H 4 .  ? 1.548   1.891   -14.121 1.000 24.779 ? 214 HOH B O     1 
HETATM 763 O O     . HOH H 4 .  ? 5.048   -5.976  -7.664  1.000 19.434 ? 215 HOH B O     1 
HETATM 764 O O     . HOH H 4 .  ? 15.266  6.785   1.786   1.000 17.547 ? 216 HOH B O     1 
HETATM 765 O O     . HOH H 4 .  ? 5.811   -7.797  2.377   1.000 19.969 ? 217 HOH B O     1 
HETATM 766 O O     . HOH H 4 .  ? 4.129   -12.803 -9.595  1.000 18.392 ? 218 HOH B O     1 
HETATM 767 O O     . HOH H 4 .  ? 6.962   -3.338  -6.715  1.000 25.368 ? 219 HOH B O     1 
HETATM 768 O O     . HOH H 4 .  ? 3.956   -14.261 -3.662  1.000 19.692 ? 220 HOH B O     1 
HETATM 769 O O     . HOH H 4 .  ? 7.203   3.446   -10.035 1.000 32.540 ? 221 HOH B O     1 
HETATM 770 O O     . HOH H 4 .  ? 10.717  -7.963  -10.896 1.000 26.248 ? 222 HOH B O     1 
HETATM 771 O O     . HOH H 4 .  ? 9.642   5.980   -0.738  1.000 17.986 ? 223 HOH B O     1 
HETATM 772 O O     . HOH H 4 .  ? -1.776  -0.421  -15.720 1.000 28.605 ? 224 HOH B O     1 
HETATM 773 O O     . HOH H 4 .  ? -1.497  2.750   -7.881  1.000 20.587 ? 225 HOH B O     1 
HETATM 774 O O     . HOH H 4 .  ? 10.640  6.939   -3.207  1.000 19.063 ? 226 HOH B O     1 
HETATM 775 O O     . HOH H 4 .  ? 1.732   5.939   -8.875  1.000 23.293 ? 227 HOH B O     1 
HETATM 776 O O     . HOH H 4 .  ? 11.751  -7.382  4.146   1.000 37.412 ? 228 HOH B O     1 
HETATM 777 O O     . HOH H 4 .  ? 7.150   -1.663  -4.788  1.000 25.649 ? 229 HOH B O     1 
HETATM 778 O O     . HOH H 4 .  ? 2.851   3.671   -7.684  1.000 19.342 ? 230 HOH B O     1 
HETATM 779 O O     . HOH H 4 .  ? 10.431  -4.895  -12.975 1.000 27.720 ? 231 HOH B O     1 
HETATM 780 O O     . HOH H 4 .  ? -3.515  -1.648  -12.390 1.000 32.007 ? 232 HOH B O     1 
HETATM 781 O O     . HOH H 4 .  ? 3.376   -13.206 -5.847  1.000 21.223 ? 233 HOH B O     1 
HETATM 782 O O     . HOH H 4 .  ? 4.682   3.028   8.743   1.000 30.876 ? 234 HOH B O     1 
HETATM 783 O O     . HOH H 4 .  ? 14.184  3.977   5.846   1.000 39.195 ? 235 HOH B O     1 
HETATM 784 O O     . HOH H 4 .  ? 3.603   -4.836  15.116  1.000 40.694 ? 236 HOH B O     1 
HETATM 785 O O     . HOH H 4 .  ? 11.782  -0.025  -0.747  1.000 29.310 ? 237 HOH B O     1 
HETATM 786 O O     . HOH H 4 .  ? 8.686   -3.996  -15.151 1.000 29.834 ? 238 HOH B O     1 
HETATM 787 O O     . HOH H 4 .  ? 10.554  -1.050  1.482   1.000 32.481 ? 239 HOH B O     1 
HETATM 788 O O     . HOH H 4 .  ? 20.464  -0.043  -3.803  1.000 40.307 ? 240 HOH B O     1 
HETATM 789 O O     . HOH H 4 .  ? 12.683  -2.164  3.118   1.000 30.239 ? 241 HOH B O     1 
HETATM 790 O O     . HOH H 4 .  ? 7.480   -5.879  -6.760  1.000 27.897 ? 242 HOH B O     1 
HETATM 791 O O     . HOH H 4 .  ? -5.437  -3.940  -9.066  1.000 30.620 ? 243 HOH B O     1 
HETATM 792 O O     . HOH H 4 .  ? 1.504   0.105   13.917  1.000 48.428 ? 244 HOH B O     1 
HETATM 793 O O     . HOH I 4 .  ? -5.424  8.079   11.851  1.000 25.931 ? 201 HOH A O     1 
HETATM 794 O O     . HOH I 4 .  ? -8.077  -3.439  -4.915  1.000 18.392 ? 202 HOH A O     1 
HETATM 795 O O     . HOH I 4 .  ? -13.547 0.762   -2.017  1.000 24.574 ? 203 HOH A O     1 
HETATM 796 O O     . HOH I 4 .  ? -7.781  -4.701  4.721   1.000 23.453 ? 204 HOH A O     1 
HETATM 797 O O     . HOH I 4 .  ? -8.825  8.831   4.032   1.000 29.219 ? 205 HOH A O     1 
HETATM 798 O O     . HOH I 4 .  ? -9.148  6.075   9.349   1.000 29.291 ? 206 HOH A O     1 
HETATM 799 O O     . HOH I 4 .  ? -8.339  0.590   1.873   1.000 23.927 ? 207 HOH A O     1 
HETATM 800 O O     . HOH I 4 .  ? -2.570  9.048   -5.647  1.000 33.701 ? 208 HOH A O     1 
HETATM 801 O O     . HOH I 4 .  ? -1.182  -9.482  9.294   1.000 32.863 ? 209 HOH A O     1 
HETATM 802 O O     . HOH I 4 .  ? -6.190  9.523   3.463   1.000 15.611 ? 210 HOH A O     1 
HETATM 803 O O     . HOH I 4 .  ? -11.572 -5.469  2.212   1.000 27.109 ? 211 HOH A O     1 
HETATM 804 O O     . HOH I 4 .  ? -1.116  -9.169  5.147   1.000 32.335 ? 212 HOH A O     1 
HETATM 805 O O     . HOH I 4 .  ? 1.386   -1.024  7.827   1.000 21.332 ? 213 HOH A O     1 
HETATM 806 O O     . HOH I 4 .  ? -13.416 -0.163  -6.058  1.000 32.848 ? 214 HOH A O     1 
HETATM 807 O O     . HOH I 4 .  ? -6.056  6.813   5.166   1.000 17.312 ? 215 HOH A O     1 
HETATM 808 O O     . HOH I 4 .  ? 1.206   19.141  6.439   1.000 29.779 ? 216 HOH A O     1 
HETATM 809 O O     . HOH I 4 .  ? 0.845   -1.022  11.430  1.000 35.497 ? 217 HOH A O     1 
HETATM 810 O O     . HOH I 4 .  ? -7.154  5.129   2.389   1.000 16.822 ? 218 HOH A O     1 
HETATM 811 O O     . HOH I 4 .  ? -10.426 6.363   -5.801  1.000 34.178 ? 219 HOH A O     1 
HETATM 812 O O     . HOH I 4 .  ? -12.985 -7.382  1.021   1.000 24.521 ? 220 HOH A O     1 
HETATM 813 O O     . HOH I 4 .  ? -18.813 -6.472  9.455   1.000 21.485 ? 221 HOH A O     1 
HETATM 814 O O     . HOH I 4 .  ? -0.588  -4.802  12.455  1.000 24.282 ? 222 HOH A O     1 
HETATM 815 O O     . HOH I 4 .  ? -1.931  0.707   8.312   1.000 20.141 ? 223 HOH A O     1 
HETATM 816 O O     . HOH I 4 .  ? -5.877  12.174  -0.938  1.000 29.060 ? 224 HOH A O     1 
HETATM 817 O O     . HOH I 4 .  ? -9.409  -5.920  -5.412  1.000 23.524 ? 225 HOH A O     1 
HETATM 818 O O     . HOH I 4 .  ? -12.244 2.308   6.550   1.000 30.278 ? 226 HOH A O     1 
HETATM 819 O O     . HOH I 4 .  ? -10.329 -3.717  5.483   1.000 29.774 ? 227 HOH A O     1 
HETATM 820 O O     . HOH I 4 .  ? -11.057 -10.838 -1.639  1.000 27.260 ? 228 HOH A O     1 
HETATM 821 O O     . HOH I 4 .  ? -3.386  -5.670  -7.892  1.000 19.254 ? 229 HOH A O     1 
HETATM 822 O O     . HOH I 4 .  ? -7.432  -2.884  -7.498  1.000 25.385 ? 230 HOH A O     1 
HETATM 823 O O     . HOH I 4 .  ? 2.835   -7.954  -10.121 1.000 26.684 ? 231 HOH A O     1 
HETATM 824 O O     . HOH I 4 .  ? -1.871  5.548   -7.832  1.000 27.505 ? 232 HOH A O     1 
HETATM 825 O O     . HOH I 4 .  ? -7.682  4.118   -2.146  1.000 25.693 ? 233 HOH A O     1 
HETATM 826 O O     . HOH I 4 .  ? 3.590   -3.503  6.744   1.000 17.851 ? 234 HOH A O     1 
HETATM 827 O O     . HOH I 4 .  ? -11.522 1.139   -0.220  1.000 24.763 ? 235 HOH A O     1 
HETATM 828 O O     . HOH I 4 .  ? -4.602  0.999   -7.466  1.000 19.337 ? 236 HOH A O     1 
HETATM 829 O O     . HOH I 4 .  ? -11.583 -3.414  -6.397  1.000 29.544 ? 237 HOH A O     1 
HETATM 830 O O     . HOH I 4 .  ? -7.155  8.847   7.840   1.000 26.067 ? 238 HOH A O     1 
HETATM 831 O O     . HOH I 4 .  ? -6.941  -11.868 3.119   1.000 29.420 ? 239 HOH A O     1 
HETATM 832 O O     . HOH I 4 .  ? -17.578 2.208   -2.417  1.000 29.006 ? 240 HOH A O     1 
HETATM 833 O O     . HOH I 4 .  ? 5.201   13.803  13.165  1.000 37.113 ? 241 HOH A O     1 
HETATM 834 O O     . HOH I 4 .  ? -12.379 -9.169  -4.815  1.000 35.320 ? 242 HOH A O     1 
HETATM 835 O O     . HOH I 4 .  ? -7.486  -0.516  4.268   1.000 26.221 ? 243 HOH A O     1 
HETATM 836 O O     . HOH I 4 .  ? -8.786  -11.388 12.112  1.000 47.060 ? 244 HOH A O     1 
HETATM 837 O O     . HOH I 4 .  ? -9.573  8.575   7.144   1.000 42.031 ? 245 HOH A O     1 
HETATM 838 O O     . HOH I 4 .  ? -1.586  -12.156 3.256   1.000 28.281 ? 246 HOH A O     1 
HETATM 839 O O     . HOH I 4 .  ? -11.464 -7.600  12.922  1.000 35.999 ? 247 HOH A O     1 
HETATM 840 O O     . HOH I 4 .  ? -14.353 9.432   0.161   1.000 40.415 ? 248 HOH A O     1 
HETATM 841 O O     . HOH I 4 .  ? -0.743  1.274   10.759  1.000 27.697 ? 249 HOH A O     1 
HETATM 842 O O     . HOH I 4 .  ? -7.989  3.061   1.040   1.000 22.971 ? 250 HOH A O     1 
HETATM 843 O O     . HOH I 4 .  ? 2.431   1.737   8.738   1.000 33.100 ? 251 HOH A O     1 
HETATM 844 O O     . HOH I 4 .  ? -1.690  5.272   14.308  1.000 41.075 ? 252 HOH A O     1 
HETATM 845 O O     . HOH I 4 .  ? -13.608 -9.739  1.997   1.000 26.715 ? 253 HOH A O     1 
# 
